data_7NAE
# 
_entry.id   7NAE 
# 
_audit_conform.dict_name       mmcif_pdbx.dic 
_audit_conform.dict_version    5.380 
_audit_conform.dict_location   http://mmcif.pdb.org/dictionaries/ascii/mmcif_pdbx.dic 
# 
loop_
_database_2.database_id 
_database_2.database_code 
_database_2.pdbx_database_accession 
_database_2.pdbx_DOI 
PDB   7NAE         pdb_00007nae 10.2210/pdb7nae/pdb 
WWPDB D_1000257035 ?            ?                   
# 
_pdbx_database_status.status_code                     REL 
_pdbx_database_status.status_code_sf                  REL 
_pdbx_database_status.status_code_mr                  ? 
_pdbx_database_status.entry_id                        7NAE 
_pdbx_database_status.recvd_initial_deposition_date   2021-06-21 
_pdbx_database_status.SG_entry                        N 
_pdbx_database_status.deposit_site                    RCSB 
_pdbx_database_status.process_site                    RCSB 
_pdbx_database_status.status_code_cs                  ? 
_pdbx_database_status.status_code_nmr_data            ? 
_pdbx_database_status.methods_development_category    ? 
_pdbx_database_status.pdb_format_compatible           Y 
# 
loop_
_audit_author.name 
_audit_author.pdbx_ordinal 
_audit_author.identifier_ORCID 
'Estrada, A.'   1 ?                   
'Wright, D.'    2 0000-0003-4634-3351 
'Krucinska, J.' 3 0000-0002-3787-7194 
'Erlandsen, H.' 4 0000-0002-0716-5460 
# 
_citation.abstract                  ? 
_citation.abstract_id_CAS           ? 
_citation.book_id_ISBN              ? 
_citation.book_publisher            ? 
_citation.book_publisher_city       ? 
_citation.book_title                ? 
_citation.coordinate_linkage        ? 
_citation.country                   UK 
_citation.database_id_Medline       ? 
_citation.details                   ? 
_citation.id                        primary 
_citation.journal_abbrev            'Commun Biol' 
_citation.journal_id_ASTM           ? 
_citation.journal_id_CSD            ? 
_citation.journal_id_ISSN           2399-3642 
_citation.journal_full              ? 
_citation.journal_issue             ? 
_citation.journal_volume            5 
_citation.language                  ? 
_citation.page_first                459 
_citation.page_last                 459 
_citation.title                     
;Structure-guided functional studies of plasmid-encoded dihydrofolate reductases reveal a common mechanism of trimethoprim resistance in Gram-negative pathogens.
;
_citation.year                      2022 
_citation.database_id_CSD           ? 
_citation.pdbx_database_id_DOI      10.1038/s42003-022-03384-y 
_citation.pdbx_database_id_PubMed   35562546 
_citation.pdbx_database_id_patent   ? 
_citation.unpublished_flag          ? 
# 
loop_
_citation_author.citation_id 
_citation_author.name 
_citation_author.ordinal 
_citation_author.identifier_ORCID 
primary 'Krucinska, J.'   1 0000-0002-3787-7194 
primary 'Lombardo, M.N.'  2 ?                   
primary 'Erlandsen, H.'   3 0000-0002-0716-5460 
primary 'Estrada, A.'     4 0000-0001-6698-0708 
primary 'Si, D.'          5 ?                   
primary 'Viswanathan, K.' 6 ?                   
primary 'Wright, D.L.'    7 0000-0003-4634-3351 
# 
_cell.angle_alpha                  90.000 
_cell.angle_alpha_esd              ? 
_cell.angle_beta                   90.000 
_cell.angle_beta_esd               ? 
_cell.angle_gamma                  120.000 
_cell.angle_gamma_esd              ? 
_cell.entry_id                     7NAE 
_cell.details                      ? 
_cell.formula_units_Z              ? 
_cell.length_a                     65.542 
_cell.length_a_esd                 ? 
_cell.length_b                     65.542 
_cell.length_b_esd                 ? 
_cell.length_c                     216.077 
_cell.length_c_esd                 ? 
_cell.volume                       ? 
_cell.volume_esd                   ? 
_cell.Z_PDB                        12 
_cell.reciprocal_angle_alpha       ? 
_cell.reciprocal_angle_beta        ? 
_cell.reciprocal_angle_gamma       ? 
_cell.reciprocal_angle_alpha_esd   ? 
_cell.reciprocal_angle_beta_esd    ? 
_cell.reciprocal_angle_gamma_esd   ? 
_cell.reciprocal_length_a          ? 
_cell.reciprocal_length_b          ? 
_cell.reciprocal_length_c          ? 
_cell.reciprocal_length_a_esd      ? 
_cell.reciprocal_length_b_esd      ? 
_cell.reciprocal_length_c_esd      ? 
_cell.pdbx_unique_axis             ? 
# 
_symmetry.entry_id                         7NAE 
_symmetry.cell_setting                     ? 
_symmetry.Int_Tables_number                178 
_symmetry.space_group_name_Hall            ? 
_symmetry.space_group_name_H-M             'P 61 2 2' 
_symmetry.pdbx_full_space_group_name_H-M   ? 
# 
loop_
_entity.id 
_entity.type 
_entity.src_method 
_entity.pdbx_description 
_entity.formula_weight 
_entity.pdbx_number_of_molecules 
_entity.pdbx_ec 
_entity.pdbx_mutation 
_entity.pdbx_fragment 
_entity.details 
1 polymer     man 'Dihydrofolate reductase' 19366.789 1  1.5.1.3 ? ? ? 
2 non-polymer syn TRIMETHOPRIM              290.318   1  ?       ? ? ? 
3 non-polymer syn 'SULFATE ION'             96.063    5  ?       ? ? ? 
4 water       nat water                     18.015    35 ?       ? ? ? 
# 
_entity_poly.entity_id                      1 
_entity_poly.type                           'polypeptide(L)' 
_entity_poly.nstd_linkage                   no 
_entity_poly.nstd_monomer                   no 
_entity_poly.pdbx_seq_one_letter_code       
;MISLIAALAVDRVIGMENAMPWNLPADLAWFKRNTLNKPVIMGRHTWESIGRPLPGRKNIILSSQPGTDDRVTWVKSVDE
AIAACGDVPEIMVIGGGRVYEQFLPKAQKLYLTHIDAEVEGDTHFPDYEPDDWESVFSEFHDADAQNSHSYCFEILERRL
EHHHHHHHH
;
_entity_poly.pdbx_seq_one_letter_code_can   
;MISLIAALAVDRVIGMENAMPWNLPADLAWFKRNTLNKPVIMGRHTWESIGRPLPGRKNIILSSQPGTDDRVTWVKSVDE
AIAACGDVPEIMVIGGGRVYEQFLPKAQKLYLTHIDAEVEGDTHFPDYEPDDWESVFSEFHDADAQNSHSYCFEILERRL
EHHHHHHHH
;
_entity_poly.pdbx_strand_id                 A 
_entity_poly.pdbx_target_identifier         ? 
# 
loop_
_entity_poly_seq.entity_id 
_entity_poly_seq.num 
_entity_poly_seq.mon_id 
_entity_poly_seq.hetero 
1 1   MET n 
1 2   ILE n 
1 3   SER n 
1 4   LEU n 
1 5   ILE n 
1 6   ALA n 
1 7   ALA n 
1 8   LEU n 
1 9   ALA n 
1 10  VAL n 
1 11  ASP n 
1 12  ARG n 
1 13  VAL n 
1 14  ILE n 
1 15  GLY n 
1 16  MET n 
1 17  GLU n 
1 18  ASN n 
1 19  ALA n 
1 20  MET n 
1 21  PRO n 
1 22  TRP n 
1 23  ASN n 
1 24  LEU n 
1 25  PRO n 
1 26  ALA n 
1 27  ASP n 
1 28  LEU n 
1 29  ALA n 
1 30  TRP n 
1 31  PHE n 
1 32  LYS n 
1 33  ARG n 
1 34  ASN n 
1 35  THR n 
1 36  LEU n 
1 37  ASN n 
1 38  LYS n 
1 39  PRO n 
1 40  VAL n 
1 41  ILE n 
1 42  MET n 
1 43  GLY n 
1 44  ARG n 
1 45  HIS n 
1 46  THR n 
1 47  TRP n 
1 48  GLU n 
1 49  SER n 
1 50  ILE n 
1 51  GLY n 
1 52  ARG n 
1 53  PRO n 
1 54  LEU n 
1 55  PRO n 
1 56  GLY n 
1 57  ARG n 
1 58  LYS n 
1 59  ASN n 
1 60  ILE n 
1 61  ILE n 
1 62  LEU n 
1 63  SER n 
1 64  SER n 
1 65  GLN n 
1 66  PRO n 
1 67  GLY n 
1 68  THR n 
1 69  ASP n 
1 70  ASP n 
1 71  ARG n 
1 72  VAL n 
1 73  THR n 
1 74  TRP n 
1 75  VAL n 
1 76  LYS n 
1 77  SER n 
1 78  VAL n 
1 79  ASP n 
1 80  GLU n 
1 81  ALA n 
1 82  ILE n 
1 83  ALA n 
1 84  ALA n 
1 85  CYS n 
1 86  GLY n 
1 87  ASP n 
1 88  VAL n 
1 89  PRO n 
1 90  GLU n 
1 91  ILE n 
1 92  MET n 
1 93  VAL n 
1 94  ILE n 
1 95  GLY n 
1 96  GLY n 
1 97  GLY n 
1 98  ARG n 
1 99  VAL n 
1 100 TYR n 
1 101 GLU n 
1 102 GLN n 
1 103 PHE n 
1 104 LEU n 
1 105 PRO n 
1 106 LYS n 
1 107 ALA n 
1 108 GLN n 
1 109 LYS n 
1 110 LEU n 
1 111 TYR n 
1 112 LEU n 
1 113 THR n 
1 114 HIS n 
1 115 ILE n 
1 116 ASP n 
1 117 ALA n 
1 118 GLU n 
1 119 VAL n 
1 120 GLU n 
1 121 GLY n 
1 122 ASP n 
1 123 THR n 
1 124 HIS n 
1 125 PHE n 
1 126 PRO n 
1 127 ASP n 
1 128 TYR n 
1 129 GLU n 
1 130 PRO n 
1 131 ASP n 
1 132 ASP n 
1 133 TRP n 
1 134 GLU n 
1 135 SER n 
1 136 VAL n 
1 137 PHE n 
1 138 SER n 
1 139 GLU n 
1 140 PHE n 
1 141 HIS n 
1 142 ASP n 
1 143 ALA n 
1 144 ASP n 
1 145 ALA n 
1 146 GLN n 
1 147 ASN n 
1 148 SER n 
1 149 HIS n 
1 150 SER n 
1 151 TYR n 
1 152 CYS n 
1 153 PHE n 
1 154 GLU n 
1 155 ILE n 
1 156 LEU n 
1 157 GLU n 
1 158 ARG n 
1 159 ARG n 
1 160 LEU n 
1 161 GLU n 
1 162 HIS n 
1 163 HIS n 
1 164 HIS n 
1 165 HIS n 
1 166 HIS n 
1 167 HIS n 
1 168 HIS n 
1 169 HIS n 
# 
_entity_src_gen.entity_id                          1 
_entity_src_gen.pdbx_src_id                        1 
_entity_src_gen.pdbx_alt_source_flag               sample 
_entity_src_gen.pdbx_seq_type                      'Biological sequence' 
_entity_src_gen.pdbx_beg_seq_num                   1 
_entity_src_gen.pdbx_end_seq_num                   169 
_entity_src_gen.gene_src_common_name               ? 
_entity_src_gen.gene_src_genus                     ? 
_entity_src_gen.pdbx_gene_src_gene                 'folA, tmrA, b0048, JW0047' 
_entity_src_gen.gene_src_species                   ? 
_entity_src_gen.gene_src_strain                    K12 
_entity_src_gen.gene_src_tissue                    ? 
_entity_src_gen.gene_src_tissue_fraction           ? 
_entity_src_gen.gene_src_details                   ? 
_entity_src_gen.pdbx_gene_src_fragment             ? 
_entity_src_gen.pdbx_gene_src_scientific_name      'Escherichia coli (strain K12)' 
_entity_src_gen.pdbx_gene_src_ncbi_taxonomy_id     83333 
_entity_src_gen.pdbx_gene_src_variant              ? 
_entity_src_gen.pdbx_gene_src_cell_line            ? 
_entity_src_gen.pdbx_gene_src_atcc                 ? 
_entity_src_gen.pdbx_gene_src_organ                ? 
_entity_src_gen.pdbx_gene_src_organelle            ? 
_entity_src_gen.pdbx_gene_src_cell                 ? 
_entity_src_gen.pdbx_gene_src_cellular_location    ? 
_entity_src_gen.host_org_common_name               ? 
_entity_src_gen.pdbx_host_org_scientific_name      'Escherichia coli' 
_entity_src_gen.pdbx_host_org_ncbi_taxonomy_id     562 
_entity_src_gen.host_org_genus                     ? 
_entity_src_gen.pdbx_host_org_gene                 ? 
_entity_src_gen.pdbx_host_org_organ                ? 
_entity_src_gen.host_org_species                   ? 
_entity_src_gen.pdbx_host_org_tissue               ? 
_entity_src_gen.pdbx_host_org_tissue_fraction      ? 
_entity_src_gen.pdbx_host_org_strain               ? 
_entity_src_gen.pdbx_host_org_variant              ? 
_entity_src_gen.pdbx_host_org_cell_line            ? 
_entity_src_gen.pdbx_host_org_atcc                 ? 
_entity_src_gen.pdbx_host_org_culture_collection   ? 
_entity_src_gen.pdbx_host_org_cell                 ? 
_entity_src_gen.pdbx_host_org_organelle            ? 
_entity_src_gen.pdbx_host_org_cellular_location    ? 
_entity_src_gen.pdbx_host_org_vector_type          'pET-41a (+)' 
_entity_src_gen.pdbx_host_org_vector               ? 
_entity_src_gen.host_org_details                   ? 
_entity_src_gen.expression_system_id               ? 
_entity_src_gen.plasmid_name                       ? 
_entity_src_gen.plasmid_details                    ? 
_entity_src_gen.pdbx_description                   ? 
# 
_struct_ref.id                         1 
_struct_ref.db_name                    UNP 
_struct_ref.db_code                    DYR_ECOLI 
_struct_ref.pdbx_db_accession          P0ABQ4 
_struct_ref.pdbx_db_isoform            ? 
_struct_ref.entity_id                  1 
_struct_ref.pdbx_seq_one_letter_code   
;MISLIAALAVDRVIGMENAMPWNLPADLAWFKRNTLNKPVIMGRHTWESIGRPLPGRKNIILSSQPGTDDRVTWVKSVDE
AIAACGDVPEIMVIGGGRVYEQFLPKAQKLYLTHIDAEVEGDTHFPDYEPDDWESVFSEFHDADAQNSHSYCFEILERR
;
_struct_ref.pdbx_align_begin           1 
# 
_struct_ref_seq.align_id                      1 
_struct_ref_seq.ref_id                        1 
_struct_ref_seq.pdbx_PDB_id_code              7NAE 
_struct_ref_seq.pdbx_strand_id                A 
_struct_ref_seq.seq_align_beg                 1 
_struct_ref_seq.pdbx_seq_align_beg_ins_code   ? 
_struct_ref_seq.seq_align_end                 159 
_struct_ref_seq.pdbx_seq_align_end_ins_code   ? 
_struct_ref_seq.pdbx_db_accession             P0ABQ4 
_struct_ref_seq.db_align_beg                  1 
_struct_ref_seq.pdbx_db_align_beg_ins_code    ? 
_struct_ref_seq.db_align_end                  159 
_struct_ref_seq.pdbx_db_align_end_ins_code    ? 
_struct_ref_seq.pdbx_auth_seq_align_beg       1 
_struct_ref_seq.pdbx_auth_seq_align_end       159 
# 
loop_
_struct_ref_seq_dif.align_id 
_struct_ref_seq_dif.pdbx_pdb_id_code 
_struct_ref_seq_dif.mon_id 
_struct_ref_seq_dif.pdbx_pdb_strand_id 
_struct_ref_seq_dif.seq_num 
_struct_ref_seq_dif.pdbx_pdb_ins_code 
_struct_ref_seq_dif.pdbx_seq_db_name 
_struct_ref_seq_dif.pdbx_seq_db_accession_code 
_struct_ref_seq_dif.db_mon_id 
_struct_ref_seq_dif.pdbx_seq_db_seq_num 
_struct_ref_seq_dif.details 
_struct_ref_seq_dif.pdbx_auth_seq_num 
_struct_ref_seq_dif.pdbx_ordinal 
1 7NAE LEU A 160 ? UNP P0ABQ4 ? ? 'expression tag' 160 1  
1 7NAE GLU A 161 ? UNP P0ABQ4 ? ? 'expression tag' 161 2  
1 7NAE HIS A 162 ? UNP P0ABQ4 ? ? 'expression tag' 162 3  
1 7NAE HIS A 163 ? UNP P0ABQ4 ? ? 'expression tag' 163 4  
1 7NAE HIS A 164 ? UNP P0ABQ4 ? ? 'expression tag' 164 5  
1 7NAE HIS A 165 ? UNP P0ABQ4 ? ? 'expression tag' 165 6  
1 7NAE HIS A 166 ? UNP P0ABQ4 ? ? 'expression tag' 166 7  
1 7NAE HIS A 167 ? UNP P0ABQ4 ? ? 'expression tag' 167 8  
1 7NAE HIS A 168 ? UNP P0ABQ4 ? ? 'expression tag' 168 9  
1 7NAE HIS A 169 ? UNP P0ABQ4 ? ? 'expression tag' 169 10 
# 
loop_
_chem_comp.id 
_chem_comp.type 
_chem_comp.mon_nstd_flag 
_chem_comp.name 
_chem_comp.pdbx_synonyms 
_chem_comp.formula 
_chem_comp.formula_weight 
ALA 'L-peptide linking' y ALANINE         ? 'C3 H7 N O2'     89.093  
ARG 'L-peptide linking' y ARGININE        ? 'C6 H15 N4 O2 1' 175.209 
ASN 'L-peptide linking' y ASPARAGINE      ? 'C4 H8 N2 O3'    132.118 
ASP 'L-peptide linking' y 'ASPARTIC ACID' ? 'C4 H7 N O4'     133.103 
CYS 'L-peptide linking' y CYSTEINE        ? 'C3 H7 N O2 S'   121.158 
GLN 'L-peptide linking' y GLUTAMINE       ? 'C5 H10 N2 O3'   146.144 
GLU 'L-peptide linking' y 'GLUTAMIC ACID' ? 'C5 H9 N O4'     147.129 
GLY 'peptide linking'   y GLYCINE         ? 'C2 H5 N O2'     75.067  
HIS 'L-peptide linking' y HISTIDINE       ? 'C6 H10 N3 O2 1' 156.162 
HOH non-polymer         . WATER           ? 'H2 O'           18.015  
ILE 'L-peptide linking' y ISOLEUCINE      ? 'C6 H13 N O2'    131.173 
LEU 'L-peptide linking' y LEUCINE         ? 'C6 H13 N O2'    131.173 
LYS 'L-peptide linking' y LYSINE          ? 'C6 H15 N2 O2 1' 147.195 
MET 'L-peptide linking' y METHIONINE      ? 'C5 H11 N O2 S'  149.211 
PHE 'L-peptide linking' y PHENYLALANINE   ? 'C9 H11 N O2'    165.189 
PRO 'L-peptide linking' y PROLINE         ? 'C5 H9 N O2'     115.130 
SER 'L-peptide linking' y SERINE          ? 'C3 H7 N O3'     105.093 
SO4 non-polymer         . 'SULFATE ION'   ? 'O4 S -2'        96.063  
THR 'L-peptide linking' y THREONINE       ? 'C4 H9 N O3'     119.119 
TOP non-polymer         . TRIMETHOPRIM    ? 'C14 H18 N4 O3'  290.318 
TRP 'L-peptide linking' y TRYPTOPHAN      ? 'C11 H12 N2 O2'  204.225 
TYR 'L-peptide linking' y TYROSINE        ? 'C9 H11 N O3'    181.189 
VAL 'L-peptide linking' y VALINE          ? 'C5 H11 N O2'    117.146 
# 
_exptl.absorpt_coefficient_mu     ? 
_exptl.absorpt_correction_T_max   ? 
_exptl.absorpt_correction_T_min   ? 
_exptl.absorpt_correction_type    ? 
_exptl.absorpt_process_details    ? 
_exptl.entry_id                   7NAE 
_exptl.crystals_number            1 
_exptl.details                    ? 
_exptl.method                     'X-RAY DIFFRACTION' 
_exptl.method_details             ? 
# 
_exptl_crystal.colour                      ? 
_exptl_crystal.density_diffrn              ? 
_exptl_crystal.density_Matthews            3.46 
_exptl_crystal.density_method              ? 
_exptl_crystal.density_percent_sol         64.44 
_exptl_crystal.description                 ? 
_exptl_crystal.F_000                       ? 
_exptl_crystal.id                          1 
_exptl_crystal.preparation                 ? 
_exptl_crystal.size_max                    ? 
_exptl_crystal.size_mid                    ? 
_exptl_crystal.size_min                    ? 
_exptl_crystal.size_rad                    ? 
_exptl_crystal.colour_lustre               ? 
_exptl_crystal.colour_modifier             ? 
_exptl_crystal.colour_primary              ? 
_exptl_crystal.density_meas                ? 
_exptl_crystal.density_meas_esd            ? 
_exptl_crystal.density_meas_gt             ? 
_exptl_crystal.density_meas_lt             ? 
_exptl_crystal.density_meas_temp           ? 
_exptl_crystal.density_meas_temp_esd       ? 
_exptl_crystal.density_meas_temp_gt        ? 
_exptl_crystal.density_meas_temp_lt        ? 
_exptl_crystal.pdbx_crystal_image_url      ? 
_exptl_crystal.pdbx_crystal_image_format   ? 
_exptl_crystal.pdbx_mosaicity              ? 
_exptl_crystal.pdbx_mosaicity_esd          ? 
# 
_exptl_crystal_grow.apparatus       ? 
_exptl_crystal_grow.atmosphere      ? 
_exptl_crystal_grow.crystal_id      1 
_exptl_crystal_grow.details         ? 
_exptl_crystal_grow.method          'VAPOR DIFFUSION, HANGING DROP' 
_exptl_crystal_grow.method_ref      ? 
_exptl_crystal_grow.pH              ? 
_exptl_crystal_grow.pressure        ? 
_exptl_crystal_grow.pressure_esd    ? 
_exptl_crystal_grow.seeding         ? 
_exptl_crystal_grow.seeding_ref     ? 
_exptl_crystal_grow.temp            277.15 
_exptl_crystal_grow.temp_details    ? 
_exptl_crystal_grow.temp_esd        ? 
_exptl_crystal_grow.time            ? 
_exptl_crystal_grow.pdbx_details    '18% to 20% PEG4K or 8K, 0.2M Ammonium Sulfate and 2mM DTT' 
_exptl_crystal_grow.pdbx_pH_range   ? 
# 
_diffrn.ambient_environment              ? 
_diffrn.ambient_temp                     100 
_diffrn.ambient_temp_details             ? 
_diffrn.ambient_temp_esd                 ? 
_diffrn.crystal_id                       1 
_diffrn.crystal_support                  ? 
_diffrn.crystal_treatment                ? 
_diffrn.details                          ? 
_diffrn.id                               1 
_diffrn.ambient_pressure                 ? 
_diffrn.ambient_pressure_esd             ? 
_diffrn.ambient_pressure_gt              ? 
_diffrn.ambient_pressure_lt              ? 
_diffrn.ambient_temp_gt                  ? 
_diffrn.ambient_temp_lt                  ? 
_diffrn.pdbx_serial_crystal_experiment   N 
# 
_diffrn_detector.details                      ? 
_diffrn_detector.detector                     PIXEL 
_diffrn_detector.diffrn_id                    1 
_diffrn_detector.type                         'DECTRIS EIGER X 4M' 
_diffrn_detector.area_resol_mean              ? 
_diffrn_detector.dtime                        ? 
_diffrn_detector.pdbx_frames_total            ? 
_diffrn_detector.pdbx_collection_time_total   ? 
_diffrn_detector.pdbx_collection_date         2020-08-21 
_diffrn_detector.pdbx_frequency               ? 
# 
_diffrn_radiation.collimation                      ? 
_diffrn_radiation.diffrn_id                        1 
_diffrn_radiation.filter_edge                      ? 
_diffrn_radiation.inhomogeneity                    ? 
_diffrn_radiation.monochromator                    ? 
_diffrn_radiation.polarisn_norm                    ? 
_diffrn_radiation.polarisn_ratio                   ? 
_diffrn_radiation.probe                            ? 
_diffrn_radiation.type                             ? 
_diffrn_radiation.xray_symbol                      ? 
_diffrn_radiation.wavelength_id                    1 
_diffrn_radiation.pdbx_monochromatic_or_laue_m_l   M 
_diffrn_radiation.pdbx_wavelength_list             ? 
_diffrn_radiation.pdbx_wavelength                  ? 
_diffrn_radiation.pdbx_diffrn_protocol             'SINGLE WAVELENGTH' 
_diffrn_radiation.pdbx_analyzer                    ? 
_diffrn_radiation.pdbx_scattering_type             x-ray 
# 
_diffrn_radiation_wavelength.id           1 
_diffrn_radiation_wavelength.wavelength   0.9795 
_diffrn_radiation_wavelength.wt           1.0 
# 
_diffrn_source.current                     ? 
_diffrn_source.details                     ? 
_diffrn_source.diffrn_id                   1 
_diffrn_source.power                       ? 
_diffrn_source.size                        ? 
_diffrn_source.source                      SYNCHROTRON 
_diffrn_source.target                      ? 
_diffrn_source.type                        'NSLS-II BEAMLINE 17-ID-1' 
_diffrn_source.voltage                     ? 
_diffrn_source.take-off_angle              ? 
_diffrn_source.pdbx_wavelength_list        0.9795 
_diffrn_source.pdbx_wavelength             ? 
_diffrn_source.pdbx_synchrotron_beamline   17-ID-1 
_diffrn_source.pdbx_synchrotron_site       NSLS-II 
# 
_reflns.B_iso_Wilson_estimate                          ? 
_reflns.entry_id                                       7NAE 
_reflns.data_reduction_details                         ? 
_reflns.data_reduction_method                          ? 
_reflns.d_resolution_high                              2.35 
_reflns.d_resolution_low                               56.83 
_reflns.details                                        ? 
_reflns.limit_h_max                                    ? 
_reflns.limit_h_min                                    ? 
_reflns.limit_k_max                                    ? 
_reflns.limit_k_min                                    ? 
_reflns.limit_l_max                                    ? 
_reflns.limit_l_min                                    ? 
_reflns.number_all                                     ? 
_reflns.number_obs                                     11767 
_reflns.observed_criterion                             ? 
_reflns.observed_criterion_F_max                       ? 
_reflns.observed_criterion_F_min                       ? 
_reflns.observed_criterion_I_max                       ? 
_reflns.observed_criterion_I_min                       ? 
_reflns.observed_criterion_sigma_F                     ? 
_reflns.observed_criterion_sigma_I                     ? 
_reflns.percent_possible_obs                           96.1 
_reflns.R_free_details                                 ? 
_reflns.Rmerge_F_all                                   ? 
_reflns.Rmerge_F_obs                                   ? 
_reflns.Friedel_coverage                               ? 
_reflns.number_gt                                      ? 
_reflns.threshold_expression                           ? 
_reflns.pdbx_redundancy                                1.8 
_reflns.pdbx_Rmerge_I_obs                              0.014 
_reflns.pdbx_Rmerge_I_all                              ? 
_reflns.pdbx_Rsym_value                                ? 
_reflns.pdbx_netI_over_av_sigmaI                       ? 
_reflns.pdbx_netI_over_sigmaI                          30.2 
_reflns.pdbx_res_netI_over_av_sigmaI_2                 ? 
_reflns.pdbx_res_netI_over_sigmaI_2                    ? 
_reflns.pdbx_chi_squared                               ? 
_reflns.pdbx_scaling_rejects                           ? 
_reflns.pdbx_d_res_high_opt                            ? 
_reflns.pdbx_d_res_low_opt                             ? 
_reflns.pdbx_d_res_opt_method                          ? 
_reflns.phase_calculation_details                      ? 
_reflns.pdbx_Rrim_I_all                                0.020 
_reflns.pdbx_Rpim_I_all                                0.014 
_reflns.pdbx_d_opt                                     ? 
_reflns.pdbx_number_measured_all                       ? 
_reflns.pdbx_diffrn_id                                 1 
_reflns.pdbx_ordinal                                   1 
_reflns.pdbx_CC_half                                   1.00 
_reflns.pdbx_CC_star                                   ? 
_reflns.pdbx_R_split                                   ? 
_reflns.pdbx_aniso_diffraction_limit_axis_1_ortho[1]   ? 
_reflns.pdbx_aniso_diffraction_limit_axis_1_ortho[2]   ? 
_reflns.pdbx_aniso_diffraction_limit_axis_1_ortho[3]   ? 
_reflns.pdbx_aniso_diffraction_limit_axis_2_ortho[1]   ? 
_reflns.pdbx_aniso_diffraction_limit_axis_2_ortho[2]   ? 
_reflns.pdbx_aniso_diffraction_limit_axis_2_ortho[3]   ? 
_reflns.pdbx_aniso_diffraction_limit_axis_3_ortho[1]   ? 
_reflns.pdbx_aniso_diffraction_limit_axis_3_ortho[2]   ? 
_reflns.pdbx_aniso_diffraction_limit_axis_3_ortho[3]   ? 
_reflns.pdbx_aniso_diffraction_limit_1                 ? 
_reflns.pdbx_aniso_diffraction_limit_2                 ? 
_reflns.pdbx_aniso_diffraction_limit_3                 ? 
_reflns.pdbx_aniso_B_tensor_eigenvector_1_ortho[1]     ? 
_reflns.pdbx_aniso_B_tensor_eigenvector_1_ortho[2]     ? 
_reflns.pdbx_aniso_B_tensor_eigenvector_1_ortho[3]     ? 
_reflns.pdbx_aniso_B_tensor_eigenvector_2_ortho[1]     ? 
_reflns.pdbx_aniso_B_tensor_eigenvector_2_ortho[2]     ? 
_reflns.pdbx_aniso_B_tensor_eigenvector_2_ortho[3]     ? 
_reflns.pdbx_aniso_B_tensor_eigenvector_3_ortho[1]     ? 
_reflns.pdbx_aniso_B_tensor_eigenvector_3_ortho[2]     ? 
_reflns.pdbx_aniso_B_tensor_eigenvector_3_ortho[3]     ? 
_reflns.pdbx_aniso_B_tensor_eigenvalue_1               ? 
_reflns.pdbx_aniso_B_tensor_eigenvalue_2               ? 
_reflns.pdbx_aniso_B_tensor_eigenvalue_3               ? 
_reflns.pdbx_orthogonalization_convention              ? 
_reflns.pdbx_percent_possible_ellipsoidal              ? 
_reflns.pdbx_percent_possible_spherical                ? 
_reflns.pdbx_percent_possible_ellipsoidal_anomalous    ? 
_reflns.pdbx_percent_possible_spherical_anomalous      ? 
_reflns.pdbx_redundancy_anomalous                      ? 
_reflns.pdbx_CC_half_anomalous                         ? 
_reflns.pdbx_absDiff_over_sigma_anomalous              ? 
_reflns.pdbx_percent_possible_anomalous                ? 
_reflns.pdbx_observed_signal_threshold                 ? 
_reflns.pdbx_signal_type                               ? 
_reflns.pdbx_signal_details                            ? 
_reflns.pdbx_signal_software_id                        ? 
# 
_reflns_shell.d_res_high                                    2.35 
_reflns_shell.d_res_low                                     2.43 
_reflns_shell.meanI_over_sigI_all                           ? 
_reflns_shell.meanI_over_sigI_obs                           5 
_reflns_shell.number_measured_all                           ? 
_reflns_shell.number_measured_obs                           ? 
_reflns_shell.number_possible                               ? 
_reflns_shell.number_unique_all                             ? 
_reflns_shell.number_unique_obs                             1154 
_reflns_shell.percent_possible_all                          100 
_reflns_shell.percent_possible_obs                          ? 
_reflns_shell.Rmerge_F_all                                  ? 
_reflns_shell.Rmerge_F_obs                                  ? 
_reflns_shell.Rmerge_I_all                                  ? 
_reflns_shell.Rmerge_I_obs                                  0.162 
_reflns_shell.meanI_over_sigI_gt                            ? 
_reflns_shell.meanI_over_uI_all                             ? 
_reflns_shell.meanI_over_uI_gt                              ? 
_reflns_shell.number_measured_gt                            ? 
_reflns_shell.number_unique_gt                              ? 
_reflns_shell.percent_possible_gt                           ? 
_reflns_shell.Rmerge_F_gt                                   ? 
_reflns_shell.Rmerge_I_gt                                   ? 
_reflns_shell.pdbx_redundancy                               1.8 
_reflns_shell.pdbx_Rsym_value                               ? 
_reflns_shell.pdbx_chi_squared                              ? 
_reflns_shell.pdbx_netI_over_sigmaI_all                     ? 
_reflns_shell.pdbx_netI_over_sigmaI_obs                     ? 
_reflns_shell.pdbx_Rrim_I_all                               0.229 
_reflns_shell.pdbx_Rpim_I_all                               0.162 
_reflns_shell.pdbx_rejects                                  ? 
_reflns_shell.pdbx_ordinal                                  1 
_reflns_shell.pdbx_diffrn_id                                1 
_reflns_shell.pdbx_CC_half                                  0.964 
_reflns_shell.pdbx_CC_star                                  ? 
_reflns_shell.pdbx_R_split                                  ? 
_reflns_shell.pdbx_percent_possible_ellipsoidal             ? 
_reflns_shell.pdbx_percent_possible_spherical               ? 
_reflns_shell.pdbx_percent_possible_ellipsoidal_anomalous   ? 
_reflns_shell.pdbx_percent_possible_spherical_anomalous     ? 
_reflns_shell.pdbx_redundancy_anomalous                     ? 
_reflns_shell.pdbx_CC_half_anomalous                        ? 
_reflns_shell.pdbx_absDiff_over_sigma_anomalous             ? 
_reflns_shell.pdbx_percent_possible_anomalous               ? 
# 
_refine.aniso_B[1][1]                            0.1500 
_refine.aniso_B[1][2]                            0.0800 
_refine.aniso_B[1][3]                            -0.0000 
_refine.aniso_B[2][2]                            0.1500 
_refine.aniso_B[2][3]                            -0.0000 
_refine.aniso_B[3][3]                            -0.5000 
_refine.B_iso_max                                159.560 
_refine.B_iso_mean                               57.5440 
_refine.B_iso_min                                36.300 
_refine.correlation_coeff_Fo_to_Fc               0.9560 
_refine.correlation_coeff_Fo_to_Fc_free          0.8950 
_refine.details                                  
'HYDROGENS HAVE BEEN ADDED IN THE RIDING POSITIONS U VALUES      : REFINED INDIVIDUALLY' 
_refine.diff_density_max                         ? 
_refine.diff_density_max_esd                     ? 
_refine.diff_density_min                         ? 
_refine.diff_density_min_esd                     ? 
_refine.diff_density_rms                         ? 
_refine.diff_density_rms_esd                     ? 
_refine.entry_id                                 7NAE 
_refine.pdbx_refine_id                           'X-RAY DIFFRACTION' 
_refine.ls_abs_structure_details                 ? 
_refine.ls_abs_structure_Flack                   ? 
_refine.ls_abs_structure_Flack_esd               ? 
_refine.ls_abs_structure_Rogers                  ? 
_refine.ls_abs_structure_Rogers_esd              ? 
_refine.ls_d_res_high                            2.3500 
_refine.ls_d_res_low                             56.8300 
_refine.ls_extinction_coef                       ? 
_refine.ls_extinction_coef_esd                   ? 
_refine.ls_extinction_expression                 ? 
_refine.ls_extinction_method                     ? 
_refine.ls_goodness_of_fit_all                   ? 
_refine.ls_goodness_of_fit_all_esd               ? 
_refine.ls_goodness_of_fit_obs                   ? 
_refine.ls_goodness_of_fit_obs_esd               ? 
_refine.ls_hydrogen_treatment                    ? 
_refine.ls_matrix_type                           ? 
_refine.ls_number_constraints                    ? 
_refine.ls_number_parameters                     ? 
_refine.ls_number_reflns_all                     ? 
_refine.ls_number_reflns_obs                     11174 
_refine.ls_number_reflns_R_free                  593 
_refine.ls_number_reflns_R_work                  ? 
_refine.ls_number_restraints                     ? 
_refine.ls_percent_reflns_obs                    96.1300 
_refine.ls_percent_reflns_R_free                 5.0000 
_refine.ls_R_factor_all                          ? 
_refine.ls_R_factor_obs                          0.2062 
_refine.ls_R_factor_R_free                       0.2621 
_refine.ls_R_factor_R_free_error                 ? 
_refine.ls_R_factor_R_free_error_details         ? 
_refine.ls_R_factor_R_work                       0.2033 
_refine.ls_R_Fsqd_factor_obs                     ? 
_refine.ls_R_I_factor_obs                        ? 
_refine.ls_redundancy_reflns_all                 ? 
_refine.ls_redundancy_reflns_obs                 ? 
_refine.ls_restrained_S_all                      ? 
_refine.ls_restrained_S_obs                      ? 
_refine.ls_shift_over_esd_max                    ? 
_refine.ls_shift_over_esd_mean                   ? 
_refine.ls_structure_factor_coef                 ? 
_refine.ls_weighting_details                     ? 
_refine.ls_weighting_scheme                      ? 
_refine.ls_wR_factor_all                         ? 
_refine.ls_wR_factor_obs                         ? 
_refine.ls_wR_factor_R_free                      ? 
_refine.ls_wR_factor_R_work                      ? 
_refine.occupancy_max                            ? 
_refine.occupancy_min                            ? 
_refine.solvent_model_details                    MASK 
_refine.solvent_model_param_bsol                 ? 
_refine.solvent_model_param_ksol                 ? 
_refine.pdbx_R_complete                          ? 
_refine.ls_R_factor_gt                           ? 
_refine.ls_goodness_of_fit_gt                    ? 
_refine.ls_goodness_of_fit_ref                   ? 
_refine.ls_shift_over_su_max                     ? 
_refine.ls_shift_over_su_max_lt                  ? 
_refine.ls_shift_over_su_mean                    ? 
_refine.ls_shift_over_su_mean_lt                 ? 
_refine.pdbx_ls_sigma_I                          ? 
_refine.pdbx_ls_sigma_F                          0.000 
_refine.pdbx_ls_sigma_Fsqd                       ? 
_refine.pdbx_data_cutoff_high_absF               ? 
_refine.pdbx_data_cutoff_high_rms_absF           ? 
_refine.pdbx_data_cutoff_low_absF                ? 
_refine.pdbx_isotropic_thermal_model             ? 
_refine.pdbx_ls_cross_valid_method               THROUGHOUT 
_refine.pdbx_method_to_determine_struct          'MOLECULAR REPLACEMENT' 
_refine.pdbx_starting_model                      7MYM 
_refine.pdbx_stereochemistry_target_values       'MAXIMUM LIKELIHOOD' 
_refine.pdbx_R_Free_selection_details            RANDOM 
_refine.pdbx_stereochem_target_val_spec_case     ? 
_refine.pdbx_overall_ESU_R                       0.2380 
_refine.pdbx_overall_ESU_R_Free                  0.2210 
_refine.pdbx_solvent_vdw_probe_radii             1.2000 
_refine.pdbx_solvent_ion_probe_radii             0.8000 
_refine.pdbx_solvent_shrinkage_radii             0.8000 
_refine.pdbx_real_space_R                        ? 
_refine.pdbx_density_correlation                 ? 
_refine.pdbx_pd_number_of_powder_patterns        ? 
_refine.pdbx_pd_number_of_points                 ? 
_refine.pdbx_pd_meas_number_of_points            ? 
_refine.pdbx_pd_proc_ls_prof_R_factor            ? 
_refine.pdbx_pd_proc_ls_prof_wR_factor           ? 
_refine.pdbx_pd_Marquardt_correlation_coeff      ? 
_refine.pdbx_pd_Fsqrd_R_factor                   ? 
_refine.pdbx_pd_ls_matrix_band_width             ? 
_refine.pdbx_overall_phase_error                 ? 
_refine.pdbx_overall_SU_R_free_Cruickshank_DPI   ? 
_refine.pdbx_overall_SU_R_free_Blow_DPI          ? 
_refine.pdbx_overall_SU_R_Blow_DPI               ? 
_refine.pdbx_TLS_residual_ADP_flag               ? 
_refine.pdbx_diffrn_id                           1 
_refine.overall_SU_B                             6.4090 
_refine.overall_SU_ML                            0.1490 
_refine.overall_SU_R_Cruickshank_DPI             ? 
_refine.overall_SU_R_free                        ? 
_refine.overall_FOM_free_R_set                   ? 
_refine.overall_FOM_work_R_set                   ? 
_refine.pdbx_average_fsc_overall                 ? 
_refine.pdbx_average_fsc_work                    ? 
_refine.pdbx_average_fsc_free                    ? 
# 
_refine_hist.pdbx_refine_id                   'X-RAY DIFFRACTION' 
_refine_hist.cycle_id                         final 
_refine_hist.details                          ? 
_refine_hist.d_res_high                       2.3500 
_refine_hist.d_res_low                        56.8300 
_refine_hist.number_atoms_solvent             35 
_refine_hist.number_atoms_total               1348 
_refine_hist.number_reflns_all                ? 
_refine_hist.number_reflns_obs                ? 
_refine_hist.number_reflns_R_free             ? 
_refine_hist.number_reflns_R_work             ? 
_refine_hist.R_factor_all                     ? 
_refine_hist.R_factor_obs                     ? 
_refine_hist.R_factor_R_free                  ? 
_refine_hist.R_factor_R_work                  ? 
_refine_hist.pdbx_number_residues_total       159 
_refine_hist.pdbx_B_iso_mean_ligand           68.44 
_refine_hist.pdbx_B_iso_mean_solvent          55.60 
_refine_hist.pdbx_number_atoms_protein        1267 
_refine_hist.pdbx_number_atoms_nucleic_acid   0 
_refine_hist.pdbx_number_atoms_ligand         46 
_refine_hist.pdbx_number_atoms_lipid          ? 
_refine_hist.pdbx_number_atoms_carb           ? 
_refine_hist.pdbx_pseudo_atom_details         ? 
# 
loop_
_refine_ls_restr.pdbx_refine_id 
_refine_ls_restr.criterion 
_refine_ls_restr.dev_ideal 
_refine_ls_restr.dev_ideal_target 
_refine_ls_restr.number 
_refine_ls_restr.rejects 
_refine_ls_restr.type 
_refine_ls_restr.weight 
_refine_ls_restr.pdbx_restraint_function 
'X-RAY DIFFRACTION' ? 0.009  0.013  1343 ? r_bond_refined_d       ? ? 
'X-RAY DIFFRACTION' ? 0.002  0.017  1215 ? r_bond_other_d         ? ? 
'X-RAY DIFFRACTION' ? 1.615  1.633  1830 ? r_angle_refined_deg    ? ? 
'X-RAY DIFFRACTION' ? 1.289  1.579  2796 ? r_angle_other_deg      ? ? 
'X-RAY DIFFRACTION' ? 8.092  5.000  158  ? r_dihedral_angle_1_deg ? ? 
'X-RAY DIFFRACTION' ? 32.620 22.329 73   ? r_dihedral_angle_2_deg ? ? 
'X-RAY DIFFRACTION' ? 18.618 15.000 211  ? r_dihedral_angle_3_deg ? ? 
'X-RAY DIFFRACTION' ? 15.637 15.000 9    ? r_dihedral_angle_4_deg ? ? 
'X-RAY DIFFRACTION' ? 0.070  0.200  167  ? r_chiral_restr         ? ? 
'X-RAY DIFFRACTION' ? 0.008  0.020  1498 ? r_gen_planes_refined   ? ? 
'X-RAY DIFFRACTION' ? 0.001  0.020  306  ? r_gen_planes_other     ? ? 
# 
_refine_ls_shell.pdbx_refine_id                   'X-RAY DIFFRACTION' 
_refine_ls_shell.d_res_high                       2.3500 
_refine_ls_shell.d_res_low                        2.4110 
_refine_ls_shell.number_reflns_all                866 
_refine_ls_shell.number_reflns_obs                ? 
_refine_ls_shell.number_reflns_R_free             43 
_refine_ls_shell.number_reflns_R_work             823 
_refine_ls_shell.percent_reflns_obs               99.7700 
_refine_ls_shell.percent_reflns_R_free            ? 
_refine_ls_shell.R_factor_all                     ? 
_refine_ls_shell.R_factor_obs                     ? 
_refine_ls_shell.R_factor_R_free                  0.3430 
_refine_ls_shell.R_factor_R_free_error            0.0000 
_refine_ls_shell.R_factor_R_work                  0.2650 
_refine_ls_shell.redundancy_reflns_all            ? 
_refine_ls_shell.redundancy_reflns_obs            ? 
_refine_ls_shell.wR_factor_all                    ? 
_refine_ls_shell.wR_factor_obs                    ? 
_refine_ls_shell.wR_factor_R_free                 ? 
_refine_ls_shell.wR_factor_R_work                 ? 
_refine_ls_shell.pdbx_R_complete                  ? 
_refine_ls_shell.pdbx_total_number_of_bins_used   20 
_refine_ls_shell.pdbx_phase_error                 ? 
_refine_ls_shell.pdbx_fsc_work                    ? 
_refine_ls_shell.pdbx_fsc_free                    ? 
# 
_struct.entry_id                     7NAE 
_struct.title                        'Crystal structure of Escherichia coli dihydrofolate reductase in complex with TRIMETHOPRIM' 
_struct.pdbx_model_details           ? 
_struct.pdbx_formula_weight          ? 
_struct.pdbx_formula_weight_method   ? 
_struct.pdbx_model_type_details      ? 
_struct.pdbx_CASP_flag               N 
# 
_struct_keywords.entry_id        7NAE 
_struct_keywords.text            'dihydrofolate reductase, OXIDOREDUCTASE' 
_struct_keywords.pdbx_keywords   OXIDOREDUCTASE 
# 
loop_
_struct_asym.id 
_struct_asym.pdbx_blank_PDB_chainid_flag 
_struct_asym.pdbx_modified 
_struct_asym.entity_id 
_struct_asym.details 
A N N 1 ? 
B N N 2 ? 
C N N 3 ? 
D N N 3 ? 
E N N 3 ? 
F N N 3 ? 
G N N 3 ? 
H N N 4 ? 
# 
loop_
_struct_conf.conf_type_id 
_struct_conf.id 
_struct_conf.pdbx_PDB_helix_id 
_struct_conf.beg_label_comp_id 
_struct_conf.beg_label_asym_id 
_struct_conf.beg_label_seq_id 
_struct_conf.pdbx_beg_PDB_ins_code 
_struct_conf.end_label_comp_id 
_struct_conf.end_label_asym_id 
_struct_conf.end_label_seq_id 
_struct_conf.pdbx_end_PDB_ins_code 
_struct_conf.beg_auth_comp_id 
_struct_conf.beg_auth_asym_id 
_struct_conf.beg_auth_seq_id 
_struct_conf.end_auth_comp_id 
_struct_conf.end_auth_asym_id 
_struct_conf.end_auth_seq_id 
_struct_conf.pdbx_PDB_helix_class 
_struct_conf.details 
_struct_conf.pdbx_PDB_helix_length 
HELX_P HELX_P1 AA1 ALA A 9   ? VAL A 13  ? ALA A 9   VAL A 13  5 ? 5  
HELX_P HELX_P2 AA2 LEU A 24  ? LEU A 36  ? LEU A 24  LEU A 36  1 ? 13 
HELX_P HELX_P3 AA3 GLY A 43  ? GLY A 51  ? GLY A 43  GLY A 51  1 ? 9  
HELX_P HELX_P4 AA4 SER A 77  ? ALA A 84  ? SER A 77  ALA A 84  1 ? 8  
HELX_P HELX_P5 AA5 GLY A 96  ? LEU A 104 ? GLY A 96  LEU A 104 1 ? 9  
HELX_P HELX_P6 AA6 GLU A 129 ? ASP A 131 ? GLU A 129 ASP A 131 5 ? 3  
# 
_struct_conf_type.id          HELX_P 
_struct_conf_type.criteria    ? 
_struct_conf_type.reference   ? 
# 
_struct_mon_prot_cis.pdbx_id                1 
_struct_mon_prot_cis.label_comp_id          GLY 
_struct_mon_prot_cis.label_seq_id           95 
_struct_mon_prot_cis.label_asym_id          A 
_struct_mon_prot_cis.label_alt_id           . 
_struct_mon_prot_cis.pdbx_PDB_ins_code      ? 
_struct_mon_prot_cis.auth_comp_id           GLY 
_struct_mon_prot_cis.auth_seq_id            95 
_struct_mon_prot_cis.auth_asym_id           A 
_struct_mon_prot_cis.pdbx_label_comp_id_2   GLY 
_struct_mon_prot_cis.pdbx_label_seq_id_2    96 
_struct_mon_prot_cis.pdbx_label_asym_id_2   A 
_struct_mon_prot_cis.pdbx_PDB_ins_code_2    ? 
_struct_mon_prot_cis.pdbx_auth_comp_id_2    GLY 
_struct_mon_prot_cis.pdbx_auth_seq_id_2     96 
_struct_mon_prot_cis.pdbx_auth_asym_id_2    A 
_struct_mon_prot_cis.pdbx_PDB_model_num     1 
_struct_mon_prot_cis.pdbx_omega_angle       -5.06 
# 
_struct_sheet.id               AA1 
_struct_sheet.type             ? 
_struct_sheet.number_strands   8 
_struct_sheet.details          ? 
# 
loop_
_struct_sheet_order.sheet_id 
_struct_sheet_order.range_id_1 
_struct_sheet_order.range_id_2 
_struct_sheet_order.offset 
_struct_sheet_order.sense 
AA1 1 2 ? parallel      
AA1 2 3 ? parallel      
AA1 3 4 ? parallel      
AA1 4 5 ? parallel      
AA1 5 6 ? parallel      
AA1 6 7 ? anti-parallel 
AA1 7 8 ? anti-parallel 
# 
loop_
_struct_sheet_range.sheet_id 
_struct_sheet_range.id 
_struct_sheet_range.beg_label_comp_id 
_struct_sheet_range.beg_label_asym_id 
_struct_sheet_range.beg_label_seq_id 
_struct_sheet_range.pdbx_beg_PDB_ins_code 
_struct_sheet_range.end_label_comp_id 
_struct_sheet_range.end_label_asym_id 
_struct_sheet_range.end_label_seq_id 
_struct_sheet_range.pdbx_end_PDB_ins_code 
_struct_sheet_range.beg_auth_comp_id 
_struct_sheet_range.beg_auth_asym_id 
_struct_sheet_range.beg_auth_seq_id 
_struct_sheet_range.end_auth_comp_id 
_struct_sheet_range.end_auth_asym_id 
_struct_sheet_range.end_auth_seq_id 
AA1 1 THR A 73  ? VAL A 75  ? THR A 73  VAL A 75  
AA1 2 ASN A 59  ? LEU A 62  ? ASN A 59  LEU A 62  
AA1 3 VAL A 40  ? MET A 42  ? VAL A 40  MET A 42  
AA1 4 ILE A 91  ? VAL A 93  ? ILE A 91  VAL A 93  
AA1 5 ILE A 2   ? LEU A 8   ? ILE A 2   LEU A 8   
AA1 6 ALA A 107 ? ILE A 115 ? ALA A 107 ILE A 115 
AA1 7 TYR A 151 ? ARG A 158 ? TYR A 151 ARG A 158 
AA1 8 TRP A 133 ? HIS A 141 ? TRP A 133 HIS A 141 
# 
loop_
_pdbx_struct_sheet_hbond.sheet_id 
_pdbx_struct_sheet_hbond.range_id_1 
_pdbx_struct_sheet_hbond.range_id_2 
_pdbx_struct_sheet_hbond.range_1_label_atom_id 
_pdbx_struct_sheet_hbond.range_1_label_comp_id 
_pdbx_struct_sheet_hbond.range_1_label_asym_id 
_pdbx_struct_sheet_hbond.range_1_label_seq_id 
_pdbx_struct_sheet_hbond.range_1_PDB_ins_code 
_pdbx_struct_sheet_hbond.range_1_auth_atom_id 
_pdbx_struct_sheet_hbond.range_1_auth_comp_id 
_pdbx_struct_sheet_hbond.range_1_auth_asym_id 
_pdbx_struct_sheet_hbond.range_1_auth_seq_id 
_pdbx_struct_sheet_hbond.range_2_label_atom_id 
_pdbx_struct_sheet_hbond.range_2_label_comp_id 
_pdbx_struct_sheet_hbond.range_2_label_asym_id 
_pdbx_struct_sheet_hbond.range_2_label_seq_id 
_pdbx_struct_sheet_hbond.range_2_PDB_ins_code 
_pdbx_struct_sheet_hbond.range_2_auth_atom_id 
_pdbx_struct_sheet_hbond.range_2_auth_comp_id 
_pdbx_struct_sheet_hbond.range_2_auth_asym_id 
_pdbx_struct_sheet_hbond.range_2_auth_seq_id 
AA1 1 2 O THR A 73  ? O THR A 73  N ASN A 59  ? N ASN A 59  
AA1 2 3 O LEU A 62  ? O LEU A 62  N MET A 42  ? N MET A 42  
AA1 3 4 N ILE A 41  ? N ILE A 41  O MET A 92  ? O MET A 92  
AA1 4 5 O ILE A 91  ? O ILE A 91  N SER A 3   ? N SER A 3   
AA1 5 6 N LEU A 8   ? N LEU A 8   O ILE A 115 ? O ILE A 115 
AA1 6 7 N HIS A 114 ? N HIS A 114 O CYS A 152 ? O CYS A 152 
AA1 7 8 O GLU A 157 ? O GLU A 157 N GLU A 134 ? N GLU A 134 
# 
_atom_sites.entry_id                    7NAE 
_atom_sites.Cartn_transf_matrix[1][1]   ? 
_atom_sites.Cartn_transf_matrix[1][2]   ? 
_atom_sites.Cartn_transf_matrix[1][3]   ? 
_atom_sites.Cartn_transf_matrix[2][1]   ? 
_atom_sites.Cartn_transf_matrix[2][2]   ? 
_atom_sites.Cartn_transf_matrix[2][3]   ? 
_atom_sites.Cartn_transf_matrix[3][1]   ? 
_atom_sites.Cartn_transf_matrix[3][2]   ? 
_atom_sites.Cartn_transf_matrix[3][3]   ? 
_atom_sites.Cartn_transf_vector[1]      ? 
_atom_sites.Cartn_transf_vector[2]      ? 
_atom_sites.Cartn_transf_vector[3]      ? 
_atom_sites.fract_transf_matrix[1][1]   0.01666871 
_atom_sites.fract_transf_matrix[1][2]   0.00414171 
_atom_sites.fract_transf_matrix[1][3]   0.00392108 
_atom_sites.fract_transf_matrix[2][1]   0.01216544 
_atom_sites.fract_transf_matrix[2][2]   0.00056353 
_atom_sites.fract_transf_matrix[2][3]   -0.01273100 
_atom_sites.fract_transf_matrix[3][1]   -0.00094589 
_atom_sites.fract_transf_matrix[3][2]   0.00447499 
_atom_sites.fract_transf_matrix[3][3]   -0.00070578 
_atom_sites.fract_transf_vector[1]      -0.099945 
_atom_sites.fract_transf_vector[2]      0.391275 
_atom_sites.fract_transf_vector[3]      -0.011461 
_atom_sites.solution_primary            ? 
_atom_sites.solution_secondary          ? 
_atom_sites.solution_hydrogens          ? 
_atom_sites.special_details             ? 
# 
loop_
_atom_type.symbol 
C  
CL 
K  
N  
O  
S  
# 
loop_
_atom_site.group_PDB 
_atom_site.id 
_atom_site.type_symbol 
_atom_site.label_atom_id 
_atom_site.label_alt_id 
_atom_site.label_comp_id 
_atom_site.label_asym_id 
_atom_site.label_entity_id 
_atom_site.label_seq_id 
_atom_site.pdbx_PDB_ins_code 
_atom_site.Cartn_x 
_atom_site.Cartn_y 
_atom_site.Cartn_z 
_atom_site.occupancy 
_atom_site.B_iso_or_equiv 
_atom_site.pdbx_formal_charge 
_atom_site.auth_seq_id 
_atom_site.auth_comp_id 
_atom_site.auth_asym_id 
_atom_site.auth_atom_id 
_atom_site.pdbx_PDB_model_num 
ATOM   1    N N   . MET A 1 1   ? -7.789  6.664   -11.556 1.00 61.98  ? 1   MET A N   1 
ATOM   2    C CA  . MET A 1 1   ? -8.546  6.455   -10.287 1.00 66.26  ? 1   MET A CA  1 
ATOM   3    C C   . MET A 1 1   ? -7.552  6.141   -9.151  1.00 57.09  ? 1   MET A C   1 
ATOM   4    O O   . MET A 1 1   ? -6.358  5.863   -9.419  1.00 49.75  ? 1   MET A O   1 
ATOM   5    C CB  . MET A 1 1   ? -9.597  5.342   -10.446 1.00 65.80  ? 1   MET A CB  1 
ATOM   6    C CG  . MET A 1 1   ? -9.230  3.981   -9.862  1.00 77.13  ? 1   MET A CG  1 
ATOM   7    S SD  . MET A 1 1   ? -8.144  2.994   -10.889 1.00 82.95  ? 1   MET A SD  1 
ATOM   8    C CE  . MET A 1 1   ? -9.255  1.667   -11.352 1.00 87.77  ? 1   MET A CE  1 
ATOM   9    N N   . ILE A 1 2   ? -8.015  6.201   -7.912  1.00 50.11  ? 2   ILE A N   1 
ATOM   10   C CA  . ILE A 1 2   ? -7.134  5.953   -6.737  1.00 52.40  ? 2   ILE A CA  1 
ATOM   11   C C   . ILE A 1 2   ? -7.338  4.514   -6.257  1.00 50.25  ? 2   ILE A C   1 
ATOM   12   O O   . ILE A 1 2   ? -8.486  4.138   -6.029  1.00 49.72  ? 2   ILE A O   1 
ATOM   13   C CB  . ILE A 1 2   ? -7.413  7.011   -5.671  1.00 48.96  ? 2   ILE A CB  1 
ATOM   14   C CG1 . ILE A 1 2   ? -7.041  8.399   -6.217  1.00 43.63  ? 2   ILE A CG1 1 
ATOM   15   C CG2 . ILE A 1 2   ? -6.700  6.676   -4.369  1.00 51.13  ? 2   ILE A CG2 1 
ATOM   16   C CD1 . ILE A 1 2   ? -7.701  9.524   -5.489  1.00 42.63  ? 2   ILE A CD1 1 
ATOM   17   N N   . SER A 1 3   ? -6.238  3.766   -6.128  1.00 46.14  ? 3   SER A N   1 
ATOM   18   C CA  . SER A 1 3   ? -6.146  2.412   -5.531  1.00 42.55  ? 3   SER A CA  1 
ATOM   19   C C   . SER A 1 3   ? -5.294  2.420   -4.252  1.00 46.13  ? 3   SER A C   1 
ATOM   20   O O   . SER A 1 3   ? -4.282  3.145   -4.187  1.00 44.76  ? 3   SER A O   1 
ATOM   21   C CB  . SER A 1 3   ? -5.582  1.470   -6.525  1.00 42.83  ? 3   SER A CB  1 
ATOM   22   O OG  . SER A 1 3   ? -6.440  1.373   -7.646  1.00 44.63  ? 3   SER A OG  1 
ATOM   23   N N   . LEU A 1 4   ? -5.658  1.597   -3.270  1.00 39.65  ? 4   LEU A N   1 
ATOM   24   C CA  . LEU A 1 4   ? -4.802  1.331   -2.096  1.00 41.25  ? 4   LEU A CA  1 
ATOM   25   C C   . LEU A 1 4   ? -4.226  -0.049  -2.300  1.00 41.52  ? 4   LEU A C   1 
ATOM   26   O O   . LEU A 1 4   ? -4.989  -0.933  -2.657  1.00 40.42  ? 4   LEU A O   1 
ATOM   27   C CB  . LEU A 1 4   ? -5.616  1.343   -0.799  1.00 47.64  ? 4   LEU A CB  1 
ATOM   28   C CG  . LEU A 1 4   ? -5.977  2.694   -0.210  1.00 47.84  ? 4   LEU A CG  1 
ATOM   29   C CD1 . LEU A 1 4   ? -6.552  3.592   -1.278  1.00 57.86  ? 4   LEU A CD1 1 
ATOM   30   C CD2 . LEU A 1 4   ? -6.958  2.515   0.949   1.00 50.11  ? 4   LEU A CD2 1 
ATOM   31   N N   . ILE A 1 5   ? -2.947  -0.216  -2.020  1.00 44.03  ? 5   ILE A N   1 
ATOM   32   C CA  . ILE A 1 5   ? -2.291  -1.543  -1.964  1.00 40.60  ? 5   ILE A CA  1 
ATOM   33   C C   . ILE A 1 5   ? -1.611  -1.686  -0.595  1.00 48.34  ? 5   ILE A C   1 
ATOM   34   O O   . ILE A 1 5   ? -0.935  -0.714  -0.147  1.00 43.36  ? 5   ILE A O   1 
ATOM   35   C CB  . ILE A 1 5   ? -1.336  -1.725  -3.137  1.00 38.24  ? 5   ILE A CB  1 
ATOM   36   C CG1 . ILE A 1 5   ? -0.767  -3.140  -3.139  1.00 39.07  ? 5   ILE A CG1 1 
ATOM   37   C CG2 . ILE A 1 5   ? -0.268  -0.647  -3.104  1.00 42.60  ? 5   ILE A CG2 1 
ATOM   38   C CD1 . ILE A 1 5   ? 0.031   -3.508  -4.370  1.00 42.22  ? 5   ILE A CD1 1 
ATOM   39   N N   . ALA A 1 6   ? -1.878  -2.808  0.082   1.00 43.89  ? 6   ALA A N   1 
ATOM   40   C CA  . ALA A 1 6   ? -1.504  -3.054  1.495   1.00 46.69  ? 6   ALA A CA  1 
ATOM   41   C C   . ALA A 1 6   ? -1.376  -4.559  1.774   1.00 49.98  ? 6   ALA A C   1 
ATOM   42   O O   . ALA A 1 6   ? -2.163  -5.354  1.198   1.00 49.41  ? 6   ALA A O   1 
ATOM   43   C CB  . ALA A 1 6   ? -2.506  -2.419  2.424   1.00 42.64  ? 6   ALA A CB  1 
ATOM   44   N N   . ALA A 1 7   ? -0.416  -4.898  2.642   1.00 49.50  ? 7   ALA A N   1 
ATOM   45   C CA  . ALA A 1 7   ? -0.181  -6.214  3.276   1.00 50.37  ? 7   ALA A CA  1 
ATOM   46   C C   . ALA A 1 7   ? -0.783  -6.202  4.681   1.00 49.65  ? 7   ALA A C   1 
ATOM   47   O O   . ALA A 1 7   ? -0.449  -5.312  5.451   1.00 54.69  ? 7   ALA A O   1 
ATOM   48   C CB  . ALA A 1 7   ? 1.298   -6.503  3.299   1.00 51.87  ? 7   ALA A CB  1 
ATOM   49   N N   . LEU A 1 8   ? -1.708  -7.116  4.952   1.00 46.33  ? 8   LEU A N   1 
ATOM   50   C CA  . LEU A 1 8   ? -2.457  -7.249  6.231   1.00 50.31  ? 8   LEU A CA  1 
ATOM   51   C C   . LEU A 1 8   ? -2.081  -8.596  6.884   1.00 54.39  ? 8   LEU A C   1 
ATOM   52   O O   . LEU A 1 8   ? -2.175  -9.631  6.231   1.00 50.82  ? 8   LEU A O   1 
ATOM   53   C CB  . LEU A 1 8   ? -3.966  -7.203  5.953   1.00 49.92  ? 8   LEU A CB  1 
ATOM   54   C CG  . LEU A 1 8   ? -4.614  -5.827  5.764   1.00 56.81  ? 8   LEU A CG  1 
ATOM   55   C CD1 . LEU A 1 8   ? -3.843  -4.954  4.800   1.00 58.73  ? 8   LEU A CD1 1 
ATOM   56   C CD2 . LEU A 1 8   ? -6.048  -5.982  5.282   1.00 60.91  ? 8   LEU A CD2 1 
ATOM   57   N N   . ALA A 1 9   ? -1.644  -8.577  8.139   1.00 59.55  ? 9   ALA A N   1 
ATOM   58   C CA  . ALA A 1 9   ? -1.629  -9.746  9.052   1.00 52.46  ? 9   ALA A CA  1 
ATOM   59   C C   . ALA A 1 9   ? -3.023  -9.874  9.647   1.00 51.96  ? 9   ALA A C   1 
ATOM   60   O O   . ALA A 1 9   ? -3.883  -9.066  9.270   1.00 53.14  ? 9   ALA A O   1 
ATOM   61   C CB  . ALA A 1 9   ? -0.591  -9.555  10.115  1.00 56.22  ? 9   ALA A CB  1 
ATOM   62   N N   . VAL A 1 10  ? -3.273  -10.873 10.490  1.00 54.38  ? 10  VAL A N   1 
ATOM   63   C CA  . VAL A 1 10  ? -4.652  -11.123 11.006  1.00 58.28  ? 10  VAL A CA  1 
ATOM   64   C C   . VAL A 1 10  ? -5.086  -9.901  11.786  1.00 56.14  ? 10  VAL A C   1 
ATOM   65   O O   . VAL A 1 10  ? -4.189  -9.207  12.329  1.00 59.18  ? 10  VAL A O   1 
ATOM   66   C CB  . VAL A 1 10  ? -4.755  -12.367 11.902  1.00 72.22  ? 10  VAL A CB  1 
ATOM   67   C CG1 . VAL A 1 10  ? -4.497  -13.627 11.093  1.00 78.03  ? 10  VAL A CG1 1 
ATOM   68   C CG2 . VAL A 1 10  ? -3.841  -12.274 13.117  1.00 70.72  ? 10  VAL A CG2 1 
ATOM   69   N N   . ASP A 1 11  ? -6.406  -9.716  11.883  1.00 63.42  ? 11  ASP A N   1 
ATOM   70   C CA  . ASP A 1 11  ? -7.038  -8.544  12.535  1.00 73.14  ? 11  ASP A CA  1 
ATOM   71   C C   . ASP A 1 11  ? -6.682  -7.280  11.732  1.00 72.70  ? 11  ASP A C   1 
ATOM   72   O O   . ASP A 1 11  ? -6.724  -6.171  12.308  1.00 71.91  ? 11  ASP A O   1 
ATOM   73   C CB  . ASP A 1 11  ? -6.590  -8.464  14.002  1.00 86.95  ? 11  ASP A CB  1 
ATOM   74   C CG  . ASP A 1 11  ? -7.719  -8.168  14.978  1.00 99.87  ? 11  ASP A CG  1 
ATOM   75   O OD1 . ASP A 1 11  ? -8.620  -9.020  15.085  1.00 105.93 ? 11  ASP A OD1 1 
ATOM   76   O OD2 . ASP A 1 11  ? -7.688  -7.088  15.621  1.00 98.75  ? 11  ASP A OD2 1 
ATOM   77   N N   . ARG A 1 12  ? -6.319  -7.426  10.454  1.00 67.14  ? 12  ARG A N   1 
ATOM   78   C CA  . ARG A 1 12  ? -6.025  -6.287  9.536   1.00 69.89  ? 12  ARG A CA  1 
ATOM   79   C C   . ARG A 1 12  ? -4.874  -5.434  10.096  1.00 59.71  ? 12  ARG A C   1 
ATOM   80   O O   . ARG A 1 12  ? -4.831  -4.241  9.851   1.00 63.08  ? 12  ARG A O   1 
ATOM   81   C CB  . ARG A 1 12  ? -7.299  -5.463  9.311   1.00 72.38  ? 12  ARG A CB  1 
ATOM   82   C CG  . ARG A 1 12  ? -8.483  -6.300  8.844   1.00 78.04  ? 12  ARG A CG  1 
ATOM   83   C CD  . ARG A 1 12  ? -9.662  -5.438  8.459   1.00 91.00  ? 12  ARG A CD  1 
ATOM   84   N NE  . ARG A 1 12  ? -10.770 -6.190  7.877   1.00 97.81  ? 12  ARG A NE  1 
ATOM   85   C CZ  . ARG A 1 12  ? -11.911 -5.641  7.450   1.00 107.55 ? 12  ARG A CZ  1 
ATOM   86   N NH1 . ARG A 1 12  ? -12.101 -4.332  7.529   1.00 115.94 ? 12  ARG A NH1 1 
ATOM   87   N NH2 . ARG A 1 12  ? -12.866 -6.404  6.948   1.00 103.71 ? 12  ARG A NH2 1 
ATOM   88   N N   . VAL A 1 13  ? -3.931  -6.031  10.802  1.00 55.20  ? 13  VAL A N   1 
ATOM   89   C CA  . VAL A 1 13  ? -2.725  -5.295  11.255  1.00 52.77  ? 13  VAL A CA  1 
ATOM   90   C C   . VAL A 1 13  ? -1.812  -5.057  10.052  1.00 55.15  ? 13  VAL A C   1 
ATOM   91   O O   . VAL A 1 13  ? -1.659  -5.975  9.254   1.00 59.25  ? 13  VAL A O   1 
ATOM   92   C CB  . VAL A 1 13  ? -1.998  -6.089  12.354  1.00 52.14  ? 13  VAL A CB  1 
ATOM   93   C CG1 . VAL A 1 13  ? -0.572  -5.584  12.572  1.00 51.45  ? 13  VAL A CG1 1 
ATOM   94   C CG2 . VAL A 1 13  ? -2.794  -6.084  13.653  1.00 51.15  ? 13  VAL A CG2 1 
ATOM   95   N N   . ILE A 1 14  ? -1.153  -3.901  10.009  1.00 53.08  ? 14  ILE A N   1 
ATOM   96   C CA  . ILE A 1 14  ? -0.147  -3.485  8.984   1.00 58.13  ? 14  ILE A CA  1 
ATOM   97   C C   . ILE A 1 14  ? 1.111   -3.046  9.743   1.00 53.89  ? 14  ILE A C   1 
ATOM   98   O O   . ILE A 1 14  ? 0.966   -2.624  10.887  1.00 63.02  ? 14  ILE A O   1 
ATOM   99   C CB  . ILE A 1 14  ? -0.726  -2.349  8.092   1.00 58.53  ? 14  ILE A CB  1 
ATOM   100  C CG1 . ILE A 1 14  ? -1.159  -1.123  8.909   1.00 62.30  ? 14  ILE A CG1 1 
ATOM   101  C CG2 . ILE A 1 14  ? -1.895  -2.859  7.257   1.00 61.23  ? 14  ILE A CG2 1 
ATOM   102  C CD1 . ILE A 1 14  ? -2.011  -0.102  8.155   1.00 66.63  ? 14  ILE A CD1 1 
ATOM   103  N N   . GLY A 1 15  ? 2.280   -3.091  9.119   1.00 60.04  ? 15  GLY A N   1 
ATOM   104  C CA  . GLY A 1 15  ? 3.508   -2.469  9.651   1.00 71.85  ? 15  GLY A CA  1 
ATOM   105  C C   . GLY A 1 15  ? 4.605   -2.458  8.602   1.00 75.57  ? 15  GLY A C   1 
ATOM   106  O O   . GLY A 1 15  ? 4.577   -3.328  7.729   1.00 84.97  ? 15  GLY A O   1 
ATOM   107  N N   . MET A 1 16  ? 5.552   -1.528  8.682   1.00 83.60  ? 16  MET A N   1 
ATOM   108  C CA  . MET A 1 16  ? 6.564   -1.321  7.613   1.00 92.22  ? 16  MET A CA  1 
ATOM   109  C C   . MET A 1 16  ? 7.948   -1.788  8.103   1.00 96.91  ? 16  MET A C   1 
ATOM   110  O O   . MET A 1 16  ? 8.910   -1.619  7.352   1.00 116.93 ? 16  MET A O   1 
ATOM   111  C CB  . MET A 1 16  ? 6.595   0.153   7.183   1.00 99.12  ? 16  MET A CB  1 
ATOM   112  C CG  . MET A 1 16  ? 5.205   0.780   6.998   1.00 114.45 ? 16  MET A CG  1 
ATOM   113  S SD  . MET A 1 16  ? 4.872   2.278   8.036   1.00 127.71 ? 16  MET A SD  1 
ATOM   114  C CE  . MET A 1 16  ? 3.219   1.920   8.644   1.00 121.20 ? 16  MET A CE  1 
ATOM   115  N N   . GLU A 1 17  ? 8.054   -2.401  9.288   1.00 93.51  ? 17  GLU A N   1 
ATOM   116  C CA  . GLU A 1 17  ? 9.333   -2.978  9.799   1.00 100.01 ? 17  GLU A CA  1 
ATOM   117  C C   . GLU A 1 17  ? 9.892   -3.912  8.714   1.00 94.52  ? 17  GLU A C   1 
ATOM   118  O O   . GLU A 1 17  ? 9.128   -4.754  8.228   1.00 88.25  ? 17  GLU A O   1 
ATOM   119  C CB  . GLU A 1 17  ? 9.130   -3.706  11.138  1.00 105.15 ? 17  GLU A CB  1 
ATOM   120  C CG  . GLU A 1 17  ? 8.507   -2.849  12.243  1.00 114.23 ? 17  GLU A CG  1 
ATOM   121  C CD  . GLU A 1 17  ? 7.036   -3.110  12.554  1.00 114.85 ? 17  GLU A CD  1 
ATOM   122  O OE1 . GLU A 1 17  ? 6.213   -2.163  12.459  1.00 94.73  ? 17  GLU A OE1 1 
ATOM   123  O OE2 . GLU A 1 17  ? 6.718   -4.260  12.913  1.00 126.12 ? 17  GLU A OE2 1 
ATOM   124  N N   . ASN A 1 18  ? 11.161  -3.749  8.328   1.00 105.99 ? 18  ASN A N   1 
ATOM   125  C CA  . ASN A 1 18  ? 11.773  -4.411  7.140   1.00 116.00 ? 18  ASN A CA  1 
ATOM   126  C C   . ASN A 1 18  ? 11.508  -5.930  7.194   1.00 135.99 ? 18  ASN A C   1 
ATOM   127  O O   . ASN A 1 18  ? 10.377  -6.322  6.828   1.00 158.06 ? 18  ASN A O   1 
ATOM   128  C CB  . ASN A 1 18  ? 13.249  -4.042  6.992   1.00 116.34 ? 18  ASN A CB  1 
ATOM   129  C CG  . ASN A 1 18  ? 13.792  -4.445  5.640   1.00 113.65 ? 18  ASN A CG  1 
ATOM   130  O OD1 . ASN A 1 18  ? 13.545  -3.763  4.652   1.00 111.26 ? 18  ASN A OD1 1 
ATOM   131  N ND2 . ASN A 1 18  ? 14.502  -5.558  5.579   1.00 107.92 ? 18  ASN A ND2 1 
ATOM   132  N N   . ALA A 1 19  ? 12.476  -6.765  7.607   1.00 134.08 ? 19  ALA A N   1 
ATOM   133  C CA  . ALA A 1 19  ? 12.260  -8.214  7.866   1.00 134.86 ? 19  ALA A CA  1 
ATOM   134  C C   . ALA A 1 19  ? 11.072  -8.325  8.838   1.00 135.53 ? 19  ALA A C   1 
ATOM   135  O O   . ALA A 1 19  ? 10.912  -7.374  9.614   1.00 155.59 ? 19  ALA A O   1 
ATOM   136  C CB  . ALA A 1 19  ? 13.531  -8.856  8.396   1.00 120.38 ? 19  ALA A CB  1 
ATOM   137  N N   . MET A 1 20  ? 10.234  -9.373  8.767   1.00 122.58 ? 20  MET A N   1 
ATOM   138  C CA  . MET A 1 20  ? 9.052   -9.574  9.665   1.00 118.03 ? 20  MET A CA  1 
ATOM   139  C C   . MET A 1 20  ? 8.098   -10.583 9.017   1.00 109.18 ? 20  MET A C   1 
ATOM   140  O O   . MET A 1 20  ? 8.579   -11.599 8.519   1.00 100.12 ? 20  MET A O   1 
ATOM   141  C CB  . MET A 1 20  ? 8.354   -8.234  9.946   1.00 132.92 ? 20  MET A CB  1 
ATOM   142  C CG  . MET A 1 20  ? 8.712   -7.578  11.305  1.00 146.16 ? 20  MET A CG  1 
ATOM   143  S SD  . MET A 1 20  ? 8.398   -8.548  12.823  1.00 159.56 ? 20  MET A SD  1 
ATOM   144  C CE  . MET A 1 20  ? 8.333   -7.249  14.060  1.00 137.42 ? 20  MET A CE  1 
ATOM   145  N N   . PRO A 1 21  ? 6.743   -10.438 9.093   1.00 100.99 ? 21  PRO A N   1 
ATOM   146  C CA  . PRO A 1 21  ? 5.848   -10.902 8.021   1.00 93.89  ? 21  PRO A CA  1 
ATOM   147  C C   . PRO A 1 21  ? 5.674   -9.982  6.798   1.00 91.55  ? 21  PRO A C   1 
ATOM   148  O O   . PRO A 1 21  ? 4.923   -10.347 5.904   1.00 91.32  ? 21  PRO A O   1 
ATOM   149  C CB  . PRO A 1 21  ? 4.472   -11.001 8.703   1.00 88.46  ? 21  PRO A CB  1 
ATOM   150  C CG  . PRO A 1 21  ? 4.542   -9.986  9.809   1.00 87.82  ? 21  PRO A CG  1 
ATOM   151  C CD  . PRO A 1 21  ? 5.976   -10.058 10.294  1.00 91.50  ? 21  PRO A CD  1 
ATOM   152  N N   . TRP A 1 22  ? 6.352   -8.830  6.764   1.00 87.13  ? 22  TRP A N   1 
ATOM   153  C CA  . TRP A 1 22  ? 6.203   -7.810  5.686   1.00 81.36  ? 22  TRP A CA  1 
ATOM   154  C C   . TRP A 1 22  ? 7.357   -7.913  4.679   1.00 79.28  ? 22  TRP A C   1 
ATOM   155  O O   . TRP A 1 22  ? 7.424   -7.068  3.759   1.00 74.21  ? 22  TRP A O   1 
ATOM   156  C CB  . TRP A 1 22  ? 6.116   -6.404  6.286   1.00 74.64  ? 22  TRP A CB  1 
ATOM   157  C CG  . TRP A 1 22  ? 5.465   -6.307  7.632   1.00 73.57  ? 22  TRP A CG  1 
ATOM   158  C CD1 . TRP A 1 22  ? 6.091   -6.075  8.824   1.00 68.57  ? 22  TRP A CD1 1 
ATOM   159  C CD2 . TRP A 1 22  ? 4.058   -6.396  7.928   1.00 68.92  ? 22  TRP A CD2 1 
ATOM   160  N NE1 . TRP A 1 22  ? 5.175   -6.019  9.841   1.00 62.79  ? 22  TRP A NE1 1 
ATOM   161  C CE2 . TRP A 1 22  ? 3.920   -6.201  9.325   1.00 66.65  ? 22  TRP A CE2 1 
ATOM   162  C CE3 . TRP A 1 22  ? 2.908   -6.617  7.160   1.00 62.38  ? 22  TRP A CE3 1 
ATOM   163  C CZ2 . TRP A 1 22  ? 2.681   -6.208  9.960   1.00 63.25  ? 22  TRP A CZ2 1 
ATOM   164  C CZ3 . TRP A 1 22  ? 1.683   -6.620  7.787   1.00 59.87  ? 22  TRP A CZ3 1 
ATOM   165  C CH2 . TRP A 1 22  ? 1.575   -6.423  9.166   1.00 70.42  ? 22  TRP A CH2 1 
ATOM   166  N N   . ASN A 1 23  ? 8.229   -8.905  4.865   1.00 77.96  ? 23  ASN A N   1 
ATOM   167  C CA  . ASN A 1 23  ? 9.415   -9.198  4.018   1.00 83.36  ? 23  ASN A CA  1 
ATOM   168  C C   . ASN A 1 23  ? 9.057   -10.239 2.950   1.00 76.37  ? 23  ASN A C   1 
ATOM   169  O O   . ASN A 1 23  ? 9.931   -10.473 2.107   1.00 87.86  ? 23  ASN A O   1 
ATOM   170  C CB  . ASN A 1 23  ? 10.604  -9.703  4.853   1.00 88.60  ? 23  ASN A CB  1 
ATOM   171  C CG  . ASN A 1 23  ? 10.505  -11.170 5.236   1.00 99.41  ? 23  ASN A CG  1 
ATOM   172  O OD1 . ASN A 1 23  ? 11.178  -12.025 4.656   1.00 107.52 ? 23  ASN A OD1 1 
ATOM   173  N ND2 . ASN A 1 23  ? 9.652   -11.492 6.194   1.00 101.79 ? 23  ASN A ND2 1 
ATOM   174  N N   . LEU A 1 24  ? 7.861   -10.853 3.007   1.00 72.80  ? 24  LEU A N   1 
ATOM   175  C CA  . LEU A 1 24  ? 7.427   -11.974 2.113   1.00 69.83  ? 24  LEU A CA  1 
ATOM   176  C C   . LEU A 1 24  ? 7.782   -11.641 0.674   1.00 60.01  ? 24  LEU A C   1 
ATOM   177  O O   . LEU A 1 24  ? 7.192   -10.734 0.105   1.00 58.36  ? 24  LEU A O   1 
ATOM   178  C CB  . LEU A 1 24  ? 5.913   -12.177 2.194   1.00 76.42  ? 24  LEU A CB  1 
ATOM   179  C CG  . LEU A 1 24  ? 5.380   -13.067 3.311   1.00 83.56  ? 24  LEU A CG  1 
ATOM   180  C CD1 . LEU A 1 24  ? 3.944   -13.465 3.002   1.00 85.58  ? 24  LEU A CD1 1 
ATOM   181  C CD2 . LEU A 1 24  ? 6.248   -14.299 3.514   1.00 84.59  ? 24  LEU A CD2 1 
ATOM   182  N N   . PRO A 1 25  ? 8.789   -12.310 0.081   1.00 57.75  ? 25  PRO A N   1 
ATOM   183  C CA  . PRO A 1 25  ? 9.221   -12.013 -1.282  1.00 61.51  ? 25  PRO A CA  1 
ATOM   184  C C   . PRO A 1 25  ? 8.045   -11.977 -2.258  1.00 59.28  ? 25  PRO A C   1 
ATOM   185  O O   . PRO A 1 25  ? 8.080   -11.205 -3.202  1.00 65.50  ? 25  PRO A O   1 
ATOM   186  C CB  . PRO A 1 25  ? 10.144  -13.177 -1.667  1.00 58.39  ? 25  PRO A CB  1 
ATOM   187  C CG  . PRO A 1 25  ? 10.659  -13.683 -0.333  1.00 65.35  ? 25  PRO A CG  1 
ATOM   188  C CD  . PRO A 1 25  ? 9.627   -13.336 0.729   1.00 60.21  ? 25  PRO A CD  1 
ATOM   189  N N   . ALA A 1 26  ? 7.037   -12.811 -2.006  1.00 55.73  ? 26  ALA A N   1 
ATOM   190  C CA  . ALA A 1 26  ? 5.917   -12.985 -2.947  1.00 53.35  ? 26  ALA A CA  1 
ATOM   191  C C   . ALA A 1 26  ? 5.053   -11.729 -2.847  1.00 42.79  ? 26  ALA A C   1 
ATOM   192  O O   . ALA A 1 26  ? 4.578   -11.256 -3.847  1.00 46.60  ? 26  ALA A O   1 
ATOM   193  C CB  . ALA A 1 26  ? 5.181   -14.251 -2.648  1.00 53.55  ? 26  ALA A CB  1 
ATOM   194  N N   . ASP A 1 27  ? 4.896   -11.210 -1.650  1.00 44.90  ? 27  ASP A N   1 
ATOM   195  C CA  . ASP A 1 27  ? 4.129   -9.975  -1.406  1.00 46.25  ? 27  ASP A CA  1 
ATOM   196  C C   . ASP A 1 27  ? 4.857   -8.833  -2.106  1.00 49.40  ? 27  ASP A C   1 
ATOM   197  O O   . ASP A 1 27  ? 4.189   -8.083  -2.779  1.00 52.79  ? 27  ASP A O   1 
ATOM   198  C CB  . ASP A 1 27  ? 3.972   -9.687  0.077   1.00 45.12  ? 27  ASP A CB  1 
ATOM   199  C CG  . ASP A 1 27  ? 3.291   -8.356  0.281   1.00 46.35  ? 27  ASP A CG  1 
ATOM   200  O OD1 . ASP A 1 27  ? 2.120   -8.228  -0.125  1.00 48.26  ? 27  ASP A OD1 1 
ATOM   201  O OD2 . ASP A 1 27  ? 3.977   -7.432  0.709   1.00 49.80  ? 27  ASP A OD2 1 
ATOM   202  N N   . LEU A 1 28  ? 6.190   -8.787  -2.041  1.00 53.95  ? 28  LEU A N   1 
ATOM   203  C CA  . LEU A 1 28  ? 6.997   -7.707  -2.670  1.00 50.43  ? 28  LEU A CA  1 
ATOM   204  C C   . LEU A 1 28  ? 6.979   -7.810  -4.203  1.00 57.92  ? 28  LEU A C   1 
ATOM   205  O O   . LEU A 1 28  ? 6.987   -6.746  -4.867  1.00 60.92  ? 28  LEU A O   1 
ATOM   206  C CB  . LEU A 1 28  ? 8.408   -7.751  -2.091  1.00 53.35  ? 28  LEU A CB  1 
ATOM   207  C CG  . LEU A 1 28  ? 8.469   -7.417  -0.595  1.00 60.01  ? 28  LEU A CG  1 
ATOM   208  C CD1 . LEU A 1 28  ? 9.903   -7.365  -0.082  1.00 65.40  ? 28  LEU A CD1 1 
ATOM   209  C CD2 . LEU A 1 28  ? 7.762   -6.104  -0.277  1.00 62.92  ? 28  LEU A CD2 1 
ATOM   210  N N   . ALA A 1 29  ? 6.915   -9.017  -4.772  1.00 53.14  ? 29  ALA A N   1 
ATOM   211  C CA  . ALA A 1 29  ? 6.817   -9.204  -6.238  1.00 51.01  ? 29  ALA A CA  1 
ATOM   212  C C   . ALA A 1 29  ? 5.439   -8.714  -6.697  1.00 51.43  ? 29  ALA A C   1 
ATOM   213  O O   . ALA A 1 29  ? 5.353   -8.007  -7.706  1.00 44.91  ? 29  ALA A O   1 
ATOM   214  C CB  . ALA A 1 29  ? 7.113   -10.646 -6.627  1.00 49.76  ? 29  ALA A CB  1 
ATOM   215  N N   . TRP A 1 30  ? 4.401   -9.054  -5.938  1.00 48.49  ? 30  TRP A N   1 
ATOM   216  C CA  . TRP A 1 30  ? 3.003   -8.641  -6.210  1.00 46.94  ? 30  TRP A CA  1 
ATOM   217  C C   . TRP A 1 30  ? 2.887   -7.121  -6.095  1.00 47.46  ? 30  TRP A C   1 
ATOM   218  O O   . TRP A 1 30  ? 2.158   -6.504  -6.863  1.00 45.62  ? 30  TRP A O   1 
ATOM   219  C CB  . TRP A 1 30  ? 2.081   -9.317  -5.197  1.00 47.43  ? 30  TRP A CB  1 
ATOM   220  C CG  . TRP A 1 30  ? 0.756   -8.656  -4.997  1.00 43.45  ? 30  TRP A CG  1 
ATOM   221  C CD1 . TRP A 1 30  ? 0.408   -7.739  -4.057  1.00 42.57  ? 30  TRP A CD1 1 
ATOM   222  C CD2 . TRP A 1 30  ? -0.441  -8.964  -5.714  1.00 42.28  ? 30  TRP A CD2 1 
ATOM   223  N NE1 . TRP A 1 30  ? -0.932  -7.457  -4.130  1.00 44.50  ? 30  TRP A NE1 1 
ATOM   224  C CE2 . TRP A 1 30  ? -1.473  -8.189  -5.147  1.00 41.38  ? 30  TRP A CE2 1 
ATOM   225  C CE3 . TRP A 1 30  ? -0.733  -9.834  -6.772  1.00 41.17  ? 30  TRP A CE3 1 
ATOM   226  C CZ2 . TRP A 1 30  ? -2.786  -8.259  -5.603  1.00 43.25  ? 30  TRP A CZ2 1 
ATOM   227  C CZ3 . TRP A 1 30  ? -2.028  -9.882  -7.244  1.00 42.32  ? 30  TRP A CZ3 1 
ATOM   228  C CH2 . TRP A 1 30  ? -3.033  -9.089  -6.677  1.00 44.31  ? 30  TRP A CH2 1 
ATOM   229  N N   . PHE A 1 31  ? 3.551   -6.532  -5.112  1.00 47.34  ? 31  PHE A N   1 
ATOM   230  C CA  . PHE A 1 31  ? 3.550   -5.066  -4.935  1.00 46.32  ? 31  PHE A CA  1 
ATOM   231  C C   . PHE A 1 31  ? 4.180   -4.408  -6.177  1.00 49.07  ? 31  PHE A C   1 
ATOM   232  O O   . PHE A 1 31  ? 3.590   -3.516  -6.805  1.00 45.76  ? 31  PHE A O   1 
ATOM   233  C CB  . PHE A 1 31  ? 4.279   -4.731  -3.642  1.00 43.89  ? 31  PHE A CB  1 
ATOM   234  C CG  . PHE A 1 31  ? 4.548   -3.263  -3.507  1.00 46.17  ? 31  PHE A CG  1 
ATOM   235  C CD1 . PHE A 1 31  ? 3.566   -2.422  -3.030  1.00 46.13  ? 31  PHE A CD1 1 
ATOM   236  C CD2 . PHE A 1 31  ? 5.753   -2.733  -3.934  1.00 44.46  ? 31  PHE A CD2 1 
ATOM   237  C CE1 . PHE A 1 31  ? 3.805   -1.066  -2.914  1.00 43.70  ? 31  PHE A CE1 1 
ATOM   238  C CE2 . PHE A 1 31  ? 5.977   -1.379  -3.841  1.00 43.16  ? 31  PHE A CE2 1 
ATOM   239  C CZ  . PHE A 1 31  ? 5.004   -0.558  -3.320  1.00 43.57  ? 31  PHE A CZ  1 
ATOM   240  N N   . LYS A 1 32  ? 5.363   -4.884  -6.540  1.00 50.58  ? 32  LYS A N   1 
ATOM   241  C CA  . LYS A 1 32  ? 6.141   -4.364  -7.678  1.00 58.82  ? 32  LYS A CA  1 
ATOM   242  C C   . LYS A 1 32  ? 5.260   -4.460  -8.936  1.00 53.14  ? 32  LYS A C   1 
ATOM   243  O O   . LYS A 1 32  ? 5.121   -3.450  -9.655  1.00 49.40  ? 32  LYS A O   1 
ATOM   244  C CB  . LYS A 1 32  ? 7.475   -5.115  -7.778  1.00 57.56  ? 32  LYS A CB  1 
ATOM   245  C CG  . LYS A 1 32  ? 8.421   -4.524  -8.805  1.00 66.77  ? 32  LYS A CG  1 
ATOM   246  C CD  . LYS A 1 32  ? 9.744   -5.222  -8.942  1.00 71.50  ? 32  LYS A CD  1 
ATOM   247  C CE  . LYS A 1 32  ? 10.443  -4.777  -10.214 1.00 76.00  ? 32  LYS A CE  1 
ATOM   248  N NZ  . LYS A 1 32  ? 11.875  -5.152  -10.213 1.00 81.81  ? 32  LYS A NZ  1 
ATOM   249  N N   . ARG A 1 33  ? 4.673   -5.627  -9.169  1.00 49.57  ? 33  ARG A N   1 
ATOM   250  C CA  . ARG A 1 33  ? 3.893   -5.934  -10.393 1.00 52.80  ? 33  ARG A CA  1 
ATOM   251  C C   . ARG A 1 33  ? 2.751   -4.929  -10.467 1.00 52.21  ? 33  ARG A C   1 
ATOM   252  O O   . ARG A 1 33  ? 2.506   -4.460  -11.556 1.00 47.25  ? 33  ARG A O   1 
ATOM   253  C CB  . ARG A 1 33  ? 3.385   -7.383  -10.377 1.00 59.17  ? 33  ARG A CB  1 
ATOM   254  C CG  . ARG A 1 33  ? 2.537   -7.817  -11.575 1.00 75.44  ? 33  ARG A CG  1 
ATOM   255  C CD  . ARG A 1 33  ? 2.131   -9.302  -11.512 1.00 83.85  ? 33  ARG A CD  1 
ATOM   256  N NE  . ARG A 1 33  ? 3.091   -10.045 -10.682 1.00 87.64  ? 33  ARG A NE  1 
ATOM   257  C CZ  . ARG A 1 33  ? 2.836   -10.758 -9.570  1.00 80.75  ? 33  ARG A CZ  1 
ATOM   258  N NH1 . ARG A 1 33  ? 1.604   -10.962 -9.125  1.00 88.99  ? 33  ARG A NH1 1 
ATOM   259  N NH2 . ARG A 1 33  ? 3.846   -11.291 -8.909  1.00 68.83  ? 33  ARG A NH2 1 
ATOM   260  N N   . ASN A 1 34  ? 2.119   -4.570  -9.342  1.00 48.45  ? 34  ASN A N   1 
ATOM   261  C CA  . ASN A 1 34  ? 0.851   -3.805  -9.384  1.00 44.18  ? 34  ASN A CA  1 
ATOM   262  C C   . ASN A 1 34  ? 1.111   -2.301  -9.299  1.00 47.27  ? 34  ASN A C   1 
ATOM   263  O O   . ASN A 1 34  ? 0.118   -1.539  -9.400  1.00 43.75  ? 34  ASN A O   1 
ATOM   264  C CB  . ASN A 1 34  ? -0.123  -4.296  -8.319  1.00 43.74  ? 34  ASN A CB  1 
ATOM   265  C CG  . ASN A 1 34  ? -0.722  -5.615  -8.737  1.00 51.11  ? 34  ASN A CG  1 
ATOM   266  O OD1 . ASN A 1 34  ? -1.532  -5.652  -9.669  1.00 44.02  ? 34  ASN A OD1 1 
ATOM   267  N ND2 . ASN A 1 34  ? -0.321  -6.693  -8.074  1.00 51.21  ? 34  ASN A ND2 1 
ATOM   268  N N   . THR A 1 35  ? 2.369   -1.890  -9.113  1.00 40.17  ? 35  THR A N   1 
ATOM   269  C CA  . THR A 1 35  ? 2.722   -0.462  -8.960  1.00 44.47  ? 35  THR A CA  1 
ATOM   270  C C   . THR A 1 35  ? 3.683   0.043   -10.038 1.00 41.14  ? 35  THR A C   1 
ATOM   271  O O   . THR A 1 35  ? 3.667   1.248   -10.221 1.00 47.93  ? 35  THR A O   1 
ATOM   272  C CB  . THR A 1 35  ? 3.353   -0.133  -7.602  1.00 38.29  ? 35  THR A CB  1 
ATOM   273  O OG1 . THR A 1 35  ? 4.510   -0.955  -7.514  1.00 37.74  ? 35  THR A OG1 1 
ATOM   274  C CG2 . THR A 1 35  ? 2.397   -0.286  -6.442  1.00 40.82  ? 35  THR A CG2 1 
ATOM   275  N N   . LEU A 1 36  ? 4.501   -0.795  -10.672 1.00 43.99  ? 36  LEU A N   1 
ATOM   276  C CA  . LEU A 1 36  ? 5.406   -0.353  -11.771 1.00 55.54  ? 36  LEU A CA  1 
ATOM   277  C C   . LEU A 1 36  ? 4.650   0.536   -12.771 1.00 54.07  ? 36  LEU A C   1 
ATOM   278  O O   . LEU A 1 36  ? 3.513   0.199   -13.122 1.00 46.50  ? 36  LEU A O   1 
ATOM   279  C CB  . LEU A 1 36  ? 5.969   -1.577  -12.494 1.00 59.89  ? 36  LEU A CB  1 
ATOM   280  C CG  . LEU A 1 36  ? 7.478   -1.577  -12.754 1.00 66.65  ? 36  LEU A CG  1 
ATOM   281  C CD1 . LEU A 1 36  ? 8.268   -0.914  -11.636 1.00 63.99  ? 36  LEU A CD1 1 
ATOM   282  C CD2 . LEU A 1 36  ? 7.970   -3.003  -12.934 1.00 70.19  ? 36  LEU A CD2 1 
ATOM   283  N N   . ASN A 1 37  ? 5.268   1.653   -13.174 1.00 57.53  ? 37  ASN A N   1 
ATOM   284  C CA  . ASN A 1 37  ? 4.820   2.600   -14.232 1.00 55.76  ? 37  ASN A CA  1 
ATOM   285  C C   . ASN A 1 37  ? 3.542   3.279   -13.781 1.00 57.57  ? 37  ASN A C   1 
ATOM   286  O O   . ASN A 1 37  ? 2.758   3.682   -14.677 1.00 59.04  ? 37  ASN A O   1 
ATOM   287  C CB  . ASN A 1 37  ? 4.682   1.919   -15.595 1.00 64.98  ? 37  ASN A CB  1 
ATOM   288  C CG  . ASN A 1 37  ? 5.942   1.143   -15.927 1.00 77.05  ? 37  ASN A CG  1 
ATOM   289  O OD1 . ASN A 1 37  ? 7.062   1.659   -15.831 1.00 76.77  ? 37  ASN A OD1 1 
ATOM   290  N ND2 . ASN A 1 37  ? 5.785   -0.130  -16.246 1.00 78.98  ? 37  ASN A ND2 1 
ATOM   291  N N   . LYS A 1 38  ? 3.386   3.410   -12.458 1.00 45.17  ? 38  LYS A N   1 
ATOM   292  C CA  . LYS A 1 38  ? 2.307   4.164   -11.777 1.00 47.98  ? 38  LYS A CA  1 
ATOM   293  C C   . LYS A 1 38  ? 2.957   5.085   -10.758 1.00 47.42  ? 38  LYS A C   1 
ATOM   294  O O   . LYS A 1 38  ? 4.055   4.804   -10.279 1.00 48.60  ? 38  LYS A O   1 
ATOM   295  C CB  . LYS A 1 38  ? 1.283   3.207   -11.136 1.00 53.84  ? 38  LYS A CB  1 
ATOM   296  C CG  . LYS A 1 38  ? 0.541   2.316   -12.146 1.00 57.75  ? 38  LYS A CG  1 
ATOM   297  C CD  . LYS A 1 38  ? -0.519  1.373   -11.566 1.00 52.57  ? 38  LYS A CD  1 
ATOM   298  C CE  . LYS A 1 38  ? -0.532  0.009   -12.230 1.00 52.47  ? 38  LYS A CE  1 
ATOM   299  N NZ  . LYS A 1 38  ? -1.400  -0.950  -11.512 1.00 48.14  ? 38  LYS A NZ  1 
ATOM   300  N N   . PRO A 1 39  ? 2.331   6.239   -10.444 1.00 46.81  ? 39  PRO A N   1 
ATOM   301  C CA  . PRO A 1 39  ? 2.734   7.025   -9.286  1.00 46.20  ? 39  PRO A CA  1 
ATOM   302  C C   . PRO A 1 39  ? 2.364   6.299   -7.984  1.00 48.62  ? 39  PRO A C   1 
ATOM   303  O O   . PRO A 1 39  ? 1.298   5.680   -7.873  1.00 48.16  ? 39  PRO A O   1 
ATOM   304  C CB  . PRO A 1 39  ? 1.960   8.350   -9.362  1.00 43.12  ? 39  PRO A CB  1 
ATOM   305  C CG  . PRO A 1 39  ? 1.117   8.263   -10.634 1.00 50.48  ? 39  PRO A CG  1 
ATOM   306  C CD  . PRO A 1 39  ? 1.206   6.844   -11.168 1.00 49.25  ? 39  PRO A CD  1 
ATOM   307  N N   . VAL A 1 40  ? 3.237   6.454   -6.995  1.00 47.48  ? 40  VAL A N   1 
ATOM   308  C CA  . VAL A 1 40  ? 3.001   5.974   -5.610  1.00 41.72  ? 40  VAL A CA  1 
ATOM   309  C C   . VAL A 1 40  ? 2.977   7.169   -4.663  1.00 41.10  ? 40  VAL A C   1 
ATOM   310  O O   . VAL A 1 40  ? 3.915   7.971   -4.656  1.00 51.24  ? 40  VAL A O   1 
ATOM   311  C CB  . VAL A 1 40  ? 4.022   4.890   -5.252  1.00 46.63  ? 40  VAL A CB  1 
ATOM   312  C CG1 . VAL A 1 40  ? 3.807   3.683   -6.167  1.00 46.68  ? 40  VAL A CG1 1 
ATOM   313  C CG2 . VAL A 1 40  ? 5.461   5.390   -5.326  1.00 47.60  ? 40  VAL A CG2 1 
ATOM   314  N N   . ILE A 1 41  ? 1.906   7.269   -3.891  1.00 37.89  ? 41  ILE A N   1 
ATOM   315  C CA  . ILE A 1 41  ? 1.803   8.180   -2.729  1.00 43.86  ? 41  ILE A CA  1 
ATOM   316  C C   . ILE A 1 41  ? 2.098   7.358   -1.464  1.00 44.79  ? 41  ILE A C   1 
ATOM   317  O O   . ILE A 1 41  ? 1.523   6.288   -1.332  1.00 44.27  ? 41  ILE A O   1 
ATOM   318  C CB  . ILE A 1 41  ? 0.407   8.798   -2.731  1.00 41.54  ? 41  ILE A CB  1 
ATOM   319  C CG1 . ILE A 1 41  ? 0.159   9.494   -4.071  1.00 42.96  ? 41  ILE A CG1 1 
ATOM   320  C CG2 . ILE A 1 41  ? 0.230   9.707   -1.524  1.00 46.36  ? 41  ILE A CG2 1 
ATOM   321  C CD1 . ILE A 1 41  ? -1.224  10.018  -4.251  1.00 45.36  ? 41  ILE A CD1 1 
ATOM   322  N N   . MET A 1 42  ? 2.941   7.865   -0.567  1.00 41.71  ? 42  MET A N   1 
ATOM   323  C CA  . MET A 1 42  ? 3.233   7.231   0.737   1.00 41.34  ? 42  MET A CA  1 
ATOM   324  C C   . MET A 1 42  ? 3.426   8.320   1.792   1.00 46.23  ? 42  MET A C   1 
ATOM   325  O O   . MET A 1 42  ? 3.700   9.472   1.421   1.00 44.48  ? 42  MET A O   1 
ATOM   326  C CB  . MET A 1 42  ? 4.489   6.371   0.613   1.00 39.35  ? 42  MET A CB  1 
ATOM   327  C CG  . MET A 1 42  ? 5.723   7.183   0.374   1.00 38.58  ? 42  MET A CG  1 
ATOM   328  S SD  . MET A 1 42  ? 7.086   6.171   -0.101  1.00 46.52  ? 42  MET A SD  1 
ATOM   329  C CE  . MET A 1 42  ? 6.985   6.337   -1.878  1.00 49.20  ? 42  MET A CE  1 
ATOM   330  N N   . GLY A 1 43  ? 3.228   7.968   3.062   1.00 51.50  ? 43  GLY A N   1 
ATOM   331  C CA  . GLY A 1 43  ? 3.539   8.823   4.221   1.00 46.30  ? 43  GLY A CA  1 
ATOM   332  C C   . GLY A 1 43  ? 5.027   8.732   4.516   1.00 51.58  ? 43  GLY A C   1 
ATOM   333  O O   . GLY A 1 43  ? 5.716   7.900   3.878   1.00 45.27  ? 43  GLY A O   1 
ATOM   334  N N   . ARG A 1 44  ? 5.519   9.549   5.443   1.00 52.81  ? 44  ARG A N   1 
ATOM   335  C CA  . ARG A 1 44  ? 6.976   9.753   5.635   1.00 54.93  ? 44  ARG A CA  1 
ATOM   336  C C   . ARG A 1 44  ? 7.585   8.474   6.231   1.00 49.26  ? 44  ARG A C   1 
ATOM   337  O O   . ARG A 1 44  ? 8.742   8.113   5.852   1.00 46.06  ? 44  ARG A O   1 
ATOM   338  C CB  . ARG A 1 44  ? 7.167   10.997  6.509   1.00 56.00  ? 44  ARG A CB  1 
ATOM   339  C CG  . ARG A 1 44  ? 8.614   11.381  6.785   1.00 65.25  ? 44  ARG A CG  1 
ATOM   340  C CD  . ARG A 1 44  ? 8.764   12.558  7.752   1.00 73.14  ? 44  ARG A CD  1 
ATOM   341  N NE  . ARG A 1 44  ? 7.815   12.600  8.892   1.00 86.94  ? 44  ARG A NE  1 
ATOM   342  C CZ  . ARG A 1 44  ? 8.009   12.089  10.127  1.00 85.89  ? 44  ARG A CZ  1 
ATOM   343  N NH1 . ARG A 1 44  ? 9.121   11.440  10.435  1.00 82.77  ? 44  ARG A NH1 1 
ATOM   344  N NH2 . ARG A 1 44  ? 7.066   12.205  11.052  1.00 80.41  ? 44  ARG A NH2 1 
ATOM   345  N N   . HIS A 1 45  ? 6.864   7.814   7.144   1.00 48.01  ? 45  HIS A N   1 
ATOM   346  C CA  . HIS A 1 45  ? 7.377   6.586   7.829   1.00 50.21  ? 45  HIS A CA  1 
ATOM   347  C C   . HIS A 1 45  ? 7.541   5.499   6.780   1.00 47.00  ? 45  HIS A C   1 
ATOM   348  O O   . HIS A 1 45  ? 8.577   4.832   6.799   1.00 49.54  ? 45  HIS A O   1 
ATOM   349  C CB  . HIS A 1 45  ? 6.496   6.153   9.007   1.00 52.62  ? 45  HIS A CB  1 
ATOM   350  C CG  . HIS A 1 45  ? 6.466   7.149   10.124  1.00 62.16  ? 45  HIS A CG  1 
ATOM   351  N ND1 . HIS A 1 45  ? 5.288   7.643   10.652  1.00 67.15  ? 45  HIS A ND1 1 
ATOM   352  C CD2 . HIS A 1 45  ? 7.462   7.752   10.810  1.00 71.57  ? 45  HIS A CD2 1 
ATOM   353  C CE1 . HIS A 1 45  ? 5.555   8.505   11.613  1.00 66.96  ? 45  HIS A CE1 1 
ATOM   354  N NE2 . HIS A 1 45  ? 6.881   8.611   11.713  1.00 77.12  ? 45  HIS A NE2 1 
ATOM   355  N N   . THR A 1 46  ? 6.594   5.374   5.839   1.00 47.21  ? 46  THR A N   1 
ATOM   356  C CA  . THR A 1 46  ? 6.726   4.366   4.759   1.00 48.98  ? 46  THR A CA  1 
ATOM   357  C C   . THR A 1 46  ? 7.944   4.723   3.918   1.00 47.37  ? 46  THR A C   1 
ATOM   358  O O   . THR A 1 46  ? 8.650   3.829   3.444   1.00 50.35  ? 46  THR A O   1 
ATOM   359  C CB  . THR A 1 46  ? 5.455   4.279   3.924   1.00 49.95  ? 46  THR A CB  1 
ATOM   360  O OG1 . THR A 1 46  ? 4.383   3.860   4.766   1.00 46.55  ? 46  THR A OG1 1 
ATOM   361  C CG2 . THR A 1 46  ? 5.617   3.361   2.739   1.00 47.41  ? 46  THR A CG2 1 
ATOM   362  N N   . TRP A 1 47  ? 8.186   6.008   3.706   1.00 49.13  ? 47  TRP A N   1 
ATOM   363  C CA  . TRP A 1 47  ? 9.358   6.433   2.898   1.00 48.21  ? 47  TRP A CA  1 
ATOM   364  C C   . TRP A 1 47  ? 10.657  6.107   3.663   1.00 46.57  ? 47  TRP A C   1 
ATOM   365  O O   . TRP A 1 47  ? 11.657  5.648   3.040   1.00 45.29  ? 47  TRP A O   1 
ATOM   366  C CB  . TRP A 1 47  ? 9.201   7.917   2.535   1.00 48.11  ? 47  TRP A CB  1 
ATOM   367  C CG  . TRP A 1 47  ? 10.486  8.634   2.295   1.00 45.26  ? 47  TRP A CG  1 
ATOM   368  C CD1 . TRP A 1 47  ? 11.101  9.536   3.120   1.00 51.13  ? 47  TRP A CD1 1 
ATOM   369  C CD2 . TRP A 1 47  ? 11.331  8.497   1.151   1.00 47.59  ? 47  TRP A CD2 1 
ATOM   370  N NE1 . TRP A 1 47  ? 12.276  9.964   2.560   1.00 46.46  ? 47  TRP A NE1 1 
ATOM   371  C CE2 . TRP A 1 47  ? 12.437  9.349   1.351   1.00 43.99  ? 47  TRP A CE2 1 
ATOM   372  C CE3 . TRP A 1 47  ? 11.271  7.713   -0.001  1.00 48.59  ? 47  TRP A CE3 1 
ATOM   373  C CZ2 . TRP A 1 47  ? 13.457  9.457   0.426   1.00 43.98  ? 47  TRP A CZ2 1 
ATOM   374  C CZ3 . TRP A 1 47  ? 12.291  7.814   -0.914  1.00 46.21  ? 47  TRP A CZ3 1 
ATOM   375  C CH2 . TRP A 1 47  ? 13.363  8.674   -0.699  1.00 45.01  ? 47  TRP A CH2 1 
ATOM   376  N N   . GLU A 1 48  ? 10.671  6.376   4.971   1.00 47.21  ? 48  GLU A N   1 
ATOM   377  C CA  . GLU A 1 48  ? 11.869  6.135   5.826   1.00 58.58  ? 48  GLU A CA  1 
ATOM   378  C C   . GLU A 1 48  ? 12.146  4.633   5.816   1.00 61.01  ? 48  GLU A C   1 
ATOM   379  O O   . GLU A 1 48  ? 13.276  4.237   5.512   1.00 60.26  ? 48  GLU A O   1 
ATOM   380  C CB  . GLU A 1 48  ? 11.629  6.671   7.235   1.00 59.80  ? 48  GLU A CB  1 
ATOM   381  C CG  . GLU A 1 48  ? 11.984  8.139   7.348   1.00 61.75  ? 48  GLU A CG  1 
ATOM   382  C CD  . GLU A 1 48  ? 11.228  8.911   8.409   1.00 70.72  ? 48  GLU A CD  1 
ATOM   383  O OE1 . GLU A 1 48  ? 10.549  8.269   9.253   1.00 64.24  ? 48  GLU A OE1 1 
ATOM   384  O OE2 . GLU A 1 48  ? 11.321  10.161  8.375   1.00 70.71  ? 48  GLU A OE2 1 
ATOM   385  N N   . SER A 1 49  ? 11.084  3.860   6.018   1.00 53.57  ? 49  SER A N   1 
ATOM   386  C CA  . SER A 1 49  ? 11.087  2.384   6.107   1.00 57.15  ? 49  SER A CA  1 
ATOM   387  C C   . SER A 1 49  ? 11.566  1.738   4.792   1.00 58.17  ? 49  SER A C   1 
ATOM   388  O O   . SER A 1 49  ? 12.419  0.847   4.847   1.00 59.31  ? 49  SER A O   1 
ATOM   389  C CB  . SER A 1 49  ? 9.728   1.960   6.517   1.00 53.64  ? 49  SER A CB  1 
ATOM   390  O OG  . SER A 1 49  ? 9.711   0.593   6.781   1.00 75.97  ? 49  SER A OG  1 
ATOM   391  N N   . ILE A 1 50  ? 11.096  2.182   3.628   1.00 57.46  ? 50  ILE A N   1 
ATOM   392  C CA  . ILE A 1 50  ? 11.608  1.658   2.320   1.00 57.12  ? 50  ILE A CA  1 
ATOM   393  C C   . ILE A 1 50  ? 13.035  2.178   2.100   1.00 57.96  ? 50  ILE A C   1 
ATOM   394  O O   . ILE A 1 50  ? 13.854  1.470   1.498   1.00 55.72  ? 50  ILE A O   1 
ATOM   395  C CB  . ILE A 1 50  ? 10.655  2.060   1.177   1.00 55.85  ? 50  ILE A CB  1 
ATOM   396  C CG1 . ILE A 1 50  ? 9.282   1.401   1.354   1.00 61.57  ? 50  ILE A CG1 1 
ATOM   397  C CG2 . ILE A 1 50  ? 11.272  1.742   -0.173  1.00 56.81  ? 50  ILE A CG2 1 
ATOM   398  C CD1 . ILE A 1 50  ? 8.206   1.917   0.430   1.00 64.67  ? 50  ILE A CD1 1 
ATOM   399  N N   . GLY A 1 51  ? 13.290  3.426   2.503   1.00 59.28  ? 51  GLY A N   1 
ATOM   400  C CA  . GLY A 1 51  ? 14.635  4.034   2.582   1.00 62.22  ? 51  GLY A CA  1 
ATOM   401  C C   . GLY A 1 51  ? 15.337  4.227   1.246   1.00 62.73  ? 51  GLY A C   1 
ATOM   402  O O   . GLY A 1 51  ? 16.548  4.387   1.287   1.00 64.35  ? 51  GLY A O   1 
ATOM   403  N N   . ARG A 1 52  ? 14.623  4.225   0.114   1.00 65.59  ? 52  ARG A N   1 
ATOM   404  C CA  . ARG A 1 52  ? 15.167  4.435   -1.260  1.00 61.63  ? 52  ARG A CA  1 
ATOM   405  C C   . ARG A 1 52  ? 14.001  4.789   -2.180  1.00 59.06  ? 52  ARG A C   1 
ATOM   406  O O   . ARG A 1 52  ? 12.864  4.447   -1.893  1.00 56.87  ? 52  ARG A O   1 
ATOM   407  C CB  . ARG A 1 52  ? 15.890  3.181   -1.788  1.00 66.29  ? 52  ARG A CB  1 
ATOM   408  C CG  . ARG A 1 52  ? 15.043  1.911   -1.862  1.00 61.92  ? 52  ARG A CG  1 
ATOM   409  C CD  . ARG A 1 52  ? 15.703  0.697   -2.500  1.00 66.23  ? 52  ARG A CD  1 
ATOM   410  N NE  . ARG A 1 52  ? 14.847  -0.050  -3.436  1.00 68.68  ? 52  ARG A NE  1 
ATOM   411  C CZ  . ARG A 1 52  ? 13.839  -0.856  -3.088  1.00 75.53  ? 52  ARG A CZ  1 
ATOM   412  N NH1 . ARG A 1 52  ? 13.518  -1.038  -1.814  1.00 81.32  ? 52  ARG A NH1 1 
ATOM   413  N NH2 . ARG A 1 52  ? 13.131  -1.460  -4.022  1.00 67.23  ? 52  ARG A NH2 1 
ATOM   414  N N   . PRO A 1 53  ? 14.203  5.510   -3.297  1.00 59.78  ? 53  PRO A N   1 
ATOM   415  C CA  . PRO A 1 53  ? 13.117  5.725   -4.241  1.00 57.25  ? 53  PRO A CA  1 
ATOM   416  C C   . PRO A 1 53  ? 12.764  4.420   -4.964  1.00 58.87  ? 53  PRO A C   1 
ATOM   417  O O   . PRO A 1 53  ? 13.648  3.648   -5.307  1.00 58.70  ? 53  PRO A O   1 
ATOM   418  C CB  . PRO A 1 53  ? 13.660  6.779   -5.217  1.00 54.35  ? 53  PRO A CB  1 
ATOM   419  C CG  . PRO A 1 53  ? 14.826  7.377   -4.483  1.00 54.04  ? 53  PRO A CG  1 
ATOM   420  C CD  . PRO A 1 53  ? 15.420  6.232   -3.689  1.00 54.96  ? 53  PRO A CD  1 
ATOM   421  N N   . LEU A 1 54  ? 11.466  4.221   -5.190  1.00 59.89  ? 54  LEU A N   1 
ATOM   422  C CA  . LEU A 1 54  ? 10.952  3.085   -5.984  1.00 52.23  ? 54  LEU A CA  1 
ATOM   423  C C   . LEU A 1 54  ? 11.129  3.424   -7.456  1.00 52.09  ? 54  LEU A C   1 
ATOM   424  O O   . LEU A 1 54  ? 10.533  4.383   -7.957  1.00 54.92  ? 54  LEU A O   1 
ATOM   425  C CB  . LEU A 1 54  ? 9.496   2.835   -5.583  1.00 50.75  ? 54  LEU A CB  1 
ATOM   426  C CG  . LEU A 1 54  ? 9.325   2.273   -4.170  1.00 52.36  ? 54  LEU A CG  1 
ATOM   427  C CD1 . LEU A 1 54  ? 7.869   1.985   -3.869  1.00 53.38  ? 54  LEU A CD1 1 
ATOM   428  C CD2 . LEU A 1 54  ? 10.162  1.007   -3.975  1.00 51.30  ? 54  LEU A CD2 1 
ATOM   429  N N   . PRO A 1 55  ? 12.010  2.687   -8.167  1.00 54.27  ? 55  PRO A N   1 
ATOM   430  C CA  . PRO A 1 55  ? 12.311  2.999   -9.563  1.00 56.59  ? 55  PRO A CA  1 
ATOM   431  C C   . PRO A 1 55  ? 11.142  2.596   -10.461 1.00 59.85  ? 55  PRO A C   1 
ATOM   432  O O   . PRO A 1 55  ? 10.497  1.612   -10.154 1.00 63.24  ? 55  PRO A O   1 
ATOM   433  C CB  . PRO A 1 55  ? 13.551  2.155   -9.925  1.00 56.68  ? 55  PRO A CB  1 
ATOM   434  C CG  . PRO A 1 55  ? 13.635  1.073   -8.845  1.00 58.42  ? 55  PRO A CG  1 
ATOM   435  C CD  . PRO A 1 55  ? 12.823  1.568   -7.659  1.00 54.13  ? 55  PRO A CD  1 
ATOM   436  N N   . GLY A 1 56  ? 10.919  3.356   -11.531 1.00 56.38  ? 56  GLY A N   1 
ATOM   437  C CA  . GLY A 1 56  ? 9.882   3.070   -12.534 1.00 56.60  ? 56  GLY A CA  1 
ATOM   438  C C   . GLY A 1 56  ? 8.548   3.619   -12.100 1.00 57.05  ? 56  GLY A C   1 
ATOM   439  O O   . GLY A 1 56  ? 7.553   3.294   -12.739 1.00 58.93  ? 56  GLY A O   1 
ATOM   440  N N   . ARG A 1 57  ? 8.537   4.426   -11.040 1.00 57.60  ? 57  ARG A N   1 
ATOM   441  C CA  . ARG A 1 57  ? 7.316   5.017   -10.451 1.00 52.94  ? 57  ARG A CA  1 
ATOM   442  C C   . ARG A 1 57  ? 7.646   6.429   -10.005 1.00 54.92  ? 57  ARG A C   1 
ATOM   443  O O   . ARG A 1 57  ? 8.731   6.614   -9.435  1.00 62.39  ? 57  ARG A O   1 
ATOM   444  C CB  . ARG A 1 57  ? 6.860   4.185   -9.252  1.00 53.63  ? 57  ARG A CB  1 
ATOM   445  C CG  . ARG A 1 57  ? 6.397   2.787   -9.633  1.00 54.83  ? 57  ARG A CG  1 
ATOM   446  C CD  . ARG A 1 57  ? 6.610   1.784   -8.526  1.00 53.79  ? 57  ARG A CD  1 
ATOM   447  N NE  . ARG A 1 57  ? 7.939   1.202   -8.533  1.00 55.56  ? 57  ARG A NE  1 
ATOM   448  C CZ  . ARG A 1 57  ? 8.248   0.076   -7.882  1.00 55.63  ? 57  ARG A CZ  1 
ATOM   449  N NH1 . ARG A 1 57  ? 7.329   -0.596  -7.206  1.00 56.72  ? 57  ARG A NH1 1 
ATOM   450  N NH2 . ARG A 1 57  ? 9.483   -0.368  -7.888  1.00 54.74  ? 57  ARG A NH2 1 
ATOM   451  N N   . LYS A 1 58  ? 6.742   7.375   -10.218 1.00 50.55  ? 58  LYS A N   1 
ATOM   452  C CA  . LYS A 1 58  ? 6.877   8.705   -9.597  1.00 49.72  ? 58  LYS A CA  1 
ATOM   453  C C   . LYS A 1 58  ? 6.552   8.573   -8.105  1.00 49.58  ? 58  LYS A C   1 
ATOM   454  O O   . LYS A 1 58  ? 5.433   8.116   -7.786  1.00 47.33  ? 58  LYS A O   1 
ATOM   455  C CB  . LYS A 1 58  ? 5.935   9.709   -10.259 1.00 54.26  ? 58  LYS A CB  1 
ATOM   456  C CG  . LYS A 1 58  ? 5.848   11.031  -9.506  1.00 59.62  ? 58  LYS A CG  1 
ATOM   457  C CD  . LYS A 1 58  ? 5.558   12.240  -10.368 1.00 67.62  ? 58  LYS A CD  1 
ATOM   458  C CE  . LYS A 1 58  ? 5.943   13.533  -9.679  1.00 65.17  ? 58  LYS A CE  1 
ATOM   459  N NZ  . LYS A 1 58  ? 5.123   14.653  -10.188 1.00 73.65  ? 58  LYS A NZ  1 
ATOM   460  N N   . ASN A 1 59  ? 7.461   8.993   -7.223  1.00 45.71  ? 59  ASN A N   1 
ATOM   461  C CA  . ASN A 1 59  ? 7.304   8.823   -5.757  1.00 41.25  ? 59  ASN A CA  1 
ATOM   462  C C   . ASN A 1 59  ? 6.883   10.157  -5.175  1.00 42.31  ? 59  ASN A C   1 
ATOM   463  O O   . ASN A 1 59  ? 7.602   11.151  -5.390  1.00 45.63  ? 59  ASN A O   1 
ATOM   464  C CB  . ASN A 1 59  ? 8.581   8.379   -5.047  1.00 43.47  ? 59  ASN A CB  1 
ATOM   465  C CG  . ASN A 1 59  ? 9.092   7.013   -5.446  1.00 44.70  ? 59  ASN A CG  1 
ATOM   466  O OD1 . ASN A 1 59  ? 9.601   6.289   -4.606  1.00 48.71  ? 59  ASN A OD1 1 
ATOM   467  N ND2 . ASN A 1 59  ? 9.018   6.667   -6.722  1.00 50.50  ? 59  ASN A ND2 1 
ATOM   468  N N   . ILE A 1 60  ? 5.741   10.152  -4.493  1.00 42.72  ? 60  ILE A N   1 
ATOM   469  C CA  . ILE A 1 60  ? 5.119   11.319  -3.834  1.00 38.87  ? 60  ILE A CA  1 
ATOM   470  C C   . ILE A 1 60  ? 4.994   10.978  -2.355  1.00 42.78  ? 60  ILE A C   1 
ATOM   471  O O   . ILE A 1 60  ? 4.318   9.999   -2.007  1.00 45.02  ? 60  ILE A O   1 
ATOM   472  C CB  . ILE A 1 60  ? 3.777   11.642  -4.511  1.00 41.79  ? 60  ILE A CB  1 
ATOM   473  C CG1 . ILE A 1 60  ? 3.974   12.008  -5.987  1.00 46.34  ? 60  ILE A CG1 1 
ATOM   474  C CG2 . ILE A 1 60  ? 3.048   12.737  -3.778  1.00 48.08  ? 60  ILE A CG2 1 
ATOM   475  C CD1 . ILE A 1 60  ? 2.799   11.653  -6.873  1.00 46.97  ? 60  ILE A CD1 1 
ATOM   476  N N   . ILE A 1 61  ? 5.654   11.768  -1.521  1.00 47.39  ? 61  ILE A N   1 
ATOM   477  C CA  . ILE A 1 61  ? 5.612   11.639  -0.047  1.00 43.58  ? 61  ILE A CA  1 
ATOM   478  C C   . ILE A 1 61  ? 4.650   12.680  0.496   1.00 41.88  ? 61  ILE A C   1 
ATOM   479  O O   . ILE A 1 61  ? 4.910   13.872  0.316   1.00 48.90  ? 61  ILE A O   1 
ATOM   480  C CB  . ILE A 1 61  ? 7.012   11.832  0.528   1.00 50.51  ? 61  ILE A CB  1 
ATOM   481  C CG1 . ILE A 1 61  ? 8.100   11.177  -0.344  1.00 51.07  ? 61  ILE A CG1 1 
ATOM   482  C CG2 . ILE A 1 61  ? 7.036   11.408  1.993   1.00 47.40  ? 61  ILE A CG2 1 
ATOM   483  C CD1 . ILE A 1 61  ? 7.874   9.762   -0.732  1.00 48.11  ? 61  ILE A CD1 1 
ATOM   484  N N   . LEU A 1 62  ? 3.574   12.245  1.130   1.00 42.97  ? 62  LEU A N   1 
ATOM   485  C CA  . LEU A 1 62  ? 2.639   13.158  1.818   1.00 42.84  ? 62  LEU A CA  1 
ATOM   486  C C   . LEU A 1 62  ? 3.156   13.277  3.236   1.00 47.23  ? 62  LEU A C   1 
ATOM   487  O O   . LEU A 1 62  ? 3.205   12.220  3.907   1.00 47.28  ? 62  LEU A O   1 
ATOM   488  C CB  . LEU A 1 62  ? 1.216   12.600  1.772   1.00 46.96  ? 62  LEU A CB  1 
ATOM   489  C CG  . LEU A 1 62  ? 0.162   13.314  2.625   1.00 45.23  ? 62  LEU A CG  1 
ATOM   490  C CD1 . LEU A 1 62  ? 0.015   14.785  2.271   1.00 44.77  ? 62  LEU A CD1 1 
ATOM   491  C CD2 . LEU A 1 62  ? -1.167  12.621  2.464   1.00 52.26  ? 62  LEU A CD2 1 
ATOM   492  N N   . SER A 1 63  ? 3.577   14.490  3.613   1.00 49.02  ? 63  SER A N   1 
ATOM   493  C CA  . SER A 1 63  ? 4.192   14.871  4.919   1.00 52.74  ? 63  SER A CA  1 
ATOM   494  C C   . SER A 1 63  ? 3.850   16.328  5.245   1.00 53.57  ? 63  SER A C   1 
ATOM   495  O O   . SER A 1 63  ? 3.845   17.148  4.307   1.00 50.80  ? 63  SER A O   1 
ATOM   496  C CB  . SER A 1 63  ? 5.698   14.704  4.879   1.00 55.02  ? 63  SER A CB  1 
ATOM   497  O OG  . SER A 1 63  ? 6.287   15.052  6.127   1.00 53.96  ? 63  SER A OG  1 
ATOM   498  N N   . SER A 1 64  ? 3.632   16.650  6.519   1.00 59.19  ? 64  SER A N   1 
ATOM   499  C CA  . SER A 1 64  ? 3.517   18.051  7.013   1.00 64.50  ? 64  SER A CA  1 
ATOM   500  C C   . SER A 1 64  ? 4.918   18.686  7.129   1.00 62.18  ? 64  SER A C   1 
ATOM   501  O O   . SER A 1 64  ? 4.993   19.905  7.209   1.00 65.33  ? 64  SER A O   1 
ATOM   502  C CB  . SER A 1 64  ? 2.782   18.112  8.338   1.00 67.14  ? 64  SER A CB  1 
ATOM   503  O OG  . SER A 1 64  ? 3.621   17.645  9.392   1.00 68.78  ? 64  SER A OG  1 
ATOM   504  N N   . GLN A 1 65  ? 5.990   17.895  7.163   1.00 63.94  ? 65  GLN A N   1 
ATOM   505  C CA  . GLN A 1 65  ? 7.381   18.394  7.312   1.00 67.78  ? 65  GLN A CA  1 
ATOM   506  C C   . GLN A 1 65  ? 7.943   18.676  5.926   1.00 67.17  ? 65  GLN A C   1 
ATOM   507  O O   . GLN A 1 65  ? 7.450   18.104  4.964   1.00 62.55  ? 65  GLN A O   1 
ATOM   508  C CB  . GLN A 1 65  ? 8.259   17.365  8.020   1.00 73.01  ? 65  GLN A CB  1 
ATOM   509  C CG  . GLN A 1 65  ? 7.854   17.092  9.461   1.00 85.76  ? 65  GLN A CG  1 
ATOM   510  C CD  . GLN A 1 65  ? 8.796   16.111  10.133  1.00 96.43  ? 65  GLN A CD  1 
ATOM   511  O OE1 . GLN A 1 65  ? 9.487   15.318  9.483   1.00 80.62  ? 65  GLN A OE1 1 
ATOM   512  N NE2 . GLN A 1 65  ? 8.848   16.164  11.455  1.00 104.71 ? 65  GLN A NE2 1 
ATOM   513  N N   . PRO A 1 66  ? 8.981   19.542  5.781   1.00 71.65  ? 66  PRO A N   1 
ATOM   514  C CA  . PRO A 1 66  ? 9.598   19.800  4.476   1.00 67.44  ? 66  PRO A CA  1 
ATOM   515  C C   . PRO A 1 66  ? 10.482  18.636  4.015   1.00 56.49  ? 66  PRO A C   1 
ATOM   516  O O   . PRO A 1 66  ? 10.909  17.848  4.831   1.00 59.47  ? 66  PRO A O   1 
ATOM   517  C CB  . PRO A 1 66  ? 10.439  21.064  4.709   1.00 73.19  ? 66  PRO A CB  1 
ATOM   518  C CG  . PRO A 1 66  ? 10.800  20.991  6.184   1.00 74.07  ? 66  PRO A CG  1 
ATOM   519  C CD  . PRO A 1 66  ? 9.605   20.337  6.854   1.00 72.50  ? 66  PRO A CD  1 
ATOM   520  N N   . GLY A 1 67  ? 10.707  18.566  2.704   1.00 56.89  ? 67  GLY A N   1 
ATOM   521  C CA  . GLY A 1 67  ? 11.357  17.430  2.032   1.00 61.18  ? 67  GLY A CA  1 
ATOM   522  C C   . GLY A 1 67  ? 12.839  17.355  2.345   1.00 62.10  ? 67  GLY A C   1 
ATOM   523  O O   . GLY A 1 67  ? 13.430  18.417  2.570   1.00 58.29  ? 67  GLY A O   1 
ATOM   524  N N   . THR A 1 68  ? 13.433  16.153  2.352   1.00 49.42  ? 68  THR A N   1 
ATOM   525  C CA  . THR A 1 68  ? 14.878  15.996  2.653   1.00 51.86  ? 68  THR A CA  1 
ATOM   526  C C   . THR A 1 68  ? 15.528  15.102  1.611   1.00 51.20  ? 68  THR A C   1 
ATOM   527  O O   . THR A 1 68  ? 16.621  14.565  1.919   1.00 52.18  ? 68  THR A O   1 
ATOM   528  C CB  . THR A 1 68  ? 15.047  15.524  4.095   1.00 53.45  ? 68  THR A CB  1 
ATOM   529  O OG1 . THR A 1 68  ? 14.256  14.350  4.240   1.00 56.33  ? 68  THR A OG1 1 
ATOM   530  C CG2 . THR A 1 68  ? 14.560  16.550  5.092   1.00 59.31  ? 68  THR A CG2 1 
ATOM   531  N N   . ASP A 1 69  ? 14.896  14.963  0.437   1.00 48.48  ? 69  ASP A N   1 
ATOM   532  C CA  . ASP A 1 69  ? 15.456  14.169  -0.692  1.00 49.91  ? 69  ASP A CA  1 
ATOM   533  C C   . ASP A 1 69  ? 14.877  14.662  -2.024  1.00 47.52  ? 69  ASP A C   1 
ATOM   534  O O   . ASP A 1 69  ? 13.671  14.688  -2.140  1.00 52.30  ? 69  ASP A O   1 
ATOM   535  C CB  . ASP A 1 69  ? 15.199  12.686  -0.442  1.00 51.02  ? 69  ASP A CB  1 
ATOM   536  C CG  . ASP A 1 69  ? 15.943  11.783  -1.398  1.00 50.96  ? 69  ASP A CG  1 
ATOM   537  O OD1 . ASP A 1 69  ? 15.960  12.102  -2.565  1.00 52.13  ? 69  ASP A OD1 1 
ATOM   538  O OD2 . ASP A 1 69  ? 16.520  10.773  -0.941  1.00 55.97  ? 69  ASP A OD2 1 
ATOM   539  N N   . ASP A 1 70  ? 15.707  14.985  -3.014  1.00 50.17  ? 70  ASP A N   1 
ATOM   540  C CA  . ASP A 1 70  ? 15.247  15.720  -4.222  1.00 51.14  ? 70  ASP A CA  1 
ATOM   541  C C   . ASP A 1 70  ? 14.829  14.708  -5.289  1.00 51.99  ? 70  ASP A C   1 
ATOM   542  O O   . ASP A 1 70  ? 14.319  15.145  -6.334  1.00 59.07  ? 70  ASP A O   1 
ATOM   543  C CB  . ASP A 1 70  ? 16.269  16.776  -4.677  1.00 51.06  ? 70  ASP A CB  1 
ATOM   544  C CG  . ASP A 1 70  ? 17.629  16.291  -5.198  1.00 66.91  ? 70  ASP A CG  1 
ATOM   545  O OD1 . ASP A 1 70  ? 17.757  15.101  -5.596  1.00 62.43  ? 70  ASP A OD1 1 
ATOM   546  O OD2 . ASP A 1 70  ? 18.582  17.124  -5.209  1.00 69.56  ? 70  ASP A OD2 1 
ATOM   547  N N   . ARG A 1 71  ? 15.012  13.408  -5.047  1.00 49.92  ? 71  ARG A N   1 
ATOM   548  C CA  . ARG A 1 71  ? 14.716  12.339  -6.043  1.00 55.42  ? 71  ARG A CA  1 
ATOM   549  C C   . ARG A 1 71  ? 13.228  11.973  -5.993  1.00 53.93  ? 71  ARG A C   1 
ATOM   550  O O   . ARG A 1 71  ? 12.783  11.168  -6.809  1.00 54.37  ? 71  ARG A O   1 
ATOM   551  C CB  . ARG A 1 71  ? 15.547  11.085  -5.779  1.00 60.02  ? 71  ARG A CB  1 
ATOM   552  C CG  . ARG A 1 71  ? 17.043  11.256  -5.993  1.00 60.76  ? 71  ARG A CG  1 
ATOM   553  C CD  . ARG A 1 71  ? 17.821  10.066  -5.455  1.00 58.76  ? 71  ARG A CD  1 
ATOM   554  N NE  . ARG A 1 71  ? 17.580  9.925   -4.030  1.00 56.54  ? 71  ARG A NE  1 
ATOM   555  C CZ  . ARG A 1 71  ? 17.953  8.881   -3.305  1.00 53.82  ? 71  ARG A CZ  1 
ATOM   556  N NH1 . ARG A 1 71  ? 18.580  7.866   -3.864  1.00 52.16  ? 71  ARG A NH1 1 
ATOM   557  N NH2 . ARG A 1 71  ? 17.679  8.848   -2.017  1.00 50.21  ? 71  ARG A NH2 1 
ATOM   558  N N   . VAL A 1 72  ? 12.501  12.540  -5.040  1.00 50.79  ? 72  VAL A N   1 
ATOM   559  C CA  . VAL A 1 72  ? 11.056  12.293  -4.850  1.00 48.86  ? 72  VAL A CA  1 
ATOM   560  C C   . VAL A 1 72  ? 10.385  13.651  -4.723  1.00 48.59  ? 72  VAL A C   1 
ATOM   561  O O   . VAL A 1 72  ? 11.084  14.630  -4.474  1.00 51.55  ? 72  VAL A O   1 
ATOM   562  C CB  . VAL A 1 72  ? 10.792  11.381  -3.635  1.00 44.98  ? 72  VAL A CB  1 
ATOM   563  C CG1 . VAL A 1 72  ? 11.561  10.074  -3.755  1.00 45.82  ? 72  VAL A CG1 1 
ATOM   564  C CG2 . VAL A 1 72  ? 11.076  12.049  -2.298  1.00 49.43  ? 72  VAL A CG2 1 
ATOM   565  N N   . THR A 1 73  ? 9.070   13.659  -4.873  1.00 46.83  ? 73  THR A N   1 
ATOM   566  C CA  . THR A 1 73  ? 8.186   14.829  -4.729  1.00 49.30  ? 73  THR A CA  1 
ATOM   567  C C   . THR A 1 73  ? 7.596   14.855  -3.324  1.00 47.02  ? 73  THR A C   1 
ATOM   568  O O   . THR A 1 73  ? 7.004   13.850  -2.964  1.00 53.28  ? 73  THR A O   1 
ATOM   569  C CB  . THR A 1 73  ? 7.072   14.742  -5.780  1.00 49.56  ? 73  THR A CB  1 
ATOM   570  O OG1 . THR A 1 73  ? 7.729   14.680  -7.049  1.00 53.31  ? 73  THR A OG1 1 
ATOM   571  C CG2 . THR A 1 73  ? 6.113   15.909  -5.732  1.00 47.63  ? 73  THR A CG2 1 
ATOM   572  N N   . TRP A 1 74  ? 7.658   15.993  -2.626  1.00 43.99  ? 74  TRP A N   1 
ATOM   573  C CA  . TRP A 1 74  ? 7.041   16.185  -1.287  1.00 46.41  ? 74  TRP A CA  1 
ATOM   574  C C   . TRP A 1 74  ? 5.831   17.107  -1.396  1.00 48.72  ? 74  TRP A C   1 
ATOM   575  O O   . TRP A 1 74  ? 5.903   18.088  -2.138  1.00 55.59  ? 74  TRP A O   1 
ATOM   576  C CB  . TRP A 1 74  ? 8.050   16.749  -0.282  1.00 47.25  ? 74  TRP A CB  1 
ATOM   577  C CG  . TRP A 1 74  ? 9.242   15.864  -0.174  1.00 48.13  ? 74  TRP A CG  1 
ATOM   578  C CD1 . TRP A 1 74  ? 10.219  15.704  -1.101  1.00 47.69  ? 74  TRP A CD1 1 
ATOM   579  C CD2 . TRP A 1 74  ? 9.545   14.963  0.897   1.00 43.09  ? 74  TRP A CD2 1 
ATOM   580  N NE1 . TRP A 1 74  ? 11.143  14.806  -0.649  1.00 44.27  ? 74  TRP A NE1 1 
ATOM   581  C CE2 . TRP A 1 74  ? 10.756  14.342  0.574   1.00 45.75  ? 74  TRP A CE2 1 
ATOM   582  C CE3 . TRP A 1 74  ? 8.943   14.683  2.124   1.00 47.60  ? 74  TRP A CE3 1 
ATOM   583  C CZ2 . TRP A 1 74  ? 11.378  13.424  1.419   1.00 52.32  ? 74  TRP A CZ2 1 
ATOM   584  C CZ3 . TRP A 1 74  ? 9.540   13.763  2.952   1.00 49.59  ? 74  TRP A CZ3 1 
ATOM   585  C CH2 . TRP A 1 74  ? 10.739  13.142  2.600   1.00 52.18  ? 74  TRP A CH2 1 
ATOM   586  N N   . VAL A 1 75  ? 4.764   16.793  -0.669  1.00 44.24  ? 75  VAL A N   1 
ATOM   587  C CA  . VAL A 1 75  ? 3.502   17.566  -0.711  1.00 43.83  ? 75  VAL A CA  1 
ATOM   588  C C   . VAL A 1 75  ? 2.946   17.577  0.702   1.00 46.99  ? 75  VAL A C   1 
ATOM   589  O O   . VAL A 1 75  ? 3.359   16.720  1.483   1.00 47.92  ? 75  VAL A O   1 
ATOM   590  C CB  . VAL A 1 75  ? 2.505   16.954  -1.711  1.00 45.98  ? 75  VAL A CB  1 
ATOM   591  C CG1 . VAL A 1 75  ? 3.017   17.021  -3.142  1.00 44.93  ? 75  VAL A CG1 1 
ATOM   592  C CG2 . VAL A 1 75  ? 2.158   15.519  -1.354  1.00 48.31  ? 75  VAL A CG2 1 
ATOM   593  N N   . LYS A 1 76  ? 1.963   18.436  0.963   1.00 45.86  ? 76  LYS A N   1 
ATOM   594  C CA  . LYS A 1 76  ? 1.416   18.684  2.321   1.00 49.63  ? 76  LYS A CA  1 
ATOM   595  C C   . LYS A 1 76  ? -0.048  18.247  2.398   1.00 49.30  ? 76  LYS A C   1 
ATOM   596  O O   . LYS A 1 76  ? -0.567  18.120  3.528   1.00 52.63  ? 76  LYS A O   1 
ATOM   597  C CB  . LYS A 1 76  ? 1.621   20.154  2.694   1.00 58.50  ? 76  LYS A CB  1 
ATOM   598  C CG  . LYS A 1 76  ? 3.081   20.550  2.895   1.00 70.72  ? 76  LYS A CG  1 
ATOM   599  C CD  . LYS A 1 76  ? 3.266   21.898  3.588   1.00 85.69  ? 76  LYS A CD  1 
ATOM   600  C CE  . LYS A 1 76  ? 4.085   21.806  4.864   1.00 95.26  ? 76  LYS A CE  1 
ATOM   601  N NZ  . LYS A 1 76  ? 5.303   22.650  4.820   1.00 99.56  ? 76  LYS A NZ  1 
ATOM   602  N N   . SER A 1 77  ? -0.688  17.935  1.273   1.00 46.98  ? 77  SER A N   1 
ATOM   603  C CA  . SER A 1 77  ? -2.157  17.732  1.263   1.00 48.19  ? 77  SER A CA  1 
ATOM   604  C C   . SER A 1 77  ? -2.495  16.554  0.357   1.00 44.08  ? 77  SER A C   1 
ATOM   605  O O   . SER A 1 77  ? -1.754  16.295  -0.591  1.00 40.92  ? 77  SER A O   1 
ATOM   606  C CB  . SER A 1 77  ? -2.869  19.020  0.837   1.00 45.44  ? 77  SER A CB  1 
ATOM   607  O OG  . SER A 1 77  ? -3.077  19.023  -0.572  1.00 51.42  ? 77  SER A OG  1 
ATOM   608  N N   . VAL A 1 78  ? -3.659  15.949  0.555   1.00 52.63  ? 78  VAL A N   1 
ATOM   609  C CA  . VAL A 1 78  ? -4.052  14.807  -0.313  1.00 51.23  ? 78  VAL A CA  1 
ATOM   610  C C   . VAL A 1 78  ? -4.296  15.384  -1.705  1.00 49.70  ? 78  VAL A C   1 
ATOM   611  O O   . VAL A 1 78  ? -3.830  14.735  -2.681  1.00 55.05  ? 78  VAL A O   1 
ATOM   612  C CB  . VAL A 1 78  ? -5.209  13.934  0.238   1.00 59.48  ? 78  VAL A CB  1 
ATOM   613  C CG1 . VAL A 1 78  ? -5.301  13.952  1.767   1.00 63.80  ? 78  VAL A CG1 1 
ATOM   614  C CG2 . VAL A 1 78  ? -6.555  14.236  -0.366  1.00 63.06  ? 78  VAL A CG2 1 
ATOM   615  N N   . ASP A 1 79  ? -4.922  16.570  -1.822  1.00 47.18  ? 79  ASP A N   1 
ATOM   616  C CA  . ASP A 1 79  ? -5.172  17.207  -3.157  1.00 51.07  ? 79  ASP A CA  1 
ATOM   617  C C   . ASP A 1 79  ? -3.834  17.462  -3.878  1.00 46.73  ? 79  ASP A C   1 
ATOM   618  O O   . ASP A 1 79  ? -3.686  17.059  -5.072  1.00 46.16  ? 79  ASP A O   1 
ATOM   619  C CB  . ASP A 1 79  ? -6.046  18.460  -3.036  1.00 54.29  ? 79  ASP A CB  1 
ATOM   620  C CG  . ASP A 1 79  ? -7.526  18.140  -2.833  1.00 54.74  ? 79  ASP A CG  1 
ATOM   621  O OD1 . ASP A 1 79  ? -7.943  16.987  -3.087  1.00 66.76  ? 79  ASP A OD1 1 
ATOM   622  O OD2 . ASP A 1 79  ? -8.253  19.041  -2.414  1.00 64.21  ? 79  ASP A OD2 1 
ATOM   623  N N   . GLU A 1 80  ? -2.852  18.020  -3.182  1.00 40.35  ? 80  GLU A N   1 
ATOM   624  C CA  . GLU A 1 80  ? -1.491  18.213  -3.764  1.00 43.68  ? 80  GLU A CA  1 
ATOM   625  C C   . GLU A 1 80  ? -0.937  16.859  -4.221  1.00 44.45  ? 80  GLU A C   1 
ATOM   626  O O   . GLU A 1 80  ? -0.403  16.772  -5.380  1.00 45.68  ? 80  GLU A O   1 
ATOM   627  C CB  . GLU A 1 80  ? -0.598  18.950  -2.757  1.00 47.36  ? 80  GLU A CB  1 
ATOM   628  C CG  . GLU A 1 80  ? -1.030  20.404  -2.536  1.00 49.29  ? 80  GLU A CG  1 
ATOM   629  C CD  . GLU A 1 80  ? -0.446  21.096  -1.313  1.00 55.20  ? 80  GLU A CD  1 
ATOM   630  O OE1 . GLU A 1 80  ? 0.243   20.423  -0.530  1.00 54.65  ? 80  GLU A OE1 1 
ATOM   631  O OE2 . GLU A 1 80  ? -0.679  22.311  -1.149  1.00 53.39  ? 80  GLU A OE2 1 
ATOM   632  N N   . ALA A 1 81  ? -1.087  15.803  -3.402  1.00 42.08  ? 81  ALA A N   1 
ATOM   633  C CA  . ALA A 1 81  ? -0.556  14.467  -3.776  1.00 43.29  ? 81  ALA A CA  1 
ATOM   634  C C   . ALA A 1 81  ? -1.208  13.982  -5.078  1.00 41.94  ? 81  ALA A C   1 
ATOM   635  O O   . ALA A 1 81  ? -0.527  13.430  -5.941  1.00 43.83  ? 81  ALA A O   1 
ATOM   636  C CB  . ALA A 1 81  ? -0.782  13.485  -2.656  1.00 46.61  ? 81  ALA A CB  1 
ATOM   637  N N   . ILE A 1 82  ? -2.510  14.187  -5.209  1.00 45.08  ? 82  ILE A N   1 
ATOM   638  C CA  . ILE A 1 82  ? -3.294  13.676  -6.361  1.00 46.76  ? 82  ILE A CA  1 
ATOM   639  C C   . ILE A 1 82  ? -2.855  14.476  -7.591  1.00 41.92  ? 82  ILE A C   1 
ATOM   640  O O   . ILE A 1 82  ? -2.475  13.870  -8.579  1.00 46.53  ? 82  ILE A O   1 
ATOM   641  C CB  . ILE A 1 82  ? -4.803  13.773  -6.038  1.00 51.16  ? 82  ILE A CB  1 
ATOM   642  C CG1 . ILE A 1 82  ? -5.190  12.788  -4.928  1.00 46.93  ? 82  ILE A CG1 1 
ATOM   643  C CG2 . ILE A 1 82  ? -5.651  13.586  -7.297  1.00 49.74  ? 82  ILE A CG2 1 
ATOM   644  C CD1 . ILE A 1 82  ? -6.560  13.047  -4.331  1.00 48.71  ? 82  ILE A CD1 1 
ATOM   645  N N   . ALA A 1 83  ? -2.796  15.795  -7.467  1.00 45.18  ? 83  ALA A N   1 
ATOM   646  C CA  . ALA A 1 83  ? -2.448  16.728  -8.571  1.00 49.58  ? 83  ALA A CA  1 
ATOM   647  C C   . ALA A 1 83  ? -1.059  16.384  -9.094  1.00 44.00  ? 83  ALA A C   1 
ATOM   648  O O   . ALA A 1 83  ? -0.927  16.268  -10.301 1.00 48.17  ? 83  ALA A O   1 
ATOM   649  C CB  . ALA A 1 83  ? -2.559  18.175  -8.106  1.00 47.35  ? 83  ALA A CB  1 
ATOM   650  N N   . ALA A 1 84  ? -0.095  16.093  -8.216  1.00 47.32  ? 84  ALA A N   1 
ATOM   651  C CA  . ALA A 1 84  ? 1.284   15.713  -8.631  1.00 44.13  ? 84  ALA A CA  1 
ATOM   652  C C   . ALA A 1 84  ? 1.280   14.390  -9.386  1.00 44.45  ? 84  ALA A C   1 
ATOM   653  O O   . ALA A 1 84  ? 2.289   14.088  -10.033 1.00 46.96  ? 84  ALA A O   1 
ATOM   654  C CB  . ALA A 1 84  ? 2.220   15.637  -7.450  1.00 44.76  ? 84  ALA A CB  1 
ATOM   655  N N   . CYS A 1 85  ? 0.196   13.623  -9.378  1.00 46.02  ? 85  CYS A N   1 
ATOM   656  C CA  . CYS A 1 85  ? 0.182   12.351  -10.162 1.00 57.58  ? 85  CYS A CA  1 
ATOM   657  C C   . CYS A 1 85  ? -0.042  12.643  -11.647 1.00 59.46  ? 85  CYS A C   1 
ATOM   658  O O   . CYS A 1 85  ? 0.470   11.856  -12.502 1.00 53.68  ? 85  CYS A O   1 
ATOM   659  C CB  . CYS A 1 85  ? -0.845  11.384  -9.612  1.00 59.56  ? 85  CYS A CB  1 
ATOM   660  S SG  . CYS A 1 85  ? -0.328  10.836  -7.968  1.00 54.83  ? 85  CYS A SG  1 
ATOM   661  N N   . GLY A 1 86  ? -0.715  13.761  -11.934 1.00 57.09  ? 86  GLY A N   1 
ATOM   662  C CA  . GLY A 1 86  ? -1.025  14.163  -13.314 1.00 61.14  ? 86  GLY A CA  1 
ATOM   663  C C   . GLY A 1 86  ? -2.179  13.345  -13.841 1.00 58.04  ? 86  GLY A C   1 
ATOM   664  O O   . GLY A 1 86  ? -2.906  12.793  -13.005 1.00 54.66  ? 86  GLY A O   1 
ATOM   665  N N   . ASP A 1 87  ? -2.381  13.353  -15.159 1.00 70.82  ? 87  ASP A N   1 
ATOM   666  C CA  . ASP A 1 87  ? -3.423  12.558  -15.865 1.00 71.96  ? 87  ASP A CA  1 
ATOM   667  C C   . ASP A 1 87  ? -2.833  11.160  -16.069 1.00 61.07  ? 87  ASP A C   1 
ATOM   668  O O   . ASP A 1 87  ? -1.859  10.998  -16.865 1.00 64.85  ? 87  ASP A O   1 
ATOM   669  C CB  . ASP A 1 87  ? -3.888  13.226  -17.165 1.00 80.36  ? 87  ASP A CB  1 
ATOM   670  C CG  . ASP A 1 87  ? -5.069  12.516  -17.809 1.00 92.80  ? 87  ASP A CG  1 
ATOM   671  O OD1 . ASP A 1 87  ? -5.157  11.282  -17.658 1.00 109.41 ? 87  ASP A OD1 1 
ATOM   672  O OD2 . ASP A 1 87  ? -5.903  13.197  -18.449 1.00 94.17  ? 87  ASP A OD2 1 
ATOM   673  N N   . VAL A 1 88  ? -3.307  10.210  -15.272 1.00 52.67  ? 88  VAL A N   1 
ATOM   674  C CA  . VAL A 1 88  ? -2.860  8.794   -15.329 1.00 49.62  ? 88  VAL A CA  1 
ATOM   675  C C   . VAL A 1 88  ? -4.081  7.964   -15.030 1.00 45.27  ? 88  VAL A C   1 
ATOM   676  O O   . VAL A 1 88  ? -4.961  8.394   -14.292 1.00 46.26  ? 88  VAL A O   1 
ATOM   677  C CB  . VAL A 1 88  ? -1.727  8.469   -14.349 1.00 55.15  ? 88  VAL A CB  1 
ATOM   678  C CG1 . VAL A 1 88  ? -0.424  9.168   -14.723 1.00 54.83  ? 88  VAL A CG1 1 
ATOM   679  C CG2 . VAL A 1 88  ? -2.156  8.784   -12.933 1.00 59.32  ? 88  VAL A CG2 1 
ATOM   680  N N   . PRO A 1 89  ? -4.153  6.764   -15.624 1.00 47.68  ? 89  PRO A N   1 
ATOM   681  C CA  . PRO A 1 89  ? -5.254  5.853   -15.344 1.00 48.51  ? 89  PRO A CA  1 
ATOM   682  C C   . PRO A 1 89  ? -5.329  5.501   -13.837 1.00 56.58  ? 89  PRO A C   1 
ATOM   683  O O   . PRO A 1 89  ? -6.409  5.491   -13.297 1.00 46.94  ? 89  PRO A O   1 
ATOM   684  C CB  . PRO A 1 89  ? -4.918  4.584   -16.141 1.00 55.78  ? 89  PRO A CB  1 
ATOM   685  C CG  . PRO A 1 89  ? -3.668  4.895   -16.986 1.00 53.13  ? 89  PRO A CG  1 
ATOM   686  C CD  . PRO A 1 89  ? -3.123  6.228   -16.532 1.00 48.96  ? 89  PRO A CD  1 
ATOM   687  N N   . GLU A 1 90  ? -4.199  5.213   -13.172 1.00 48.96  ? 90  GLU A N   1 
ATOM   688  C CA  . GLU A 1 90  ? -4.234  4.624   -11.800 1.00 47.20  ? 90  GLU A CA  1 
ATOM   689  C C   . GLU A 1 90  ? -3.166  5.228   -10.871 1.00 43.58  ? 90  GLU A C   1 
ATOM   690  O O   . GLU A 1 90  ? -1.964  5.130   -11.193 1.00 43.04  ? 90  GLU A O   1 
ATOM   691  C CB  . GLU A 1 90  ? -4.049  3.100   -11.875 1.00 46.01  ? 90  GLU A CB  1 
ATOM   692  C CG  . GLU A 1 90  ? -4.441  2.426   -10.575 1.00 42.86  ? 90  GLU A CG  1 
ATOM   693  C CD  . GLU A 1 90  ? -4.490  0.921   -10.563 1.00 39.96  ? 90  GLU A CD  1 
ATOM   694  O OE1 . GLU A 1 90  ? -3.795  0.288   -11.377 1.00 42.96  ? 90  GLU A OE1 1 
ATOM   695  O OE2 . GLU A 1 90  ? -5.168  0.389   -9.669  1.00 45.75  ? 90  GLU A OE2 1 
ATOM   696  N N   . ILE A 1 91  ? -3.615  5.790   -9.745  1.00 42.82  ? 91  ILE A N   1 
ATOM   697  C CA  . ILE A 1 91  ? -2.786  6.250   -8.597  1.00 41.77  ? 91  ILE A CA  1 
ATOM   698  C C   . ILE A 1 91  ? -2.779  5.169   -7.500  1.00 46.70  ? 91  ILE A C   1 
ATOM   699  O O   . ILE A 1 91  ? -3.865  4.731   -7.103  1.00 45.00  ? 91  ILE A O   1 
ATOM   700  C CB  . ILE A 1 91  ? -3.319  7.565   -8.041  1.00 45.60  ? 91  ILE A CB  1 
ATOM   701  C CG1 . ILE A 1 91  ? -3.356  8.653   -9.118  1.00 46.04  ? 91  ILE A CG1 1 
ATOM   702  C CG2 . ILE A 1 91  ? -2.458  7.982   -6.857  1.00 52.24  ? 91  ILE A CG2 1 
ATOM   703  C CD1 . ILE A 1 91  ? -3.858  9.984   -8.608  1.00 44.48  ? 91  ILE A CD1 1 
ATOM   704  N N   . MET A 1 92  ? -1.584  4.760   -7.063  1.00 41.16  ? 92  MET A N   1 
ATOM   705  C CA  . MET A 1 92  ? -1.327  3.687   -6.070  1.00 44.32  ? 92  MET A CA  1 
ATOM   706  C C   . MET A 1 92  ? -0.888  4.335   -4.754  1.00 45.46  ? 92  MET A C   1 
ATOM   707  O O   . MET A 1 92  ? 0.198   4.986   -4.734  1.00 45.53  ? 92  MET A O   1 
ATOM   708  C CB  . MET A 1 92  ? -0.214  2.754   -6.541  1.00 42.20  ? 92  MET A CB  1 
ATOM   709  C CG  . MET A 1 92  ? -0.468  2.088   -7.858  1.00 45.06  ? 92  MET A CG  1 
ATOM   710  S SD  . MET A 1 92  ? -2.002  1.154   -7.843  1.00 45.87  ? 92  MET A SD  1 
ATOM   711  C CE  . MET A 1 92  ? -1.480  -0.280  -6.902  1.00 44.57  ? 92  MET A CE  1 
ATOM   712  N N   . VAL A 1 93  ? -1.725  4.200   -3.721  1.00 41.42  ? 93  VAL A N   1 
ATOM   713  C CA  . VAL A 1 93  ? -1.416  4.623   -2.325  1.00 42.40  ? 93  VAL A CA  1 
ATOM   714  C C   . VAL A 1 93  ? -0.842  3.439   -1.546  1.00 43.95  ? 93  VAL A C   1 
ATOM   715  O O   . VAL A 1 93  ? -1.553  2.412   -1.426  1.00 41.83  ? 93  VAL A O   1 
ATOM   716  C CB  . VAL A 1 93  ? -2.682  5.158   -1.676  1.00 43.22  ? 93  VAL A CB  1 
ATOM   717  C CG1 . VAL A 1 93  ? -2.359  5.586   -0.270  1.00 51.22  ? 93  VAL A CG1 1 
ATOM   718  C CG2 . VAL A 1 93  ? -3.255  6.307   -2.500  1.00 49.23  ? 93  VAL A CG2 1 
ATOM   719  N N   . ILE A 1 94  ? 0.402   3.556   -1.080  1.00 42.79  ? 94  ILE A N   1 
ATOM   720  C CA  . ILE A 1 94  ? 1.200   2.393   -0.617  1.00 45.82  ? 94  ILE A CA  1 
ATOM   721  C C   . ILE A 1 94  ? 1.435   2.439   0.903   1.00 47.75  ? 94  ILE A C   1 
ATOM   722  O O   . ILE A 1 94  ? 2.267   1.649   1.362   1.00 45.36  ? 94  ILE A O   1 
ATOM   723  C CB  . ILE A 1 94  ? 2.506   2.269   -1.414  1.00 42.32  ? 94  ILE A CB  1 
ATOM   724  C CG1 . ILE A 1 94  ? 3.503   3.383   -1.092  1.00 41.95  ? 94  ILE A CG1 1 
ATOM   725  C CG2 . ILE A 1 94  ? 2.163   2.208   -2.890  1.00 45.47  ? 94  ILE A CG2 1 
ATOM   726  C CD1 . ILE A 1 94  ? 4.927   3.001   -1.319  1.00 41.09  ? 94  ILE A CD1 1 
ATOM   727  N N   . GLY A 1 95  ? 0.680   3.246   1.646   1.00 44.71  ? 95  GLY A N   1 
ATOM   728  C CA  . GLY A 1 95  ? 0.767   3.302   3.119   1.00 50.17  ? 95  GLY A CA  1 
ATOM   729  C C   . GLY A 1 95  ? 1.418   4.591   3.609   1.00 47.38  ? 95  GLY A C   1 
ATOM   730  O O   . GLY A 1 95  ? 1.761   5.439   2.805   1.00 51.14  ? 95  GLY A O   1 
ATOM   731  N N   . GLY A 1 96  ? 1.574   4.752   4.929   1.00 53.61  ? 96  GLY A N   1 
ATOM   732  C CA  . GLY A 1 96  ? 1.083   3.847   5.963   1.00 46.56  ? 96  GLY A CA  1 
ATOM   733  C C   . GLY A 1 96  ? -0.361  4.121   6.371   1.00 48.49  ? 96  GLY A C   1 
ATOM   734  O O   . GLY A 1 96  ? -1.133  4.675   5.548   1.00 56.65  ? 96  GLY A O   1 
ATOM   735  N N   . GLY A 1 97  ? -0.726  3.754   7.611   1.00 53.03  ? 97  GLY A N   1 
ATOM   736  C CA  . GLY A 1 97  ? -2.112  3.727   8.122   1.00 42.62  ? 97  GLY A CA  1 
ATOM   737  C C   . GLY A 1 97  ? -2.819  5.057   8.000   1.00 48.09  ? 97  GLY A C   1 
ATOM   738  O O   . GLY A 1 97  ? -4.029  5.047   7.632   1.00 52.42  ? 97  GLY A O   1 
ATOM   739  N N   . ARG A 1 98  ? -2.146  6.158   8.354   1.00 54.50  ? 98  ARG A N   1 
ATOM   740  C CA  . ARG A 1 98  ? -2.727  7.539   8.248   1.00 63.64  ? 98  ARG A CA  1 
ATOM   741  C C   . ARG A 1 98  ? -3.048  7.824   6.776   1.00 56.88  ? 98  ARG A C   1 
ATOM   742  O O   . ARG A 1 98  ? -4.178  8.268   6.480   1.00 52.27  ? 98  ARG A O   1 
ATOM   743  C CB  . ARG A 1 98  ? -1.788  8.611   8.816   1.00 75.56  ? 98  ARG A CB  1 
ATOM   744  C CG  . ARG A 1 98  ? -1.701  8.609   10.338  1.00 101.22 ? 98  ARG A CG  1 
ATOM   745  C CD  . ARG A 1 98  ? -1.174  9.890   10.989  1.00 115.56 ? 98  ARG A CD  1 
ATOM   746  N NE  . ARG A 1 98  ? 0.191   10.261  10.605  1.00 122.18 ? 98  ARG A NE  1 
ATOM   747  C CZ  . ARG A 1 98  ? 1.306   9.609   10.953  1.00 127.73 ? 98  ARG A CZ  1 
ATOM   748  N NH1 . ARG A 1 98  ? 1.251   8.518   11.701  1.00 140.66 ? 98  ARG A NH1 1 
ATOM   749  N NH2 . ARG A 1 98  ? 2.484   10.049  10.542  1.00 114.61 ? 98  ARG A NH2 1 
ATOM   750  N N   . VAL A 1 99  ? -2.109  7.508   5.881   1.00 45.93  ? 99  VAL A N   1 
ATOM   751  C CA  . VAL A 1 99  ? -2.279  7.750   4.428   1.00 49.67  ? 99  VAL A CA  1 
ATOM   752  C C   . VAL A 1 99  ? -3.421  6.898   3.883   1.00 50.06  ? 99  VAL A C   1 
ATOM   753  O O   . VAL A 1 99  ? -4.239  7.463   3.132   1.00 45.94  ? 99  VAL A O   1 
ATOM   754  C CB  . VAL A 1 99  ? -0.973  7.541   3.669   1.00 48.42  ? 99  VAL A CB  1 
ATOM   755  C CG1 . VAL A 1 99  ? -1.198  7.579   2.177   1.00 49.42  ? 99  VAL A CG1 1 
ATOM   756  C CG2 . VAL A 1 99  ? 0.029   8.608   4.093   1.00 55.42  ? 99  VAL A CG2 1 
ATOM   757  N N   . TYR A 1 100 ? -3.484  5.614   4.245   1.00 46.68  ? 100 TYR A N   1 
ATOM   758  C CA  . TYR A 1 100 ? -4.593  4.723   3.828   1.00 47.35  ? 100 TYR A CA  1 
ATOM   759  C C   . TYR A 1 100 ? -5.905  5.350   4.269   1.00 45.81  ? 100 TYR A C   1 
ATOM   760  O O   . TYR A 1 100 ? -6.901  5.315   3.516   1.00 53.51  ? 100 TYR A O   1 
ATOM   761  C CB  . TYR A 1 100 ? -4.469  3.323   4.438   1.00 43.52  ? 100 TYR A CB  1 
ATOM   762  C CG  . TYR A 1 100 ? -3.368  2.475   3.857   1.00 43.87  ? 100 TYR A CG  1 
ATOM   763  C CD1 . TYR A 1 100 ? -3.120  2.406   2.493   1.00 45.05  ? 100 TYR A CD1 1 
ATOM   764  C CD2 . TYR A 1 100 ? -2.579  1.712   4.680   1.00 42.97  ? 100 TYR A CD2 1 
ATOM   765  C CE1 . TYR A 1 100 ? -2.107  1.615   1.978   1.00 41.23  ? 100 TYR A CE1 1 
ATOM   766  C CE2 . TYR A 1 100 ? -1.559  0.926   4.178   1.00 41.70  ? 100 TYR A CE2 1 
ATOM   767  C CZ  . TYR A 1 100 ? -1.358  0.827   2.824   1.00 40.78  ? 100 TYR A CZ  1 
ATOM   768  O OH  . TYR A 1 100 ? -0.321  0.050   2.390   1.00 37.91  ? 100 TYR A OH  1 
ATOM   769  N N   . GLU A 1 101 ? -5.914  5.893   5.478   1.00 51.93  ? 101 GLU A N   1 
ATOM   770  C CA  . GLU A 1 101 ? -7.145  6.462   6.078   1.00 59.73  ? 101 GLU A CA  1 
ATOM   771  C C   . GLU A 1 101 ? -7.627  7.618   5.210   1.00 55.29  ? 101 GLU A C   1 
ATOM   772  O O   . GLU A 1 101 ? -8.863  7.759   5.001   1.00 51.73  ? 101 GLU A O   1 
ATOM   773  C CB  . GLU A 1 101 ? -6.903  7.025   7.478   1.00 69.79  ? 101 GLU A CB  1 
ATOM   774  C CG  . GLU A 1 101 ? -8.161  7.054   8.323   1.00 83.83  ? 101 GLU A CG  1 
ATOM   775  C CD  . GLU A 1 101 ? -8.245  5.839   9.232   1.00 107.64 ? 101 GLU A CD  1 
ATOM   776  O OE1 . GLU A 1 101 ? -7.420  5.767   10.175  1.00 118.45 ? 101 GLU A OE1 1 
ATOM   777  O OE2 . GLU A 1 101 ? -9.093  4.947   8.971   1.00 105.82 ? 101 GLU A OE2 1 
ATOM   778  N N   . GLN A 1 102 ? -6.705  8.477   4.785   1.00 51.14  ? 102 GLN A N   1 
ATOM   779  C CA  . GLN A 1 102 ? -7.174  9.764   4.210   1.00 56.88  ? 102 GLN A CA  1 
ATOM   780  C C   . GLN A 1 102 ? -7.506  9.527   2.730   1.00 55.14  ? 102 GLN A C   1 
ATOM   781  O O   . GLN A 1 102 ? -8.324  10.294  2.213   1.00 57.26  ? 102 GLN A O   1 
ATOM   782  C CB  . GLN A 1 102 ? -6.280  10.937  4.620   1.00 54.13  ? 102 GLN A CB  1 
ATOM   783  C CG  . GLN A 1 102 ? -4.810  10.610  4.771   1.00 64.73  ? 102 GLN A CG  1 
ATOM   784  C CD  . GLN A 1 102 ? -3.973  11.706  5.394   1.00 65.52  ? 102 GLN A CD  1 
ATOM   785  O OE1 . GLN A 1 102 ? -2.778  11.533  5.659   1.00 68.19  ? 102 GLN A OE1 1 
ATOM   786  N NE2 . GLN A 1 102 ? -4.584  12.855  5.628   1.00 64.91  ? 102 GLN A NE2 1 
ATOM   787  N N   . PHE A 1 103 ? -7.047  8.416   2.126   1.00 52.86  ? 103 PHE A N   1 
ATOM   788  C CA  . PHE A 1 103 ? -7.305  8.089   0.701   1.00 52.07  ? 103 PHE A CA  1 
ATOM   789  C C   . PHE A 1 103 ? -8.457  7.090   0.504   1.00 53.87  ? 103 PHE A C   1 
ATOM   790  O O   . PHE A 1 103 ? -9.036  7.063   -0.614  1.00 46.79  ? 103 PHE A O   1 
ATOM   791  C CB  . PHE A 1 103 ? -6.017  7.627   0.043   1.00 49.31  ? 103 PHE A CB  1 
ATOM   792  C CG  . PHE A 1 103 ? -5.159  8.772   -0.439  1.00 51.59  ? 103 PHE A CG  1 
ATOM   793  C CD1 . PHE A 1 103 ? -5.373  9.334   -1.684  1.00 54.32  ? 103 PHE A CD1 1 
ATOM   794  C CD2 . PHE A 1 103 ? -4.155  9.308   0.357   1.00 50.40  ? 103 PHE A CD2 1 
ATOM   795  C CE1 . PHE A 1 103 ? -4.588  10.384  -2.141  1.00 50.62  ? 103 PHE A CE1 1 
ATOM   796  C CE2 . PHE A 1 103 ? -3.384  10.362  -0.095  1.00 50.93  ? 103 PHE A CE2 1 
ATOM   797  C CZ  . PHE A 1 103 ? -3.594  10.887  -1.351  1.00 50.30  ? 103 PHE A CZ  1 
ATOM   798  N N   . LEU A 1 104 ? -8.839  6.310   1.517   1.00 55.31  ? 104 LEU A N   1 
ATOM   799  C CA  . LEU A 1 104 ? -9.886  5.256   1.326   1.00 55.61  ? 104 LEU A CA  1 
ATOM   800  C C   . LEU A 1 104 ? -11.166 5.851   0.725   1.00 53.49  ? 104 LEU A C   1 
ATOM   801  O O   . LEU A 1 104 ? -11.699 5.291   -0.232  1.00 55.82  ? 104 LEU A O   1 
ATOM   802  C CB  . LEU A 1 104 ? -10.177 4.540   2.648   1.00 52.87  ? 104 LEU A CB  1 
ATOM   803  C CG  . LEU A 1 104 ? -11.298 3.502   2.600   1.00 57.82  ? 104 LEU A CG  1 
ATOM   804  C CD1 . LEU A 1 104 ? -10.963 2.360   1.660   1.00 54.21  ? 104 LEU A CD1 1 
ATOM   805  C CD2 . LEU A 1 104 ? -11.587 2.964   3.989   1.00 63.84  ? 104 LEU A CD2 1 
ATOM   806  N N   . PRO A 1 105 ? -11.720 6.985   1.221   1.00 53.07  ? 105 PRO A N   1 
ATOM   807  C CA  . PRO A 1 105 ? -13.003 7.470   0.713   1.00 55.06  ? 105 PRO A CA  1 
ATOM   808  C C   . PRO A 1 105 ? -12.918 7.777   -0.787  1.00 60.22  ? 105 PRO A C   1 
ATOM   809  O O   . PRO A 1 105 ? -13.913 7.600   -1.472  1.00 63.13  ? 105 PRO A O   1 
ATOM   810  C CB  . PRO A 1 105 ? -13.304 8.739   1.527   1.00 64.77  ? 105 PRO A CB  1 
ATOM   811  C CG  . PRO A 1 105 ? -12.370 8.657   2.731   1.00 60.57  ? 105 PRO A CG  1 
ATOM   812  C CD  . PRO A 1 105 ? -11.166 7.869   2.259   1.00 60.00  ? 105 PRO A CD  1 
ATOM   813  N N   . LYS A 1 106 ? -11.730 8.146   -1.285  1.00 57.17  ? 106 LYS A N   1 
ATOM   814  C CA  . LYS A 1 106 ? -11.520 8.475   -2.724  1.00 61.77  ? 106 LYS A CA  1 
ATOM   815  C C   . LYS A 1 106 ? -11.134 7.233   -3.537  1.00 58.40  ? 106 LYS A C   1 
ATOM   816  O O   . LYS A 1 106 ? -11.084 7.332   -4.777  1.00 60.10  ? 106 LYS A O   1 
ATOM   817  C CB  . LYS A 1 106 ? -10.436 9.550   -2.874  1.00 69.45  ? 106 LYS A CB  1 
ATOM   818  C CG  . LYS A 1 106 ? -10.698 10.842  -2.104  1.00 70.85  ? 106 LYS A CG  1 
ATOM   819  C CD  . LYS A 1 106 ? -9.548  11.835  -2.143  1.00 77.32  ? 106 LYS A CD  1 
ATOM   820  C CE  . LYS A 1 106 ? -9.819  13.065  -1.295  1.00 80.32  ? 106 LYS A CE  1 
ATOM   821  N NZ  . LYS A 1 106 ? -10.890 13.911  -1.873  1.00 72.01  ? 106 LYS A NZ  1 
ATOM   822  N N   . ALA A 1 107 ? -10.798 6.117   -2.899  1.00 51.69  ? 107 ALA A N   1 
ATOM   823  C CA  . ALA A 1 107 ? -10.286 4.937   -3.628  1.00 53.23  ? 107 ALA A CA  1 
ATOM   824  C C   . ALA A 1 107 ? -11.454 4.204   -4.290  1.00 50.02  ? 107 ALA A C   1 
ATOM   825  O O   . ALA A 1 107 ? -12.556 4.192   -3.720  1.00 50.76  ? 107 ALA A O   1 
ATOM   826  C CB  . ALA A 1 107 ? -9.515  4.039   -2.696  1.00 53.64  ? 107 ALA A CB  1 
ATOM   827  N N   . GLN A 1 108 ? -11.206 3.578   -5.434  1.00 55.85  ? 108 GLN A N   1 
ATOM   828  C CA  . GLN A 1 108 ? -12.204 2.755   -6.164  1.00 56.96  ? 108 GLN A CA  1 
ATOM   829  C C   . GLN A 1 108 ? -11.729 1.306   -6.188  1.00 49.43  ? 108 GLN A C   1 
ATOM   830  O O   . GLN A 1 108 ? -12.521 0.452   -6.595  1.00 43.70  ? 108 GLN A O   1 
ATOM   831  C CB  . GLN A 1 108 ? -12.411 3.248   -7.599  1.00 66.66  ? 108 GLN A CB  1 
ATOM   832  C CG  . GLN A 1 108 ? -12.814 4.718   -7.688  1.00 83.59  ? 108 GLN A CG  1 
ATOM   833  C CD  . GLN A 1 108 ? -14.261 5.006   -7.350  1.00 96.70  ? 108 GLN A CD  1 
ATOM   834  O OE1 . GLN A 1 108 ? -15.069 4.105   -7.114  1.00 112.63 ? 108 GLN A OE1 1 
ATOM   835  N NE2 . GLN A 1 108 ? -14.610 6.285   -7.334  1.00 100.12 ? 108 GLN A NE2 1 
ATOM   836  N N   . LYS A 1 109 ? -10.506 1.030   -5.740  1.00 45.64  ? 109 LYS A N   1 
ATOM   837  C CA  . LYS A 1 109 ? -9.891  -0.317  -5.869  1.00 43.34  ? 109 LYS A CA  1 
ATOM   838  C C   . LYS A 1 109 ? -8.929  -0.568  -4.693  1.00 43.68  ? 109 LYS A C   1 
ATOM   839  O O   . LYS A 1 109 ? -8.271  0.397   -4.266  1.00 48.26  ? 109 LYS A O   1 
ATOM   840  C CB  . LYS A 1 109 ? -9.262  -0.355  -7.257  1.00 43.64  ? 109 LYS A CB  1 
ATOM   841  C CG  . LYS A 1 109 ? -8.784  -1.718  -7.712  1.00 50.54  ? 109 LYS A CG  1 
ATOM   842  C CD  . LYS A 1 109 ? -8.509  -1.768  -9.202  1.00 52.50  ? 109 LYS A CD  1 
ATOM   843  C CE  . LYS A 1 109 ? -8.180  -3.170  -9.652  1.00 57.60  ? 109 LYS A CE  1 
ATOM   844  N NZ  . LYS A 1 109 ? -7.343  -3.195  -10.871 1.00 60.56  ? 109 LYS A NZ  1 
ATOM   845  N N   . LEU A 1 110 ? -8.917  -1.788  -4.143  1.00 45.96  ? 110 LEU A N   1 
ATOM   846  C CA  . LEU A 1 110 ? -8.025  -2.263  -3.043  1.00 46.16  ? 110 LEU A CA  1 
ATOM   847  C C   . LEU A 1 110 ? -7.274  -3.498  -3.517  1.00 42.94  ? 110 LEU A C   1 
ATOM   848  O O   . LEU A 1 110 ? -7.927  -4.427  -4.015  1.00 50.14  ? 110 LEU A O   1 
ATOM   849  C CB  . LEU A 1 110 ? -8.826  -2.640  -1.797  1.00 44.13  ? 110 LEU A CB  1 
ATOM   850  C CG  . LEU A 1 110 ? -9.657  -1.530  -1.176  1.00 46.77  ? 110 LEU A CG  1 
ATOM   851  C CD1 . LEU A 1 110 ? -10.491 -2.054  -0.011  1.00 49.42  ? 110 LEU A CD1 1 
ATOM   852  C CD2 . LEU A 1 110 ? -8.783  -0.379  -0.714  1.00 50.68  ? 110 LEU A CD2 1 
ATOM   853  N N   . TYR A 1 111 ? -5.947  -3.466  -3.428  1.00 41.52  ? 111 TYR A N   1 
ATOM   854  C CA  . TYR A 1 111 ? -5.067  -4.637  -3.596  1.00 37.77  ? 111 TYR A CA  1 
ATOM   855  C C   . TYR A 1 111 ? -4.563  -5.049  -2.207  1.00 47.76  ? 111 TYR A C   1 
ATOM   856  O O   . TYR A 1 111 ? -3.665  -4.383  -1.666  1.00 48.58  ? 111 TYR A O   1 
ATOM   857  C CB  . TYR A 1 111 ? -3.895  -4.314  -4.507  1.00 36.30  ? 111 TYR A CB  1 
ATOM   858  C CG  . TYR A 1 111 ? -4.204  -3.795  -5.882  1.00 39.66  ? 111 TYR A CG  1 
ATOM   859  C CD1 . TYR A 1 111 ? -4.590  -2.481  -6.061  1.00 41.64  ? 111 TYR A CD1 1 
ATOM   860  C CD2 . TYR A 1 111 ? -4.014  -4.577  -7.015  1.00 45.28  ? 111 TYR A CD2 1 
ATOM   861  C CE1 . TYR A 1 111 ? -4.822  -1.968  -7.316  1.00 43.12  ? 111 TYR A CE1 1 
ATOM   862  C CE2 . TYR A 1 111 ? -4.265  -4.083  -8.287  1.00 39.70  ? 111 TYR A CE2 1 
ATOM   863  C CZ  . TYR A 1 111 ? -4.656  -2.768  -8.431  1.00 44.68  ? 111 TYR A CZ  1 
ATOM   864  O OH  . TYR A 1 111 ? -4.838  -2.194  -9.650  1.00 45.44  ? 111 TYR A OH  1 
ATOM   865  N N   . LEU A 1 112 ? -5.120  -6.131  -1.653  1.00 51.18  ? 112 LEU A N   1 
ATOM   866  C CA  . LEU A 1 112 ? -4.784  -6.613  -0.296  1.00 48.68  ? 112 LEU A CA  1 
ATOM   867  C C   . LEU A 1 112 ? -4.056  -7.940  -0.415  1.00 44.23  ? 112 LEU A C   1 
ATOM   868  O O   . LEU A 1 112 ? -4.434  -8.726  -1.267  1.00 48.60  ? 112 LEU A O   1 
ATOM   869  C CB  . LEU A 1 112 ? -6.054  -6.787  0.526   1.00 47.85  ? 112 LEU A CB  1 
ATOM   870  C CG  . LEU A 1 112 ? -6.967  -5.572  0.619   1.00 50.88  ? 112 LEU A CG  1 
ATOM   871  C CD1 . LEU A 1 112 ? -8.234  -5.946  1.395   1.00 51.19  ? 112 LEU A CD1 1 
ATOM   872  C CD2 . LEU A 1 112 ? -6.257  -4.388  1.270   1.00 57.01  ? 112 LEU A CD2 1 
ATOM   873  N N   . THR A 1 113 ? -2.999  -8.109  0.362   1.00 42.44  ? 113 THR A N   1 
ATOM   874  C CA  . THR A 1 113 ? -2.348  -9.398  0.663   1.00 45.44  ? 113 THR A CA  1 
ATOM   875  C C   . THR A 1 113 ? -2.773  -9.831  2.074   1.00 49.83  ? 113 THR A C   1 
ATOM   876  O O   . THR A 1 113 ? -2.297  -9.224  3.024   1.00 55.02  ? 113 THR A O   1 
ATOM   877  C CB  . THR A 1 113 ? -0.828  -9.264  0.555   1.00 45.00  ? 113 THR A CB  1 
ATOM   878  O OG1 . THR A 1 113 ? -0.500  -8.766  -0.746  1.00 45.00  ? 113 THR A OG1 1 
ATOM   879  C CG2 . THR A 1 113 ? -0.124  -10.588 0.795   1.00 45.71  ? 113 THR A CG2 1 
ATOM   880  N N   . HIS A 1 114 ? -3.672  -10.803 2.219   1.00 48.64  ? 114 HIS A N   1 
ATOM   881  C CA  . HIS A 1 114 ? -3.987  -11.425 3.541   1.00 46.49  ? 114 HIS A CA  1 
ATOM   882  C C   . HIS A 1 114 ? -2.884  -12.396 3.927   1.00 48.13  ? 114 HIS A C   1 
ATOM   883  O O   . HIS A 1 114 ? -2.782  -13.431 3.260   1.00 59.62  ? 114 HIS A O   1 
ATOM   884  C CB  . HIS A 1 114 ? -5.316  -12.141 3.500   1.00 45.68  ? 114 HIS A CB  1 
ATOM   885  C CG  . HIS A 1 114 ? -6.399  -11.248 3.024   1.00 48.21  ? 114 HIS A CG  1 
ATOM   886  N ND1 . HIS A 1 114 ? -7.020  -10.358 3.861   1.00 52.99  ? 114 HIS A ND1 1 
ATOM   887  C CD2 . HIS A 1 114 ? -6.945  -11.091 1.797   1.00 59.65  ? 114 HIS A CD2 1 
ATOM   888  C CE1 . HIS A 1 114 ? -7.947  -9.703  3.183   1.00 60.67  ? 114 HIS A CE1 1 
ATOM   889  N NE2 . HIS A 1 114 ? -7.915  -10.126 1.896   1.00 53.40  ? 114 HIS A NE2 1 
ATOM   890  N N   . ILE A 1 115 ? -2.051  -12.040 4.904   1.00 48.85  ? 115 ILE A N   1 
ATOM   891  C CA  . ILE A 1 115 ? -0.933  -12.903 5.382   1.00 51.65  ? 115 ILE A CA  1 
ATOM   892  C C   . ILE A 1 115 ? -1.390  -13.617 6.651   1.00 54.22  ? 115 ILE A C   1 
ATOM   893  O O   . ILE A 1 115 ? -1.918  -12.942 7.555   1.00 53.03  ? 115 ILE A O   1 
ATOM   894  C CB  . ILE A 1 115 ? 0.348   -12.108 5.597   1.00 53.10  ? 115 ILE A CB  1 
ATOM   895  C CG1 . ILE A 1 115 ? 0.739   -11.368 4.319   1.00 53.46  ? 115 ILE A CG1 1 
ATOM   896  C CG2 . ILE A 1 115 ? 1.443   -13.031 6.084   1.00 53.97  ? 115 ILE A CG2 1 
ATOM   897  C CD1 . ILE A 1 115 ? 1.882   -10.402 4.500   1.00 55.57  ? 115 ILE A CD1 1 
ATOM   898  N N   . ASP A 1 116 ? -1.266  -14.941 6.648   1.00 57.54  ? 116 ASP A N   1 
ATOM   899  C CA  . ASP A 1 116 ? -1.894  -15.857 7.636   1.00 71.08  ? 116 ASP A CA  1 
ATOM   900  C C   . ASP A 1 116 ? -0.852  -15.950 8.766   1.00 67.71  ? 116 ASP A C   1 
ATOM   901  O O   . ASP A 1 116 ? -0.144  -16.977 8.850   1.00 58.65  ? 116 ASP A O   1 
ATOM   902  C CB  . ASP A 1 116 ? -2.369  -17.174 6.967   1.00 82.99  ? 116 ASP A CB  1 
ATOM   903  C CG  . ASP A 1 116 ? -3.331  -17.094 5.748   1.00 105.85 ? 116 ASP A CG  1 
ATOM   904  O OD1 . ASP A 1 116 ? -3.861  -15.981 5.420   1.00 101.31 ? 116 ASP A OD1 1 
ATOM   905  O OD2 . ASP A 1 116 ? -3.574  -18.169 5.095   1.00 87.53  ? 116 ASP A OD2 1 
ATOM   906  N N   . ALA A 1 117 ? -0.694  -14.844 9.514   1.00 65.02  ? 117 ALA A N   1 
ATOM   907  C CA  . ALA A 1 117 ? 0.384   -14.586 10.506  1.00 62.09  ? 117 ALA A CA  1 
ATOM   908  C C   . ALA A 1 117 ? -0.120  -13.619 11.574  1.00 61.16  ? 117 ALA A C   1 
ATOM   909  O O   . ALA A 1 117 ? -0.916  -12.723 11.255  1.00 61.83  ? 117 ALA A O   1 
ATOM   910  C CB  . ALA A 1 117 ? 1.635   -14.033 9.856   1.00 56.81  ? 117 ALA A CB  1 
ATOM   911  N N   . GLU A 1 118 ? 0.340   -13.821 12.802  1.00 68.73  ? 118 GLU A N   1 
ATOM   912  C CA  . GLU A 1 118 ? -0.073  -13.058 14.010  1.00 74.15  ? 118 GLU A CA  1 
ATOM   913  C C   . GLU A 1 118 ? 1.033   -12.019 14.246  1.00 72.43  ? 118 GLU A C   1 
ATOM   914  O O   . GLU A 1 118 ? 2.218   -12.432 14.264  1.00 56.42  ? 118 GLU A O   1 
ATOM   915  C CB  . GLU A 1 118 ? -0.320  -14.066 15.145  1.00 88.43  ? 118 GLU A CB  1 
ATOM   916  C CG  . GLU A 1 118 ? -0.347  -13.493 16.556  1.00 97.60  ? 118 GLU A CG  1 
ATOM   917  C CD  . GLU A 1 118 ? -1.475  -12.521 16.866  1.00 104.61 ? 118 GLU A CD  1 
ATOM   918  O OE1 . GLU A 1 118 ? -1.359  -11.794 17.876  1.00 118.18 ? 118 GLU A OE1 1 
ATOM   919  O OE2 . GLU A 1 118 ? -2.466  -12.490 16.107  1.00 102.69 ? 118 GLU A OE2 1 
ATOM   920  N N   . VAL A 1 119 ? 0.673   -10.730 14.294  1.00 71.38  ? 119 VAL A N   1 
ATOM   921  C CA  . VAL A 1 119 ? 1.569   -9.612  14.727  1.00 82.39  ? 119 VAL A CA  1 
ATOM   922  C C   . VAL A 1 119 ? 0.767   -8.707  15.676  1.00 83.50  ? 119 VAL A C   1 
ATOM   923  O O   . VAL A 1 119 ? -0.405  -8.425  15.344  1.00 74.03  ? 119 VAL A O   1 
ATOM   924  C CB  . VAL A 1 119 ? 2.122   -8.790  13.540  1.00 89.29  ? 119 VAL A CB  1 
ATOM   925  C CG1 . VAL A 1 119 ? 3.445   -8.122  13.889  1.00 90.76  ? 119 VAL A CG1 1 
ATOM   926  C CG2 . VAL A 1 119 ? 2.277   -9.607  12.272  1.00 87.61  ? 119 VAL A CG2 1 
ATOM   927  N N   . GLU A 1 120 ? 1.363   -8.273  16.800  1.00 84.04  ? 120 GLU A N   1 
ATOM   928  C CA  . GLU A 1 120 ? 0.838   -7.145  17.626  1.00 95.79  ? 120 GLU A CA  1 
ATOM   929  C C   . GLU A 1 120 ? 1.367   -5.868  16.967  1.00 88.85  ? 120 GLU A C   1 
ATOM   930  O O   . GLU A 1 120 ? 2.586   -5.807  16.693  1.00 76.02  ? 120 GLU A O   1 
ATOM   931  C CB  . GLU A 1 120 ? 1.221   -7.188  19.118  1.00 107.97 ? 120 GLU A CB  1 
ATOM   932  C CG  . GLU A 1 120 ? 1.827   -8.495  19.639  1.00 116.47 ? 120 GLU A CG  1 
ATOM   933  C CD  . GLU A 1 120 ? 0.902   -9.697  19.809  1.00 123.08 ? 120 GLU A CD  1 
ATOM   934  O OE1 . GLU A 1 120 ? -0.285  -9.492  20.154  1.00 123.83 ? 120 GLU A OE1 1 
ATOM   935  O OE2 . GLU A 1 120 ? 1.378   -10.846 19.616  1.00 109.09 ? 120 GLU A OE2 1 
ATOM   936  N N   . GLY A 1 121 ? 0.473   -4.931  16.652  1.00 89.43  ? 121 GLY A N   1 
ATOM   937  C CA  . GLY A 1 121 ? 0.803   -3.721  15.876  1.00 102.46 ? 121 GLY A CA  1 
ATOM   938  C C   . GLY A 1 121 ? 0.113   -2.481  16.413  1.00 114.54 ? 121 GLY A C   1 
ATOM   939  O O   . GLY A 1 121 ? 0.764   -1.405  16.370  1.00 119.45 ? 121 GLY A O   1 
ATOM   940  N N   . ASP A 1 122 ? -1.160  -2.610  16.835  1.00 113.88 ? 122 ASP A N   1 
ATOM   941  C CA  . ASP A 1 122 ? -2.043  -1.515  17.334  1.00 122.27 ? 122 ASP A CA  1 
ATOM   942  C C   . ASP A 1 122 ? -2.374  -0.538  16.183  1.00 122.00 ? 122 ASP A C   1 
ATOM   943  O O   . ASP A 1 122 ? -3.250  0.340   16.386  1.00 117.43 ? 122 ASP A O   1 
ATOM   944  C CB  . ASP A 1 122 ? -1.439  -0.845  18.578  1.00 129.33 ? 122 ASP A CB  1 
ATOM   945  C CG  . ASP A 1 122 ? -0.689  0.458   18.334  1.00 136.94 ? 122 ASP A CG  1 
ATOM   946  O OD1 . ASP A 1 122 ? 0.249   0.463   17.503  1.00 130.81 ? 122 ASP A OD1 1 
ATOM   947  O OD2 . ASP A 1 122 ? -1.035  1.455   19.004  1.00 149.96 ? 122 ASP A OD2 1 
ATOM   948  N N   . THR A 1 123 ? -1.719  -0.695  15.021  1.00 112.21 ? 123 THR A N   1 
ATOM   949  C CA  . THR A 1 123 ? -1.937  0.089   13.771  1.00 94.58  ? 123 THR A CA  1 
ATOM   950  C C   . THR A 1 123 ? -2.569  -0.836  12.710  1.00 73.67  ? 123 THR A C   1 
ATOM   951  O O   . THR A 1 123 ? -1.925  -1.797  12.272  1.00 73.45  ? 123 THR A O   1 
ATOM   952  C CB  . THR A 1 123 ? -0.646  0.813   13.354  1.00 93.30  ? 123 THR A CB  1 
ATOM   953  O OG1 . THR A 1 123 ? -0.995  1.472   12.144  1.00 78.12  ? 123 THR A OG1 1 
ATOM   954  C CG2 . THR A 1 123 ? 0.562   -0.073  13.131  1.00 96.79  ? 123 THR A CG2 1 
ATOM   955  N N   . HIS A 1 124 ? -3.808  -0.538  12.334  1.00 65.71  ? 124 HIS A N   1 
ATOM   956  C CA  . HIS A 1 124 ? -4.722  -1.378  11.517  1.00 72.84  ? 124 HIS A CA  1 
ATOM   957  C C   . HIS A 1 124 ? -4.970  -0.745  10.136  1.00 64.63  ? 124 HIS A C   1 
ATOM   958  O O   . HIS A 1 124 ? -5.077  0.471   10.032  1.00 60.51  ? 124 HIS A O   1 
ATOM   959  C CB  . HIS A 1 124 ? -6.046  -1.580  12.287  1.00 79.96  ? 124 HIS A CB  1 
ATOM   960  C CG  . HIS A 1 124 ? -5.904  -2.410  13.522  1.00 88.83  ? 124 HIS A CG  1 
ATOM   961  N ND1 . HIS A 1 124 ? -5.204  -1.978  14.634  1.00 91.30  ? 124 HIS A ND1 1 
ATOM   962  C CD2 . HIS A 1 124 ? -6.341  -3.653  13.813  1.00 89.62  ? 124 HIS A CD2 1 
ATOM   963  C CE1 . HIS A 1 124 ? -5.220  -2.918  15.552  1.00 92.08  ? 124 HIS A CE1 1 
ATOM   964  N NE2 . HIS A 1 124 ? -5.919  -3.955  15.074  1.00 92.06  ? 124 HIS A NE2 1 
ATOM   965  N N   . PHE A 1 125 ? -5.110  -1.557  9.095   1.00 61.75  ? 125 PHE A N   1 
ATOM   966  C CA  . PHE A 1 125 ? -5.742  -1.124  7.830   1.00 54.94  ? 125 PHE A CA  1 
ATOM   967  C C   . PHE A 1 125 ? -7.149  -0.638  8.151   1.00 59.01  ? 125 PHE A C   1 
ATOM   968  O O   . PHE A 1 125 ? -7.814  -1.200  9.004   1.00 71.26  ? 125 PHE A O   1 
ATOM   969  C CB  . PHE A 1 125 ? -5.809  -2.251  6.804   1.00 51.35  ? 125 PHE A CB  1 
ATOM   970  C CG  . PHE A 1 125 ? -6.114  -1.768  5.413   1.00 44.78  ? 125 PHE A CG  1 
ATOM   971  C CD1 . PHE A 1 125 ? -5.133  -1.124  4.661   1.00 50.45  ? 125 PHE A CD1 1 
ATOM   972  C CD2 . PHE A 1 125 ? -7.399  -1.874  4.892   1.00 43.06  ? 125 PHE A CD2 1 
ATOM   973  C CE1 . PHE A 1 125 ? -5.414  -0.642  3.387   1.00 46.99  ? 125 PHE A CE1 1 
ATOM   974  C CE2 . PHE A 1 125 ? -7.676  -1.417  3.612   1.00 47.81  ? 125 PHE A CE2 1 
ATOM   975  C CZ  . PHE A 1 125 ? -6.682  -0.797  2.864   1.00 49.86  ? 125 PHE A CZ  1 
ATOM   976  N N   . PRO A 1 126 ? -7.654  0.419   7.490   1.00 60.11  ? 126 PRO A N   1 
ATOM   977  C CA  . PRO A 1 126 ? -8.965  0.963   7.823   1.00 60.56  ? 126 PRO A CA  1 
ATOM   978  C C   . PRO A 1 126 ? -10.133 0.033   7.471   1.00 68.22  ? 126 PRO A C   1 
ATOM   979  O O   . PRO A 1 126 ? -9.974  -0.872  6.657   1.00 76.99  ? 126 PRO A O   1 
ATOM   980  C CB  . PRO A 1 126 ? -9.036  2.248   6.981   1.00 63.20  ? 126 PRO A CB  1 
ATOM   981  C CG  . PRO A 1 126 ? -7.600  2.540   6.589   1.00 60.66  ? 126 PRO A CG  1 
ATOM   982  C CD  . PRO A 1 126 ? -6.978  1.175   6.424   1.00 58.87  ? 126 PRO A CD  1 
ATOM   983  N N   . ASP A 1 127 ? -11.284 0.311   8.085   1.00 76.88  ? 127 ASP A N   1 
ATOM   984  C CA  . ASP A 1 127 ? -12.553 -0.454  7.942   1.00 83.51  ? 127 ASP A CA  1 
ATOM   985  C C   . ASP A 1 127 ? -13.160 -0.213  6.550   1.00 81.45  ? 127 ASP A C   1 
ATOM   986  O O   . ASP A 1 127 ? -13.854 0.811   6.351   1.00 70.22  ? 127 ASP A O   1 
ATOM   987  C CB  . ASP A 1 127 ? -13.523 -0.096  9.078   1.00 94.30  ? 127 ASP A CB  1 
ATOM   988  C CG  . ASP A 1 127 ? -13.769 -1.212  10.086  1.00 100.77 ? 127 ASP A CG  1 
ATOM   989  O OD1 . ASP A 1 127 ? -12.846 -2.042  10.304  1.00 86.11  ? 127 ASP A OD1 1 
ATOM   990  O OD2 . ASP A 1 127 ? -14.898 -1.251  10.637  1.00 97.74  ? 127 ASP A OD2 1 
ATOM   991  N N   . TYR A 1 128 ? -12.909 -1.137  5.621   1.00 83.87  ? 128 TYR A N   1 
ATOM   992  C CA  . TYR A 1 128 ? -13.597 -1.209  4.307   1.00 86.35  ? 128 TYR A CA  1 
ATOM   993  C C   . TYR A 1 128 ? -14.930 -1.947  4.513   1.00 107.56 ? 128 TYR A C   1 
ATOM   994  O O   . TYR A 1 128 ? -14.919 -3.196  4.535   1.00 109.44 ? 128 TYR A O   1 
ATOM   995  C CB  . TYR A 1 128 ? -12.684 -1.798  3.220   1.00 73.19  ? 128 TYR A CB  1 
ATOM   996  C CG  . TYR A 1 128 ? -12.076 -3.166  3.433   1.00 63.87  ? 128 TYR A CG  1 
ATOM   997  C CD1 . TYR A 1 128 ? -10.935 -3.319  4.204   1.00 69.57  ? 128 TYR A CD1 1 
ATOM   998  C CD2 . TYR A 1 128 ? -12.562 -4.300  2.785   1.00 61.04  ? 128 TYR A CD2 1 
ATOM   999  C CE1 . TYR A 1 128 ? -10.344 -4.562  4.397   1.00 66.51  ? 128 TYR A CE1 1 
ATOM   1000 C CE2 . TYR A 1 128 ? -11.974 -5.552  2.955   1.00 54.78  ? 128 TYR A CE2 1 
ATOM   1001 C CZ  . TYR A 1 128 ? -10.872 -5.692  3.790   1.00 60.23  ? 128 TYR A CZ  1 
ATOM   1002 O OH  . TYR A 1 128 ? -10.244 -6.896  4.020   1.00 56.61  ? 128 TYR A OH  1 
ATOM   1003 N N   . GLU A 1 129 ? -16.028 -1.194  4.715   1.00 116.81 ? 129 GLU A N   1 
ATOM   1004 C CA  . GLU A 1 129 ? -17.406 -1.725  4.937   1.00 116.01 ? 129 GLU A CA  1 
ATOM   1005 C C   . GLU A 1 129 ? -17.742 -2.679  3.792   1.00 111.13 ? 129 GLU A C   1 
ATOM   1006 O O   . GLU A 1 129 ? -17.923 -2.230  2.665   1.00 126.34 ? 129 GLU A O   1 
ATOM   1007 C CB  . GLU A 1 129 ? -18.432 -0.586  5.027   1.00 123.04 ? 129 GLU A CB  1 
ATOM   1008 C CG  . GLU A 1 129 ? -19.870 -1.064  5.258   1.00 135.87 ? 129 GLU A CG  1 
ATOM   1009 C CD  . GLU A 1 129 ? -20.972 -0.008  5.350   1.00 131.67 ? 129 GLU A CD  1 
ATOM   1010 O OE1 . GLU A 1 129 ? -20.828 0.947   6.135   1.00 113.92 ? 129 GLU A OE1 1 
ATOM   1011 O OE2 . GLU A 1 129 ? -21.998 -0.159  4.647   1.00 135.00 ? 129 GLU A OE2 1 
ATOM   1012 N N   . PRO A 1 130 ? -17.811 -4.013  4.028   1.00 110.89 ? 130 PRO A N   1 
ATOM   1013 C CA  . PRO A 1 130 ? -18.075 -4.993  2.963   1.00 98.95  ? 130 PRO A CA  1 
ATOM   1014 C C   . PRO A 1 130 ? -19.217 -4.677  1.987   1.00 85.70  ? 130 PRO A C   1 
ATOM   1015 O O   . PRO A 1 130 ? -19.147 -5.104  0.861   1.00 87.87  ? 130 PRO A O   1 
ATOM   1016 C CB  . PRO A 1 130 ? -18.435 -6.263  3.741   1.00 98.34  ? 130 PRO A CB  1 
ATOM   1017 C CG  . PRO A 1 130 ? -17.582 -6.146  4.995   1.00 112.57 ? 130 PRO A CG  1 
ATOM   1018 C CD  . PRO A 1 130 ? -17.572 -4.664  5.329   1.00 111.22 ? 130 PRO A CD  1 
ATOM   1019 N N   . ASP A 1 131 ? -20.233 -3.947  2.441   1.00 85.00  ? 131 ASP A N   1 
ATOM   1020 C CA  . ASP A 1 131 ? -21.379 -3.498  1.605   1.00 82.08  ? 131 ASP A CA  1 
ATOM   1021 C C   . ASP A 1 131 ? -20.915 -2.498  0.539   1.00 77.34  ? 131 ASP A C   1 
ATOM   1022 O O   . ASP A 1 131 ? -21.618 -2.364  -0.459  1.00 77.65  ? 131 ASP A O   1 
ATOM   1023 C CB  . ASP A 1 131 ? -22.495 -2.902  2.472   1.00 92.67  ? 131 ASP A CB  1 
ATOM   1024 C CG  . ASP A 1 131 ? -23.618 -3.889  2.783   1.00 109.80 ? 131 ASP A CG  1 
ATOM   1025 O OD1 . ASP A 1 131 ? -23.362 -5.124  2.740   1.00 96.32  ? 131 ASP A OD1 1 
ATOM   1026 O OD2 . ASP A 1 131 ? -24.754 -3.421  3.050   1.00 116.76 ? 131 ASP A OD2 1 
ATOM   1027 N N   . ASP A 1 132 ? -19.795 -1.801  0.748   1.00 76.28  ? 132 ASP A N   1 
ATOM   1028 C CA  . ASP A 1 132 ? -19.267 -0.774  -0.192  1.00 77.97  ? 132 ASP A CA  1 
ATOM   1029 C C   . ASP A 1 132 ? -18.295 -1.389  -1.210  1.00 66.58  ? 132 ASP A C   1 
ATOM   1030 O O   . ASP A 1 132 ? -17.977 -0.707  -2.215  1.00 71.64  ? 132 ASP A O   1 
ATOM   1031 C CB  . ASP A 1 132 ? -18.576 0.348   0.577   1.00 81.58  ? 132 ASP A CB  1 
ATOM   1032 C CG  . ASP A 1 132 ? -19.525 1.128   1.465   1.00 83.72  ? 132 ASP A CG  1 
ATOM   1033 O OD1 . ASP A 1 132 ? -20.658 1.388   1.017   1.00 70.26  ? 132 ASP A OD1 1 
ATOM   1034 O OD2 . ASP A 1 132 ? -19.124 1.455   2.601   1.00 100.68 ? 132 ASP A OD2 1 
ATOM   1035 N N   . TRP A 1 133 ? -17.862 -2.628  -0.991  1.00 57.12  ? 133 TRP A N   1 
ATOM   1036 C CA  . TRP A 1 133 ? -16.733 -3.231  -1.737  1.00 59.61  ? 133 TRP A CA  1 
ATOM   1037 C C   . TRP A 1 133 ? -17.111 -4.613  -2.274  1.00 58.57  ? 133 TRP A C   1 
ATOM   1038 O O   . TRP A 1 133 ? -17.665 -5.426  -1.513  1.00 74.23  ? 133 TRP A O   1 
ATOM   1039 C CB  . TRP A 1 133 ? -15.498 -3.261  -0.831  1.00 58.44  ? 133 TRP A CB  1 
ATOM   1040 C CG  . TRP A 1 133 ? -14.948 -1.893  -0.554  1.00 60.00  ? 133 TRP A CG  1 
ATOM   1041 C CD1 . TRP A 1 133 ? -15.180 -1.107  0.538   1.00 62.00  ? 133 TRP A CD1 1 
ATOM   1042 C CD2 . TRP A 1 133 ? -14.071 -1.134  -1.405  1.00 55.28  ? 133 TRP A CD2 1 
ATOM   1043 N NE1 . TRP A 1 133 ? -14.493 0.072   0.430   1.00 59.15  ? 133 TRP A NE1 1 
ATOM   1044 C CE2 . TRP A 1 133 ? -13.818 0.090   -0.759  1.00 59.47  ? 133 TRP A CE2 1 
ATOM   1045 C CE3 . TRP A 1 133 ? -13.463 -1.380  -2.632  1.00 52.47  ? 133 TRP A CE3 1 
ATOM   1046 C CZ2 . TRP A 1 133 ? -12.987 1.062   -1.307  1.00 59.90  ? 133 TRP A CZ2 1 
ATOM   1047 C CZ3 . TRP A 1 133 ? -12.652 -0.416  -3.180  1.00 52.74  ? 133 TRP A CZ3 1 
ATOM   1048 C CH2 . TRP A 1 133 ? -12.424 0.790   -2.533  1.00 53.46  ? 133 TRP A CH2 1 
ATOM   1049 N N   . GLU A 1 134 ? -16.796 -4.873  -3.542  1.00 57.76  ? 134 GLU A N   1 
ATOM   1050 C CA  . GLU A 1 134 ? -16.990 -6.195  -4.190  1.00 61.45  ? 134 GLU A CA  1 
ATOM   1051 C C   . GLU A 1 134 ? -15.622 -6.830  -4.436  1.00 57.00  ? 134 GLU A C   1 
ATOM   1052 O O   . GLU A 1 134 ? -14.866 -6.252  -5.239  1.00 58.37  ? 134 GLU A O   1 
ATOM   1053 C CB  . GLU A 1 134 ? -17.751 -6.017  -5.508  1.00 63.46  ? 134 GLU A CB  1 
ATOM   1054 C CG  . GLU A 1 134 ? -17.984 -7.321  -6.267  1.00 78.37  ? 134 GLU A CG  1 
ATOM   1055 C CD  . GLU A 1 134 ? -18.931 -7.220  -7.459  1.00 77.27  ? 134 GLU A CD  1 
ATOM   1056 O OE1 . GLU A 1 134 ? -19.319 -6.083  -7.813  1.00 71.73  ? 134 GLU A OE1 1 
ATOM   1057 O OE2 . GLU A 1 134 ? -19.286 -8.279  -8.020  1.00 69.92  ? 134 GLU A OE2 1 
ATOM   1058 N N   . SER A 1 135 ? -15.324 -7.956  -3.787  1.00 51.82  ? 135 SER A N   1 
ATOM   1059 C CA  . SER A 1 135 ? -14.171 -8.830  -4.131  1.00 54.74  ? 135 SER A CA  1 
ATOM   1060 C C   . SER A 1 135 ? -14.388 -9.314  -5.561  1.00 58.33  ? 135 SER A C   1 
ATOM   1061 O O   . SER A 1 135 ? -15.515 -9.784  -5.840  1.00 56.78  ? 135 SER A O   1 
ATOM   1062 C CB  . SER A 1 135 ? -13.968 -10.009 -3.171  1.00 50.83  ? 135 SER A CB  1 
ATOM   1063 O OG  . SER A 1 135 ? -12.680 -10.630 -3.361  1.00 49.23  ? 135 SER A OG  1 
ATOM   1064 N N   . VAL A 1 136 ? -13.365 -9.167  -6.415  1.00 58.91  ? 136 VAL A N   1 
ATOM   1065 C CA  . VAL A 1 136 ? -13.409 -9.577  -7.851  1.00 50.10  ? 136 VAL A CA  1 
ATOM   1066 C C   . VAL A 1 136 ? -12.262 -10.550 -8.151  1.00 50.31  ? 136 VAL A C   1 
ATOM   1067 O O   . VAL A 1 136 ? -12.305 -11.211 -9.189  1.00 52.03  ? 136 VAL A O   1 
ATOM   1068 C CB  . VAL A 1 136 ? -13.368 -8.363  -8.793  1.00 50.20  ? 136 VAL A CB  1 
ATOM   1069 C CG1 . VAL A 1 136 ? -14.581 -7.455  -8.584  1.00 49.46  ? 136 VAL A CG1 1 
ATOM   1070 C CG2 . VAL A 1 136 ? -12.061 -7.588  -8.681  1.00 49.27  ? 136 VAL A CG2 1 
ATOM   1071 N N   . PHE A 1 137 ? -11.257 -10.636 -7.291  1.00 51.57  ? 137 PHE A N   1 
ATOM   1072 C CA  . PHE A 1 137 ? -10.110 -11.552 -7.495  1.00 48.73  ? 137 PHE A CA  1 
ATOM   1073 C C   . PHE A 1 137 ? -9.541  -11.929 -6.135  1.00 50.81  ? 137 PHE A C   1 
ATOM   1074 O O   . PHE A 1 137 ? -9.577  -11.090 -5.203  1.00 50.35  ? 137 PHE A O   1 
ATOM   1075 C CB  . PHE A 1 137 ? -9.045  -10.887 -8.355  1.00 48.42  ? 137 PHE A CB  1 
ATOM   1076 C CG  . PHE A 1 137 ? -7.790  -11.688 -8.563  1.00 47.59  ? 137 PHE A CG  1 
ATOM   1077 C CD1 . PHE A 1 137 ? -7.749  -12.715 -9.493  1.00 52.26  ? 137 PHE A CD1 1 
ATOM   1078 C CD2 . PHE A 1 137 ? -6.639  -11.404 -7.840  1.00 51.15  ? 137 PHE A CD2 1 
ATOM   1079 C CE1 . PHE A 1 137 ? -6.588  -13.449 -9.699  1.00 53.27  ? 137 PHE A CE1 1 
ATOM   1080 C CE2 . PHE A 1 137 ? -5.480  -12.139 -8.042  1.00 51.05  ? 137 PHE A CE2 1 
ATOM   1081 C CZ  . PHE A 1 137 ? -5.450  -13.157 -8.979  1.00 54.95  ? 137 PHE A CZ  1 
ATOM   1082 N N   . SER A 1 138 ? -9.116  -13.179 -6.025  1.00 42.34  ? 138 SER A N   1 
ATOM   1083 C CA  . SER A 1 138 ? -8.430  -13.731 -4.847  1.00 43.96  ? 138 SER A CA  1 
ATOM   1084 C C   . SER A 1 138 ? -7.506  -14.830 -5.349  1.00 46.85  ? 138 SER A C   1 
ATOM   1085 O O   . SER A 1 138 ? -7.809  -15.446 -6.360  1.00 52.01  ? 138 SER A O   1 
ATOM   1086 C CB  . SER A 1 138 ? -9.424  -14.170 -3.790  1.00 43.70  ? 138 SER A CB  1 
ATOM   1087 O OG  . SER A 1 138 ? -10.220 -15.247 -4.228  1.00 48.29  ? 138 SER A OG  1 
ATOM   1088 N N   . GLU A 1 139 ? -6.377  -15.037 -4.701  1.00 51.56  ? 139 GLU A N   1 
ATOM   1089 C CA  . GLU A 1 139 ? -5.430  -16.068 -5.151  1.00 49.91  ? 139 GLU A CA  1 
ATOM   1090 C C   . GLU A 1 139 ? -4.617  -16.525 -3.952  1.00 52.98  ? 139 GLU A C   1 
ATOM   1091 O O   . GLU A 1 139 ? -3.710  -15.765 -3.572  1.00 47.49  ? 139 GLU A O   1 
ATOM   1092 C CB  . GLU A 1 139 ? -4.520  -15.481 -6.226  1.00 56.14  ? 139 GLU A CB  1 
ATOM   1093 C CG  . GLU A 1 139 ? -3.634  -16.517 -6.882  1.00 56.51  ? 139 GLU A CG  1 
ATOM   1094 C CD  . GLU A 1 139 ? -2.804  -15.931 -8.004  1.00 58.51  ? 139 GLU A CD  1 
ATOM   1095 O OE1 . GLU A 1 139 ? -1.736  -15.355 -7.718  1.00 59.72  ? 139 GLU A OE1 1 
ATOM   1096 O OE2 . GLU A 1 139 ? -3.238  -16.063 -9.161  1.00 75.69  ? 139 GLU A OE2 1 
ATOM   1097 N N   . PHE A 1 140 ? -4.908  -17.725 -3.440  1.00 50.42  ? 140 PHE A N   1 
ATOM   1098 C CA  . PHE A 1 140 ? -4.227  -18.330 -2.266  1.00 52.91  ? 140 PHE A CA  1 
ATOM   1099 C C   . PHE A 1 140 ? -2.886  -18.948 -2.677  1.00 45.61  ? 140 PHE A C   1 
ATOM   1100 O O   . PHE A 1 140 ? -2.796  -19.661 -3.686  1.00 53.54  ? 140 PHE A O   1 
ATOM   1101 C CB  . PHE A 1 140 ? -5.127  -19.383 -1.605  1.00 56.13  ? 140 PHE A CB  1 
ATOM   1102 C CG  . PHE A 1 140 ? -4.563  -20.028 -0.365  1.00 57.76  ? 140 PHE A CG  1 
ATOM   1103 C CD1 . PHE A 1 140 ? -4.719  -19.431 0.879   1.00 63.98  ? 140 PHE A CD1 1 
ATOM   1104 C CD2 . PHE A 1 140 ? -3.866  -21.225 -0.442  1.00 62.01  ? 140 PHE A CD2 1 
ATOM   1105 C CE1 . PHE A 1 140 ? -4.208  -20.027 2.024   1.00 55.08  ? 140 PHE A CE1 1 
ATOM   1106 C CE2 . PHE A 1 140 ? -3.350  -21.818 0.698   1.00 57.40  ? 140 PHE A CE2 1 
ATOM   1107 C CZ  . PHE A 1 140 ? -3.532  -21.227 1.926   1.00 60.60  ? 140 PHE A CZ  1 
ATOM   1108 N N   . HIS A 1 141 ? -1.872  -18.786 -1.842  1.00 44.68  ? 141 HIS A N   1 
ATOM   1109 C CA  . HIS A 1 141 ? -0.610  -19.549 -1.962  1.00 45.60  ? 141 HIS A CA  1 
ATOM   1110 C C   . HIS A 1 141 ? -0.235  -20.158 -0.603  1.00 54.39  ? 141 HIS A C   1 
ATOM   1111 O O   . HIS A 1 141 ? -0.373  -19.464 0.444   1.00 47.69  ? 141 HIS A O   1 
ATOM   1112 C CB  . HIS A 1 141 ? 0.494   -18.652 -2.521  1.00 51.84  ? 141 HIS A CB  1 
ATOM   1113 C CG  . HIS A 1 141 ? 0.143   -17.983 -3.809  1.00 53.45  ? 141 HIS A CG  1 
ATOM   1114 N ND1 . HIS A 1 141 ? 0.678   -18.384 -5.020  1.00 57.99  ? 141 HIS A ND1 1 
ATOM   1115 C CD2 . HIS A 1 141 ? -0.675  -16.943 -4.080  1.00 55.08  ? 141 HIS A CD2 1 
ATOM   1116 C CE1 . HIS A 1 141 ? 0.186   -17.633 -5.990  1.00 53.68  ? 141 HIS A CE1 1 
ATOM   1117 N NE2 . HIS A 1 141 ? -0.649  -16.739 -5.439  1.00 61.56  ? 141 HIS A NE2 1 
ATOM   1118 N N   . ASP A 1 142 ? 0.229   -21.411 -0.625  1.00 52.17  ? 142 ASP A N   1 
ATOM   1119 C CA  . ASP A 1 142 ? 0.875   -22.087 0.529   1.00 58.08  ? 142 ASP A CA  1 
ATOM   1120 C C   . ASP A 1 142 ? 2.192   -21.388 0.854   1.00 57.16  ? 142 ASP A C   1 
ATOM   1121 O O   . ASP A 1 142 ? 2.836   -20.875 -0.080  1.00 52.96  ? 142 ASP A O   1 
ATOM   1122 C CB  . ASP A 1 142 ? 1.187   -23.565 0.238   1.00 55.85  ? 142 ASP A CB  1 
ATOM   1123 C CG  . ASP A 1 142 ? -0.047  -24.371 -0.082  1.00 57.76  ? 142 ASP A CG  1 
ATOM   1124 O OD1 . ASP A 1 142 ? -1.054  -24.180 0.612   1.00 65.28  ? 142 ASP A OD1 1 
ATOM   1125 O OD2 . ASP A 1 142 ? -0.007  -25.133 -1.053  1.00 64.84  ? 142 ASP A OD2 1 
ATOM   1126 N N   . ALA A 1 143 ? 2.581   -21.431 2.133   1.00 54.38  ? 143 ALA A N   1 
ATOM   1127 C CA  . ALA A 1 143 ? 3.990   -21.332 2.585   1.00 58.30  ? 143 ALA A CA  1 
ATOM   1128 C C   . ALA A 1 143 ? 4.867   -22.236 1.704   1.00 57.69  ? 143 ALA A C   1 
ATOM   1129 O O   . ALA A 1 143 ? 4.405   -23.338 1.327   1.00 65.91  ? 143 ALA A O   1 
ATOM   1130 C CB  . ALA A 1 143 ? 4.100   -21.682 4.057   1.00 52.86  ? 143 ALA A CB  1 
ATOM   1131 N N   . ASP A 1 144 ? 6.082   -21.778 1.391   1.00 61.94  ? 144 ASP A N   1 
ATOM   1132 C CA  . ASP A 1 144 ? 7.115   -22.512 0.607   1.00 60.44  ? 144 ASP A CA  1 
ATOM   1133 C C   . ASP A 1 144 ? 8.497   -22.112 1.141   1.00 62.15  ? 144 ASP A C   1 
ATOM   1134 O O   . ASP A 1 144 ? 8.534   -21.412 2.156   1.00 56.43  ? 144 ASP A O   1 
ATOM   1135 C CB  . ASP A 1 144 ? 6.948   -22.264 -0.896  1.00 65.88  ? 144 ASP A CB  1 
ATOM   1136 C CG  . ASP A 1 144 ? 7.157   -20.826 -1.368  1.00 69.98  ? 144 ASP A CG  1 
ATOM   1137 O OD1 . ASP A 1 144 ? 7.631   -19.995 -0.573  1.00 71.02  ? 144 ASP A OD1 1 
ATOM   1138 O OD2 . ASP A 1 144 ? 6.870   -20.555 -2.550  1.00 73.86  ? 144 ASP A OD2 1 
ATOM   1139 N N   . ALA A 1 145 ? 9.584   -22.545 0.488   1.00 70.51  ? 145 ALA A N   1 
ATOM   1140 C CA  . ALA A 1 145 ? 10.993  -22.236 0.848   1.00 75.25  ? 145 ALA A CA  1 
ATOM   1141 C C   . ALA A 1 145 ? 11.133  -20.737 1.161   1.00 77.97  ? 145 ALA A C   1 
ATOM   1142 O O   . ALA A 1 145 ? 11.532  -20.418 2.301   1.00 75.02  ? 145 ALA A O   1 
ATOM   1143 C CB  . ALA A 1 145 ? 11.923  -22.670 -0.271  1.00 77.15  ? 145 ALA A CB  1 
ATOM   1144 N N   . GLN A 1 146 ? 10.745  -19.862 0.216   1.00 79.72  ? 146 GLN A N   1 
ATOM   1145 C CA  . GLN A 1 146 ? 10.999  -18.389 0.258   1.00 78.43  ? 146 GLN A CA  1 
ATOM   1146 C C   . GLN A 1 146 ? 9.980   -17.701 1.184   1.00 67.41  ? 146 GLN A C   1 
ATOM   1147 O O   . GLN A 1 146 ? 10.296  -16.629 1.758   1.00 65.03  ? 146 GLN A O   1 
ATOM   1148 C CB  . GLN A 1 146 ? 10.940  -17.754 -1.138  1.00 80.44  ? 146 GLN A CB  1 
ATOM   1149 C CG  . GLN A 1 146 ? 11.940  -18.316 -2.136  1.00 87.75  ? 146 GLN A CG  1 
ATOM   1150 C CD  . GLN A 1 146 ? 11.546  -19.709 -2.565  1.00 94.98  ? 146 GLN A CD  1 
ATOM   1151 O OE1 . GLN A 1 146 ? 10.371  -20.001 -2.778  1.00 106.43 ? 146 GLN A OE1 1 
ATOM   1152 N NE2 . GLN A 1 146 ? 12.520  -20.599 -2.652  1.00 96.10  ? 146 GLN A NE2 1 
ATOM   1153 N N   . ASN A 1 147 ? 8.801   -18.295 1.335   1.00 63.27  ? 147 ASN A N   1 
ATOM   1154 C CA  . ASN A 1 147 ? 7.612   -17.614 1.898   1.00 65.25  ? 147 ASN A CA  1 
ATOM   1155 C C   . ASN A 1 147 ? 7.105   -18.391 3.109   1.00 60.43  ? 147 ASN A C   1 
ATOM   1156 O O   . ASN A 1 147 ? 6.455   -19.433 2.921   1.00 70.21  ? 147 ASN A O   1 
ATOM   1157 C CB  . ASN A 1 147 ? 6.546   -17.458 0.816   1.00 65.98  ? 147 ASN A CB  1 
ATOM   1158 C CG  . ASN A 1 147 ? 6.982   -16.536 -0.300  1.00 61.97  ? 147 ASN A CG  1 
ATOM   1159 O OD1 . ASN A 1 147 ? 7.336   -16.981 -1.387  1.00 61.47  ? 147 ASN A OD1 1 
ATOM   1160 N ND2 . ASN A 1 147 ? 6.947   -15.245 -0.035  1.00 63.81  ? 147 ASN A ND2 1 
ATOM   1161 N N   . SER A 1 148 ? 7.335   -17.881 4.309   1.00 58.22  ? 148 SER A N   1 
ATOM   1162 C CA  . SER A 1 148 ? 7.256   -18.711 5.532   1.00 63.30  ? 148 SER A CA  1 
ATOM   1163 C C   . SER A 1 148 ? 5.847   -18.649 6.145   1.00 64.57  ? 148 SER A C   1 
ATOM   1164 O O   . SER A 1 148 ? 5.641   -19.250 7.213   1.00 69.51  ? 148 SER A O   1 
ATOM   1165 C CB  . SER A 1 148 ? 8.365   -18.352 6.499   1.00 62.76  ? 148 SER A CB  1 
ATOM   1166 O OG  . SER A 1 148 ? 8.020   -17.215 7.270   1.00 67.02  ? 148 SER A OG  1 
ATOM   1167 N N   . HIS A 1 149 ? 4.883   -17.972 5.515   1.00 66.82  ? 149 HIS A N   1 
ATOM   1168 C CA  . HIS A 1 149 ? 3.444   -18.130 5.866   1.00 64.08  ? 149 HIS A CA  1 
ATOM   1169 C C   . HIS A 1 149 ? 2.627   -18.203 4.579   1.00 60.92  ? 149 HIS A C   1 
ATOM   1170 O O   . HIS A 1 149 ? 3.103   -17.742 3.550   1.00 56.82  ? 149 HIS A O   1 
ATOM   1171 C CB  . HIS A 1 149 ? 2.929   -17.037 6.812   1.00 68.47  ? 149 HIS A CB  1 
ATOM   1172 C CG  . HIS A 1 149 ? 3.389   -17.165 8.227   1.00 78.16  ? 149 HIS A CG  1 
ATOM   1173 N ND1 . HIS A 1 149 ? 3.012   -18.223 9.040   1.00 92.38  ? 149 HIS A ND1 1 
ATOM   1174 C CD2 . HIS A 1 149 ? 4.173   -16.365 8.987   1.00 78.04  ? 149 HIS A CD2 1 
ATOM   1175 C CE1 . HIS A 1 149 ? 3.552   -18.077 10.235  1.00 87.54  ? 149 HIS A CE1 1 
ATOM   1176 N NE2 . HIS A 1 149 ? 4.259   -16.937 10.230  1.00 83.63  ? 149 HIS A NE2 1 
ATOM   1177 N N   . SER A 1 150 ? 1.456   -18.829 4.636   1.00 59.16  ? 150 SER A N   1 
ATOM   1178 C CA  . SER A 1 150 ? 0.509   -18.814 3.507   1.00 55.65  ? 150 SER A CA  1 
ATOM   1179 C C   . SER A 1 150 ? 0.045   -17.367 3.364   1.00 56.32  ? 150 SER A C   1 
ATOM   1180 O O   . SER A 1 150 ? 0.185   -16.590 4.339   1.00 63.21  ? 150 SER A O   1 
ATOM   1181 C CB  . SER A 1 150 ? -0.630  -19.813 3.660   1.00 54.10  ? 150 SER A CB  1 
ATOM   1182 O OG  . SER A 1 150 ? -1.457  -19.539 4.778   1.00 56.25  ? 150 SER A OG  1 
ATOM   1183 N N   . TYR A 1 151 ? -0.430  -16.998 2.184   1.00 53.53  ? 151 TYR A N   1 
ATOM   1184 C CA  . TYR A 1 151 ? -0.923  -15.622 1.921   1.00 52.69  ? 151 TYR A CA  1 
ATOM   1185 C C   . TYR A 1 151 ? -1.984  -15.708 0.825   1.00 49.11  ? 151 TYR A C   1 
ATOM   1186 O O   . TYR A 1 151 ? -2.052  -16.674 0.071   1.00 48.76  ? 151 TYR A O   1 
ATOM   1187 C CB  . TYR A 1 151 ? 0.236   -14.670 1.585   1.00 47.49  ? 151 TYR A CB  1 
ATOM   1188 C CG  . TYR A 1 151 ? 1.100   -15.189 0.478   1.00 41.05  ? 151 TYR A CG  1 
ATOM   1189 C CD1 . TYR A 1 151 ? 2.054   -16.155 0.736   1.00 48.88  ? 151 TYR A CD1 1 
ATOM   1190 C CD2 . TYR A 1 151 ? 0.914   -14.787 -0.829  1.00 42.09  ? 151 TYR A CD2 1 
ATOM   1191 C CE1 . TYR A 1 151 ? 2.829   -16.702 -0.278  1.00 47.59  ? 151 TYR A CE1 1 
ATOM   1192 C CE2 . TYR A 1 151 ? 1.674   -15.324 -1.862  1.00 45.45  ? 151 TYR A CE2 1 
ATOM   1193 C CZ  . TYR A 1 151 ? 2.623   -16.301 -1.585  1.00 48.45  ? 151 TYR A CZ  1 
ATOM   1194 O OH  . TYR A 1 151 ? 3.380   -16.865 -2.568  1.00 50.69  ? 151 TYR A OH  1 
ATOM   1195 N N   . CYS A 1 152 ? -2.809  -14.685 0.748   1.00 46.92  ? 152 CYS A N   1 
ATOM   1196 C CA  . CYS A 1 152 ? -3.853  -14.610 -0.270  1.00 46.58  ? 152 CYS A CA  1 
ATOM   1197 C C   . CYS A 1 152 ? -3.955  -13.183 -0.812  1.00 48.31  ? 152 CYS A C   1 
ATOM   1198 O O   . CYS A 1 152 ? -4.184  -12.269 -0.019  1.00 51.64  ? 152 CYS A O   1 
ATOM   1199 C CB  . CYS A 1 152 ? -5.143  -15.061 0.364   1.00 49.78  ? 152 CYS A CB  1 
ATOM   1200 S SG  . CYS A 1 152 ? -6.365  -15.345 -0.924  1.00 61.03  ? 152 CYS A SG  1 
ATOM   1201 N N   . PHE A 1 153 ? -3.733  -13.008 -2.115  1.00 46.66  ? 153 PHE A N   1 
ATOM   1202 C CA  . PHE A 1 153 ? -3.941  -11.730 -2.825  1.00 43.00  ? 153 PHE A CA  1 
ATOM   1203 C C   . PHE A 1 153 ? -5.424  -11.597 -3.070  1.00 45.29  ? 153 PHE A C   1 
ATOM   1204 O O   . PHE A 1 153 ? -6.072  -12.601 -3.371  1.00 45.39  ? 153 PHE A O   1 
ATOM   1205 C CB  . PHE A 1 153 ? -3.185  -11.670 -4.141  1.00 42.99  ? 153 PHE A CB  1 
ATOM   1206 C CG  . PHE A 1 153 ? -1.722  -11.935 -3.987  1.00 40.74  ? 153 PHE A CG  1 
ATOM   1207 C CD1 . PHE A 1 153 ? -0.954  -11.149 -3.146  1.00 41.34  ? 153 PHE A CD1 1 
ATOM   1208 C CD2 . PHE A 1 153 ? -1.107  -12.959 -4.686  1.00 47.58  ? 153 PHE A CD2 1 
ATOM   1209 C CE1 . PHE A 1 153 ? 0.397   -11.397 -2.980  1.00 41.33  ? 153 PHE A CE1 1 
ATOM   1210 C CE2 . PHE A 1 153 ? 0.255   -13.185 -4.547  1.00 42.76  ? 153 PHE A CE2 1 
ATOM   1211 C CZ  . PHE A 1 153 ? 1.002   -12.400 -3.696  1.00 43.49  ? 153 PHE A CZ  1 
ATOM   1212 N N   . GLU A 1 154 ? -5.929  -10.394 -2.870  1.00 39.64  ? 154 GLU A N   1 
ATOM   1213 C CA  . GLU A 1 154 ? -7.327  -10.061 -3.127  1.00 38.76  ? 154 GLU A CA  1 
ATOM   1214 C C   . GLU A 1 154 ? -7.358  -8.679  -3.800  1.00 44.13  ? 154 GLU A C   1 
ATOM   1215 O O   . GLU A 1 154 ? -6.583  -7.786  -3.383  1.00 48.18  ? 154 GLU A O   1 
ATOM   1216 C CB  . GLU A 1 154 ? -8.115  -10.137 -1.814  1.00 42.36  ? 154 GLU A CB  1 
ATOM   1217 C CG  . GLU A 1 154 ? -9.600  -9.862  -2.004  1.00 45.25  ? 154 GLU A CG  1 
ATOM   1218 C CD  . GLU A 1 154 ? -10.479 -9.871  -0.765  1.00 51.73  ? 154 GLU A CD  1 
ATOM   1219 O OE1 . GLU A 1 154 ? -9.926  -9.745  0.343   1.00 49.93  ? 154 GLU A OE1 1 
ATOM   1220 O OE2 . GLU A 1 154 ? -11.728 -9.939  -0.926  1.00 49.35  ? 154 GLU A OE2 1 
ATOM   1221 N N   . ILE A 1 155 ? -8.241  -8.511  -4.795  1.00 46.84  ? 155 ILE A N   1 
ATOM   1222 C CA  . ILE A 1 155 ? -8.607  -7.197  -5.378  1.00 43.86  ? 155 ILE A CA  1 
ATOM   1223 C C   . ILE A 1 155 ? -10.112 -6.991  -5.177  1.00 47.19  ? 155 ILE A C   1 
ATOM   1224 O O   . ILE A 1 155 ? -10.906 -7.890  -5.554  1.00 49.54  ? 155 ILE A O   1 
ATOM   1225 C CB  . ILE A 1 155 ? -8.204  -7.115  -6.862  1.00 50.12  ? 155 ILE A CB  1 
ATOM   1226 C CG1 . ILE A 1 155 ? -6.697  -7.266  -7.078  1.00 48.45  ? 155 ILE A CG1 1 
ATOM   1227 C CG2 . ILE A 1 155 ? -8.712  -5.809  -7.457  1.00 50.60  ? 155 ILE A CG2 1 
ATOM   1228 C CD1 . ILE A 1 155 ? -6.329  -7.667  -8.495  1.00 52.51  ? 155 ILE A CD1 1 
ATOM   1229 N N   . LEU A 1 156 ? -10.472 -5.846  -4.590  1.00 46.29  ? 156 LEU A N   1 
ATOM   1230 C CA  . LEU A 1 156 ? -11.856 -5.384  -4.391  1.00 47.56  ? 156 LEU A CA  1 
ATOM   1231 C C   . LEU A 1 156 ? -12.108 -4.102  -5.195  1.00 48.82  ? 156 LEU A C   1 
ATOM   1232 O O   . LEU A 1 156 ? -11.197 -3.297  -5.321  1.00 46.91  ? 156 LEU A O   1 
ATOM   1233 C CB  . LEU A 1 156 ? -12.067 -5.152  -2.904  1.00 49.20  ? 156 LEU A CB  1 
ATOM   1234 C CG  . LEU A 1 156 ? -11.900 -6.397  -2.041  1.00 47.67  ? 156 LEU A CG  1 
ATOM   1235 C CD1 . LEU A 1 156 ? -10.468 -6.531  -1.556  1.00 45.61  ? 156 LEU A CD1 1 
ATOM   1236 C CD2 . LEU A 1 156 ? -12.876 -6.327  -0.877  1.00 47.38  ? 156 LEU A CD2 1 
ATOM   1237 N N   . GLU A 1 157 ? -13.307 -3.956  -5.744  1.00 49.84  ? 157 GLU A N   1 
ATOM   1238 C CA  . GLU A 1 157 ? -13.744 -2.741  -6.472  1.00 56.40  ? 157 GLU A CA  1 
ATOM   1239 C C   . GLU A 1 157 ? -14.887 -2.134  -5.663  1.00 55.88  ? 157 GLU A C   1 
ATOM   1240 O O   . GLU A 1 157 ? -15.690 -2.916  -5.078  1.00 57.86  ? 157 GLU A O   1 
ATOM   1241 C CB  . GLU A 1 157 ? -14.212 -3.067  -7.890  1.00 59.07  ? 157 GLU A CB  1 
ATOM   1242 C CG  . GLU A 1 157 ? -13.177 -3.759  -8.755  1.00 61.74  ? 157 GLU A CG  1 
ATOM   1243 C CD  . GLU A 1 157 ? -12.389 -2.857  -9.686  1.00 58.07  ? 157 GLU A CD  1 
ATOM   1244 O OE1 . GLU A 1 157 ? -11.484 -3.366  -10.380 1.00 56.01  ? 157 GLU A OE1 1 
ATOM   1245 O OE2 . GLU A 1 157 ? -12.661 -1.652  -9.688  1.00 64.86  ? 157 GLU A OE2 1 
ATOM   1246 N N   . ARG A 1 158 ? -14.935 -0.807  -5.595  1.00 52.79  ? 158 ARG A N   1 
ATOM   1247 C CA  . ARG A 1 158 ? -16.005 -0.104  -4.862  1.00 58.74  ? 158 ARG A CA  1 
ATOM   1248 C C   . ARG A 1 158 ? -17.301 -0.249  -5.659  1.00 62.00  ? 158 ARG A C   1 
ATOM   1249 O O   . ARG A 1 158 ? -17.236 -0.188  -6.904  1.00 61.16  ? 158 ARG A O   1 
ATOM   1250 C CB  . ARG A 1 158 ? -15.633 1.358   -4.615  1.00 62.67  ? 158 ARG A CB  1 
ATOM   1251 C CG  . ARG A 1 158 ? -16.639 2.090   -3.736  1.00 62.93  ? 158 ARG A CG  1 
ATOM   1252 C CD  . ARG A 1 158 ? -16.370 3.570   -3.716  1.00 66.01  ? 158 ARG A CD  1 
ATOM   1253 N NE  . ARG A 1 158 ? -15.238 3.871   -2.853  1.00 68.79  ? 158 ARG A NE  1 
ATOM   1254 C CZ  . ARG A 1 158 ? -15.298 3.929   -1.528  1.00 68.48  ? 158 ARG A CZ  1 
ATOM   1255 N NH1 . ARG A 1 158 ? -16.444 3.685   -0.911  1.00 78.97  ? 158 ARG A NH1 1 
ATOM   1256 N NH2 . ARG A 1 158 ? -14.214 4.233   -0.825  1.00 70.52  ? 158 ARG A NH2 1 
ATOM   1257 N N   . ARG A 1 159 ? -18.426 -0.452  -4.962  1.00 71.95  ? 159 ARG A N   1 
ATOM   1258 C CA  . ARG A 1 159 ? -19.786 -0.343  -5.557  1.00 81.98  ? 159 ARG A CA  1 
ATOM   1259 C C   . ARG A 1 159 ? -20.232 1.123   -5.549  1.00 81.56  ? 159 ARG A C   1 
ATOM   1260 O O   . ARG A 1 159 ? -20.902 1.532   -6.498  1.00 88.08  ? 159 ARG A O   1 
ATOM   1261 C CB  . ARG A 1 159 ? -20.787 -1.173  -4.761  1.00 93.08  ? 159 ARG A CB  1 
ATOM   1262 C CG  . ARG A 1 159 ? -20.454 -2.654  -4.675  1.00 87.58  ? 159 ARG A CG  1 
ATOM   1263 C CD  . ARG A 1 159 ? -21.065 -3.235  -3.414  1.00 94.52  ? 159 ARG A CD  1 
ATOM   1264 N NE  . ARG A 1 159 ? -20.766 -4.646  -3.296  1.00 102.38 ? 159 ARG A NE  1 
ATOM   1265 C CZ  . ARG A 1 159 ? -21.478 -5.620  -3.847  1.00 104.16 ? 159 ARG A CZ  1 
ATOM   1266 N NH1 . ARG A 1 159 ? -22.571 -5.345  -4.542  1.00 105.13 ? 159 ARG A NH1 1 
ATOM   1267 N NH2 . ARG A 1 159 ? -21.084 -6.873  -3.691  1.00 104.08 ? 159 ARG A NH2 1 
HETATM 1268 C C1  . TOP B 2 .   ? 4.152   -3.882  0.526   1.00 44.99  ? 201 TOP A C1  1 
HETATM 1269 N N2  . TOP B 2 .   ? 3.354   -4.903  0.170   1.00 45.42  ? 201 TOP A N2  1 
HETATM 1270 C C3  . TOP B 2 .   ? 2.084   -4.591  -0.196  1.00 50.48  ? 201 TOP A C3  1 
HETATM 1271 N N4  . TOP B 2 .   ? 1.278   -5.567  -0.629  1.00 52.46  ? 201 TOP A N4  1 
HETATM 1272 N N5  . TOP B 2 .   ? 1.571   -3.351  -0.176  1.00 43.77  ? 201 TOP A N5  1 
HETATM 1273 C C6  . TOP B 2 .   ? 2.386   -2.343  0.184   1.00 42.86  ? 201 TOP A C6  1 
HETATM 1274 N N7  . TOP B 2 .   ? 1.836   -1.119  0.237   1.00 43.63  ? 201 TOP A N7  1 
HETATM 1275 C C8  . TOP B 2 .   ? 3.721   -2.560  0.570   1.00 46.22  ? 201 TOP A C8  1 
HETATM 1276 C C9  . TOP B 2 .   ? 4.620   -1.393  0.969   1.00 49.20  ? 201 TOP A C9  1 
HETATM 1277 C C10 . TOP B 2 .   ? 6.080   -1.749  1.165   1.00 53.67  ? 201 TOP A C10 1 
HETATM 1278 C C11 . TOP B 2 .   ? 6.982   -1.854  0.102   1.00 47.93  ? 201 TOP A C11 1 
HETATM 1279 C C12 . TOP B 2 .   ? 8.309   -2.232  0.332   1.00 50.06  ? 201 TOP A C12 1 
HETATM 1280 O O13 . TOP B 2 .   ? 9.271   -2.350  -0.639  1.00 49.89  ? 201 TOP A O13 1 
HETATM 1281 C C14 . TOP B 2 .   ? 8.904   -2.147  -2.002  1.00 50.08  ? 201 TOP A C14 1 
HETATM 1282 C C15 . TOP B 2 .   ? 8.747   -2.526  1.636   1.00 61.69  ? 201 TOP A C15 1 
HETATM 1283 O O16 . TOP B 2 .   ? 10.048  -2.912  1.938   1.00 63.23  ? 201 TOP A O16 1 
HETATM 1284 C C17 . TOP B 2 .   ? 10.845  -3.482  0.891   1.00 66.80  ? 201 TOP A C17 1 
HETATM 1285 C C18 . TOP B 2 .   ? 7.836   -2.392  2.682   1.00 64.63  ? 201 TOP A C18 1 
HETATM 1286 O O19 . TOP B 2 .   ? 8.311   -2.716  3.913   1.00 77.27  ? 201 TOP A O19 1 
HETATM 1287 C C20 . TOP B 2 .   ? 7.927   -3.997  4.399   1.00 69.49  ? 201 TOP A C20 1 
HETATM 1288 C C21 . TOP B 2 .   ? 6.520   -2.038  2.448   1.00 59.83  ? 201 TOP A C21 1 
HETATM 1289 S S   . SO4 C 3 .   ? 12.383  -2.606  -6.820  1.00 68.72  ? 202 SO4 A S   1 
HETATM 1290 O O1  . SO4 C 3 .   ? 12.757  -3.984  -6.866  1.00 69.26  ? 202 SO4 A O1  1 
HETATM 1291 O O2  . SO4 C 3 .   ? 11.637  -2.316  -5.621  1.00 64.35  ? 202 SO4 A O2  1 
HETATM 1292 O O3  . SO4 C 3 .   ? 11.562  -2.325  -7.963  1.00 62.02  ? 202 SO4 A O3  1 
HETATM 1293 O O4  . SO4 C 3 .   ? 13.581  -1.794  -6.832  1.00 73.74  ? 202 SO4 A O4  1 
HETATM 1294 S S   . SO4 D 3 .   ? -15.712 2.829   2.512   1.00 116.18 ? 203 SO4 A S   1 
HETATM 1295 O O1  . SO4 D 3 .   ? -14.991 1.779   3.207   1.00 98.18  ? 203 SO4 A O1  1 
HETATM 1296 O O2  . SO4 D 3 .   ? -16.104 2.361   1.218   1.00 126.77 ? 203 SO4 A O2  1 
HETATM 1297 O O3  . SO4 D 3 .   ? -16.904 3.171   3.247   1.00 110.04 ? 203 SO4 A O3  1 
HETATM 1298 O O4  . SO4 D 3 .   ? -14.873 4.003   2.353   1.00 109.73 ? 203 SO4 A O4  1 
HETATM 1299 S S   . SO4 E 3 .   ? -10.874 -10.455 7.871   1.00 93.82  ? 204 SO4 A S   1 
HETATM 1300 O O1  . SO4 E 3 .   ? -10.900 -11.618 8.744   1.00 78.61  ? 204 SO4 A O1  1 
HETATM 1301 O O2  . SO4 E 3 .   ? -10.272 -10.783 6.588   1.00 90.51  ? 204 SO4 A O2  1 
HETATM 1302 O O3  . SO4 E 3 .   ? -10.091 -9.407  8.481   1.00 92.32  ? 204 SO4 A O3  1 
HETATM 1303 O O4  . SO4 E 3 .   ? -12.223 -10.004 7.662   1.00 80.96  ? 204 SO4 A O4  1 
HETATM 1304 S S   . SO4 F 3 .   ? 4.298   13.883  9.055   1.00 73.94  ? 205 SO4 A S   1 
HETATM 1305 O O1  . SO4 F 3 .   ? 3.941   12.657  9.693   1.00 81.65  ? 205 SO4 A O1  1 
HETATM 1306 O O2  . SO4 F 3 .   ? 5.115   13.573  7.905   1.00 71.29  ? 205 SO4 A O2  1 
HETATM 1307 O O3  . SO4 F 3 .   ? 3.101   14.616  8.682   1.00 69.06  ? 205 SO4 A O3  1 
HETATM 1308 O O4  . SO4 F 3 .   ? 5.074   14.693  9.951   1.00 88.99  ? 205 SO4 A O4  1 
HETATM 1309 S S   . SO4 G 3 .   ? 3.084   6.833   7.342   1.00 66.60  ? 206 SO4 A S   1 
HETATM 1310 O O1  . SO4 G 3 .   ? 2.989   5.822   8.382   1.00 59.99  ? 206 SO4 A O1  1 
HETATM 1311 O O2  . SO4 G 3 .   ? 3.907   6.301   6.278   1.00 46.18  ? 206 SO4 A O2  1 
HETATM 1312 O O3  . SO4 G 3 .   ? 1.712   7.154   6.959   1.00 51.97  ? 206 SO4 A O3  1 
HETATM 1313 O O4  . SO4 G 3 .   ? 3.748   8.050   7.801   1.00 69.91  ? 206 SO4 A O4  1 
HETATM 1314 O O   . HOH H 4 .   ? 0.769   6.302   9.387   1.00 52.60  ? 301 HOH A O   1 
HETATM 1315 O O   . HOH H 4 .   ? 12.230  11.356  6.356   1.00 55.50  ? 302 HOH A O   1 
HETATM 1316 O O   . HOH H 4 .   ? -15.375 -1.432  7.137   1.00 91.58  ? 303 HOH A O   1 
HETATM 1317 O O   . HOH H 4 .   ? 8.246   -13.586 6.933   1.00 63.29  ? 304 HOH A O   1 
HETATM 1318 O O   . HOH H 4 .   ? -1.393  4.937   -13.753 1.00 43.69  ? 305 HOH A O   1 
HETATM 1319 O O   . HOH H 4 .   ? 3.697   11.401  6.383   1.00 46.26  ? 306 HOH A O   1 
HETATM 1320 O O   . HOH H 4 .   ? -2.996  -7.586  -10.804 1.00 55.37  ? 307 HOH A O   1 
HETATM 1321 O O   . HOH H 4 .   ? -10.634 6.624   -7.331  1.00 55.24  ? 308 HOH A O   1 
HETATM 1322 O O   . HOH H 4 .   ? 9.646   13.016  -7.963  1.00 51.36  ? 309 HOH A O   1 
HETATM 1323 O O   . HOH H 4 .   ? -7.063  -18.978 -4.474  1.00 50.80  ? 310 HOH A O   1 
HETATM 1324 O O   . HOH H 4 .   ? -3.415  -19.995 -6.296  1.00 51.19  ? 311 HOH A O   1 
HETATM 1325 O O   . HOH H 4 .   ? 0.884   18.965  -6.457  1.00 44.12  ? 312 HOH A O   1 
HETATM 1326 O O   . HOH H 4 .   ? -6.380  9.048   -11.759 1.00 61.26  ? 313 HOH A O   1 
HETATM 1327 O O   . HOH H 4 .   ? -6.148  -16.727 4.011   0.50 77.55  ? 314 HOH A O   1 
HETATM 1328 O O   . HOH H 4 .   ? 0.848   5.722   -14.782 1.00 47.88  ? 315 HOH A O   1 
HETATM 1329 O O   . HOH H 4 .   ? 17.882  12.260  2.899   1.00 48.58  ? 316 HOH A O   1 
HETATM 1330 O O   . HOH H 4 .   ? -1.472  -6.182  -1.547  1.00 40.77  ? 317 HOH A O   1 
HETATM 1331 O O   . HOH H 4 .   ? 0.928   -23.201 3.683   1.00 48.27  ? 318 HOH A O   1 
HETATM 1332 O O   . HOH H 4 .   ? -0.566  -12.847 -9.085  1.00 61.28  ? 319 HOH A O   1 
HETATM 1333 O O   . HOH H 4 .   ? -16.087 6.599   2.730   1.00 61.29  ? 320 HOH A O   1 
HETATM 1334 O O   . HOH H 4 .   ? 12.099  6.607   -8.945  1.00 49.45  ? 321 HOH A O   1 
HETATM 1335 O O   . HOH H 4 .   ? 11.830  17.330  -3.662  1.00 55.74  ? 322 HOH A O   1 
HETATM 1336 O O   . HOH H 4 .   ? 7.839   -8.542  -9.136  1.00 60.77  ? 323 HOH A O   1 
HETATM 1337 O O   . HOH H 4 .   ? -4.810  16.604  3.163   1.00 55.72  ? 324 HOH A O   1 
HETATM 1338 O O   . HOH H 4 .   ? -6.303  18.046  0.311   1.00 53.51  ? 325 HOH A O   1 
HETATM 1339 O O   . HOH H 4 .   ? 9.261   18.297  -3.620  1.00 44.25  ? 326 HOH A O   1 
HETATM 1340 O O   . HOH H 4 .   ? 13.293  17.432  -1.041  1.00 56.45  ? 327 HOH A O   1 
HETATM 1341 O O   . HOH H 4 .   ? 9.757   10.514  -8.442  1.00 53.61  ? 328 HOH A O   1 
HETATM 1342 O O   . HOH H 4 .   ? -5.910  17.242  -7.136  1.00 51.44  ? 329 HOH A O   1 
HETATM 1343 O O   . HOH H 4 .   ? -15.108 7.385   -4.506  1.00 64.94  ? 330 HOH A O   1 
HETATM 1344 O O   . HOH H 4 .   ? 8.529   17.498  -7.996  1.00 66.85  ? 331 HOH A O   1 
HETATM 1345 O O   . HOH H 4 .   ? 0.251   15.624  9.744   1.00 58.27  ? 332 HOH A O   1 
HETATM 1346 O O   . HOH H 4 .   ? -5.982  -6.048  -11.883 1.00 56.48  ? 333 HOH A O   1 
HETATM 1347 O O   . HOH H 4 .   ? 8.928   10.531  13.652  1.00 57.31  ? 334 HOH A O   1 
HETATM 1348 O O   . HOH H 4 .   ? -0.853  -8.955  -10.968 1.00 64.14  ? 335 HOH A O   1 
# 
loop_
_pdbx_poly_seq_scheme.asym_id 
_pdbx_poly_seq_scheme.entity_id 
_pdbx_poly_seq_scheme.seq_id 
_pdbx_poly_seq_scheme.mon_id 
_pdbx_poly_seq_scheme.ndb_seq_num 
_pdbx_poly_seq_scheme.pdb_seq_num 
_pdbx_poly_seq_scheme.auth_seq_num 
_pdbx_poly_seq_scheme.pdb_mon_id 
_pdbx_poly_seq_scheme.auth_mon_id 
_pdbx_poly_seq_scheme.pdb_strand_id 
_pdbx_poly_seq_scheme.pdb_ins_code 
_pdbx_poly_seq_scheme.hetero 
A 1 1   MET 1   1   1   MET MET A . n 
A 1 2   ILE 2   2   2   ILE ILE A . n 
A 1 3   SER 3   3   3   SER SER A . n 
A 1 4   LEU 4   4   4   LEU LEU A . n 
A 1 5   ILE 5   5   5   ILE ILE A . n 
A 1 6   ALA 6   6   6   ALA ALA A . n 
A 1 7   ALA 7   7   7   ALA ALA A . n 
A 1 8   LEU 8   8   8   LEU LEU A . n 
A 1 9   ALA 9   9   9   ALA ALA A . n 
A 1 10  VAL 10  10  10  VAL VAL A . n 
A 1 11  ASP 11  11  11  ASP ASP A . n 
A 1 12  ARG 12  12  12  ARG ARG A . n 
A 1 13  VAL 13  13  13  VAL VAL A . n 
A 1 14  ILE 14  14  14  ILE ILE A . n 
A 1 15  GLY 15  15  15  GLY GLY A . n 
A 1 16  MET 16  16  16  MET MET A . n 
A 1 17  GLU 17  17  17  GLU GLU A . n 
A 1 18  ASN 18  18  18  ASN ASN A . n 
A 1 19  ALA 19  19  19  ALA ALA A . n 
A 1 20  MET 20  20  20  MET MET A . n 
A 1 21  PRO 21  21  21  PRO PRO A . n 
A 1 22  TRP 22  22  22  TRP TRP A . n 
A 1 23  ASN 23  23  23  ASN ASN A . n 
A 1 24  LEU 24  24  24  LEU LEU A . n 
A 1 25  PRO 25  25  25  PRO PRO A . n 
A 1 26  ALA 26  26  26  ALA ALA A . n 
A 1 27  ASP 27  27  27  ASP ASP A . n 
A 1 28  LEU 28  28  28  LEU LEU A . n 
A 1 29  ALA 29  29  29  ALA ALA A . n 
A 1 30  TRP 30  30  30  TRP TRP A . n 
A 1 31  PHE 31  31  31  PHE PHE A . n 
A 1 32  LYS 32  32  32  LYS LYS A . n 
A 1 33  ARG 33  33  33  ARG ARG A . n 
A 1 34  ASN 34  34  34  ASN ASN A . n 
A 1 35  THR 35  35  35  THR THR A . n 
A 1 36  LEU 36  36  36  LEU LEU A . n 
A 1 37  ASN 37  37  37  ASN ASN A . n 
A 1 38  LYS 38  38  38  LYS LYS A . n 
A 1 39  PRO 39  39  39  PRO PRO A . n 
A 1 40  VAL 40  40  40  VAL VAL A . n 
A 1 41  ILE 41  41  41  ILE ILE A . n 
A 1 42  MET 42  42  42  MET MET A . n 
A 1 43  GLY 43  43  43  GLY GLY A . n 
A 1 44  ARG 44  44  44  ARG ARG A . n 
A 1 45  HIS 45  45  45  HIS HIS A . n 
A 1 46  THR 46  46  46  THR THR A . n 
A 1 47  TRP 47  47  47  TRP TRP A . n 
A 1 48  GLU 48  48  48  GLU GLU A . n 
A 1 49  SER 49  49  49  SER SER A . n 
A 1 50  ILE 50  50  50  ILE ILE A . n 
A 1 51  GLY 51  51  51  GLY GLY A . n 
A 1 52  ARG 52  52  52  ARG ARG A . n 
A 1 53  PRO 53  53  53  PRO PRO A . n 
A 1 54  LEU 54  54  54  LEU LEU A . n 
A 1 55  PRO 55  55  55  PRO PRO A . n 
A 1 56  GLY 56  56  56  GLY GLY A . n 
A 1 57  ARG 57  57  57  ARG ARG A . n 
A 1 58  LYS 58  58  58  LYS LYS A . n 
A 1 59  ASN 59  59  59  ASN ASN A . n 
A 1 60  ILE 60  60  60  ILE ILE A . n 
A 1 61  ILE 61  61  61  ILE ILE A . n 
A 1 62  LEU 62  62  62  LEU LEU A . n 
A 1 63  SER 63  63  63  SER SER A . n 
A 1 64  SER 64  64  64  SER SER A . n 
A 1 65  GLN 65  65  65  GLN GLN A . n 
A 1 66  PRO 66  66  66  PRO PRO A . n 
A 1 67  GLY 67  67  67  GLY GLY A . n 
A 1 68  THR 68  68  68  THR THR A . n 
A 1 69  ASP 69  69  69  ASP ASP A . n 
A 1 70  ASP 70  70  70  ASP ASP A . n 
A 1 71  ARG 71  71  71  ARG ARG A . n 
A 1 72  VAL 72  72  72  VAL VAL A . n 
A 1 73  THR 73  73  73  THR THR A . n 
A 1 74  TRP 74  74  74  TRP TRP A . n 
A 1 75  VAL 75  75  75  VAL VAL A . n 
A 1 76  LYS 76  76  76  LYS LYS A . n 
A 1 77  SER 77  77  77  SER SER A . n 
A 1 78  VAL 78  78  78  VAL VAL A . n 
A 1 79  ASP 79  79  79  ASP ASP A . n 
A 1 80  GLU 80  80  80  GLU GLU A . n 
A 1 81  ALA 81  81  81  ALA ALA A . n 
A 1 82  ILE 82  82  82  ILE ILE A . n 
A 1 83  ALA 83  83  83  ALA ALA A . n 
A 1 84  ALA 84  84  84  ALA ALA A . n 
A 1 85  CYS 85  85  85  CYS CYS A . n 
A 1 86  GLY 86  86  86  GLY GLY A . n 
A 1 87  ASP 87  87  87  ASP ASP A . n 
A 1 88  VAL 88  88  88  VAL VAL A . n 
A 1 89  PRO 89  89  89  PRO PRO A . n 
A 1 90  GLU 90  90  90  GLU GLU A . n 
A 1 91  ILE 91  91  91  ILE ILE A . n 
A 1 92  MET 92  92  92  MET MET A . n 
A 1 93  VAL 93  93  93  VAL VAL A . n 
A 1 94  ILE 94  94  94  ILE ILE A . n 
A 1 95  GLY 95  95  95  GLY GLY A . n 
A 1 96  GLY 96  96  96  GLY GLY A . n 
A 1 97  GLY 97  97  97  GLY GLY A . n 
A 1 98  ARG 98  98  98  ARG ARG A . n 
A 1 99  VAL 99  99  99  VAL VAL A . n 
A 1 100 TYR 100 100 100 TYR TYR A . n 
A 1 101 GLU 101 101 101 GLU GLU A . n 
A 1 102 GLN 102 102 102 GLN GLN A . n 
A 1 103 PHE 103 103 103 PHE PHE A . n 
A 1 104 LEU 104 104 104 LEU LEU A . n 
A 1 105 PRO 105 105 105 PRO PRO A . n 
A 1 106 LYS 106 106 106 LYS LYS A . n 
A 1 107 ALA 107 107 107 ALA ALA A . n 
A 1 108 GLN 108 108 108 GLN GLN A . n 
A 1 109 LYS 109 109 109 LYS LYS A . n 
A 1 110 LEU 110 110 110 LEU LEU A . n 
A 1 111 TYR 111 111 111 TYR TYR A . n 
A 1 112 LEU 112 112 112 LEU LEU A . n 
A 1 113 THR 113 113 113 THR THR A . n 
A 1 114 HIS 114 114 114 HIS HIS A . n 
A 1 115 ILE 115 115 115 ILE ILE A . n 
A 1 116 ASP 116 116 116 ASP ASP A . n 
A 1 117 ALA 117 117 117 ALA ALA A . n 
A 1 118 GLU 118 118 118 GLU GLU A . n 
A 1 119 VAL 119 119 119 VAL VAL A . n 
A 1 120 GLU 120 120 120 GLU GLU A . n 
A 1 121 GLY 121 121 121 GLY GLY A . n 
A 1 122 ASP 122 122 122 ASP ASP A . n 
A 1 123 THR 123 123 123 THR THR A . n 
A 1 124 HIS 124 124 124 HIS HIS A . n 
A 1 125 PHE 125 125 125 PHE PHE A . n 
A 1 126 PRO 126 126 126 PRO PRO A . n 
A 1 127 ASP 127 127 127 ASP ASP A . n 
A 1 128 TYR 128 128 128 TYR TYR A . n 
A 1 129 GLU 129 129 129 GLU GLU A . n 
A 1 130 PRO 130 130 130 PRO PRO A . n 
A 1 131 ASP 131 131 131 ASP ASP A . n 
A 1 132 ASP 132 132 132 ASP ASP A . n 
A 1 133 TRP 133 133 133 TRP TRP A . n 
A 1 134 GLU 134 134 134 GLU GLU A . n 
A 1 135 SER 135 135 135 SER SER A . n 
A 1 136 VAL 136 136 136 VAL VAL A . n 
A 1 137 PHE 137 137 137 PHE PHE A . n 
A 1 138 SER 138 138 138 SER SER A . n 
A 1 139 GLU 139 139 139 GLU GLU A . n 
A 1 140 PHE 140 140 140 PHE PHE A . n 
A 1 141 HIS 141 141 141 HIS HIS A . n 
A 1 142 ASP 142 142 142 ASP ASP A . n 
A 1 143 ALA 143 143 143 ALA ALA A . n 
A 1 144 ASP 144 144 144 ASP ASP A . n 
A 1 145 ALA 145 145 145 ALA ALA A . n 
A 1 146 GLN 146 146 146 GLN GLN A . n 
A 1 147 ASN 147 147 147 ASN ASN A . n 
A 1 148 SER 148 148 148 SER SER A . n 
A 1 149 HIS 149 149 149 HIS HIS A . n 
A 1 150 SER 150 150 150 SER SER A . n 
A 1 151 TYR 151 151 151 TYR TYR A . n 
A 1 152 CYS 152 152 152 CYS CYS A . n 
A 1 153 PHE 153 153 153 PHE PHE A . n 
A 1 154 GLU 154 154 154 GLU GLU A . n 
A 1 155 ILE 155 155 155 ILE ILE A . n 
A 1 156 LEU 156 156 156 LEU LEU A . n 
A 1 157 GLU 157 157 157 GLU GLU A . n 
A 1 158 ARG 158 158 158 ARG ARG A . n 
A 1 159 ARG 159 159 159 ARG ARG A . n 
A 1 160 LEU 160 160 ?   ?   ?   A . n 
A 1 161 GLU 161 161 ?   ?   ?   A . n 
A 1 162 HIS 162 162 ?   ?   ?   A . n 
A 1 163 HIS 163 163 ?   ?   ?   A . n 
A 1 164 HIS 164 164 ?   ?   ?   A . n 
A 1 165 HIS 165 165 ?   ?   ?   A . n 
A 1 166 HIS 166 166 ?   ?   ?   A . n 
A 1 167 HIS 167 167 ?   ?   ?   A . n 
A 1 168 HIS 168 168 ?   ?   ?   A . n 
A 1 169 HIS 169 169 ?   ?   ?   A . n 
# 
loop_
_pdbx_nonpoly_scheme.asym_id 
_pdbx_nonpoly_scheme.entity_id 
_pdbx_nonpoly_scheme.mon_id 
_pdbx_nonpoly_scheme.ndb_seq_num 
_pdbx_nonpoly_scheme.pdb_seq_num 
_pdbx_nonpoly_scheme.auth_seq_num 
_pdbx_nonpoly_scheme.pdb_mon_id 
_pdbx_nonpoly_scheme.auth_mon_id 
_pdbx_nonpoly_scheme.pdb_strand_id 
_pdbx_nonpoly_scheme.pdb_ins_code 
B 2 TOP 1  201 201 TOP TOP A . 
C 3 SO4 1  202 1   SO4 SO4 A . 
D 3 SO4 1  203 2   SO4 SO4 A . 
E 3 SO4 1  204 3   SO4 SO4 A . 
F 3 SO4 1  205 4   SO4 SO4 A . 
G 3 SO4 1  206 5   SO4 SO4 A . 
H 4 HOH 1  301 38  HOH HOH A . 
H 4 HOH 2  302 17  HOH HOH A . 
H 4 HOH 3  303 29  HOH HOH A . 
H 4 HOH 4  304 33  HOH HOH A . 
H 4 HOH 5  305 8   HOH HOH A . 
H 4 HOH 6  306 5   HOH HOH A . 
H 4 HOH 7  307 3   HOH HOH A . 
H 4 HOH 8  308 23  HOH HOH A . 
H 4 HOH 9  309 1   HOH HOH A . 
H 4 HOH 10 310 31  HOH HOH A . 
H 4 HOH 11 311 15  HOH HOH A . 
H 4 HOH 12 312 11  HOH HOH A . 
H 4 HOH 13 313 16  HOH HOH A . 
H 4 HOH 14 314 32  HOH HOH A . 
H 4 HOH 15 315 13  HOH HOH A . 
H 4 HOH 16 316 26  HOH HOH A . 
H 4 HOH 17 317 2   HOH HOH A . 
H 4 HOH 18 318 9   HOH HOH A . 
H 4 HOH 19 319 7   HOH HOH A . 
H 4 HOH 20 320 25  HOH HOH A . 
H 4 HOH 21 321 4   HOH HOH A . 
H 4 HOH 22 322 10  HOH HOH A . 
H 4 HOH 23 323 19  HOH HOH A . 
H 4 HOH 24 324 6   HOH HOH A . 
H 4 HOH 25 325 12  HOH HOH A . 
H 4 HOH 26 326 22  HOH HOH A . 
H 4 HOH 27 327 20  HOH HOH A . 
H 4 HOH 28 328 28  HOH HOH A . 
H 4 HOH 29 329 34  HOH HOH A . 
H 4 HOH 30 330 39  HOH HOH A . 
H 4 HOH 31 331 24  HOH HOH A . 
H 4 HOH 32 332 35  HOH HOH A . 
H 4 HOH 33 333 27  HOH HOH A . 
H 4 HOH 34 334 36  HOH HOH A . 
H 4 HOH 35 335 37  HOH HOH A . 
# 
_pdbx_struct_assembly.id                   1 
_pdbx_struct_assembly.details              author_and_software_defined_assembly 
_pdbx_struct_assembly.method_details       PISA 
_pdbx_struct_assembly.oligomeric_details   dimeric 
_pdbx_struct_assembly.oligomeric_count     2 
# 
_pdbx_struct_assembly_gen.assembly_id       1 
_pdbx_struct_assembly_gen.oper_expression   1,2 
_pdbx_struct_assembly_gen.asym_id_list      A,B,C,D,E,F,G,H 
# 
loop_
_pdbx_struct_assembly_prop.biol_id 
_pdbx_struct_assembly_prop.type 
_pdbx_struct_assembly_prop.value 
_pdbx_struct_assembly_prop.details 
1 'ABSA (A^2)' 4880  ? 
1 MORE         -191  ? 
1 'SSA (A^2)'  14610 ? 
# 
loop_
_pdbx_struct_oper_list.id 
_pdbx_struct_oper_list.type 
_pdbx_struct_oper_list.name 
_pdbx_struct_oper_list.symmetry_operation 
_pdbx_struct_oper_list.matrix[1][1] 
_pdbx_struct_oper_list.matrix[1][2] 
_pdbx_struct_oper_list.matrix[1][3] 
_pdbx_struct_oper_list.vector[1] 
_pdbx_struct_oper_list.matrix[2][1] 
_pdbx_struct_oper_list.matrix[2][2] 
_pdbx_struct_oper_list.matrix[2][3] 
_pdbx_struct_oper_list.vector[2] 
_pdbx_struct_oper_list.matrix[3][1] 
_pdbx_struct_oper_list.matrix[3][2] 
_pdbx_struct_oper_list.matrix[3][3] 
_pdbx_struct_oper_list.vector[3] 
1 'identity operation'         1_555  x,y,z        1.0000000000  0.0000000000 0.0000000000 0.0000000000   0.0000000000 1.0000000000  0.0000000000 0.0000000000   0.0000000000 0.0000000000 1.0000000000 0.0000000000  
2 'crystal symmetry operation' 10_554 -y,-x,-z-1/6 -0.8693054519 0.1038410749 0.4832443093 -11.6935032711 0.1038410749 -0.9174948842 0.3839533418 -32.9772118068 0.4832443093 0.3839533418 0.7868003360 10.2487833809 
# 
_pdbx_struct_special_symmetry.id              1 
_pdbx_struct_special_symmetry.PDB_model_num   1 
_pdbx_struct_special_symmetry.auth_asym_id    A 
_pdbx_struct_special_symmetry.auth_comp_id    HOH 
_pdbx_struct_special_symmetry.auth_seq_id     314 
_pdbx_struct_special_symmetry.PDB_ins_code    ? 
_pdbx_struct_special_symmetry.label_asym_id   H 
_pdbx_struct_special_symmetry.label_comp_id   HOH 
_pdbx_struct_special_symmetry.label_seq_id    . 
# 
loop_
_pdbx_audit_revision_history.ordinal 
_pdbx_audit_revision_history.data_content_type 
_pdbx_audit_revision_history.major_revision 
_pdbx_audit_revision_history.minor_revision 
_pdbx_audit_revision_history.revision_date 
1 'Structure model' 1 0 2022-06-29 
2 'Structure model' 1 1 2022-08-24 
3 'Structure model' 1 2 2023-10-18 
# 
_pdbx_audit_revision_details.ordinal             1 
_pdbx_audit_revision_details.revision_ordinal    1 
_pdbx_audit_revision_details.data_content_type   'Structure model' 
_pdbx_audit_revision_details.provider            repository 
_pdbx_audit_revision_details.type                'Initial release' 
_pdbx_audit_revision_details.description         ? 
_pdbx_audit_revision_details.details             ? 
# 
loop_
_pdbx_audit_revision_group.ordinal 
_pdbx_audit_revision_group.revision_ordinal 
_pdbx_audit_revision_group.data_content_type 
_pdbx_audit_revision_group.group 
1 2 'Structure model' 'Database references'    
2 3 'Structure model' 'Data collection'        
3 3 'Structure model' 'Refinement description' 
# 
loop_
_pdbx_audit_revision_category.ordinal 
_pdbx_audit_revision_category.revision_ordinal 
_pdbx_audit_revision_category.data_content_type 
_pdbx_audit_revision_category.category 
1 2 'Structure model' citation                      
2 2 'Structure model' citation_author               
3 3 'Structure model' chem_comp_atom                
4 3 'Structure model' chem_comp_bond                
5 3 'Structure model' pdbx_initial_refinement_model 
# 
loop_
_pdbx_audit_revision_item.ordinal 
_pdbx_audit_revision_item.revision_ordinal 
_pdbx_audit_revision_item.data_content_type 
_pdbx_audit_revision_item.item 
1  2 'Structure model' '_citation.country'                 
2  2 'Structure model' '_citation.journal_abbrev'          
3  2 'Structure model' '_citation.journal_id_CSD'          
4  2 'Structure model' '_citation.journal_id_ISSN'         
5  2 'Structure model' '_citation.journal_volume'          
6  2 'Structure model' '_citation.page_first'              
7  2 'Structure model' '_citation.page_last'               
8  2 'Structure model' '_citation.pdbx_database_id_DOI'    
9  2 'Structure model' '_citation.pdbx_database_id_PubMed' 
10 2 'Structure model' '_citation.title'                   
11 2 'Structure model' '_citation.year'                    
12 2 'Structure model' '_citation_author.identifier_ORCID' 
13 2 'Structure model' '_citation_author.name'             
# 
loop_
_software.citation_id 
_software.classification 
_software.compiler_name 
_software.compiler_version 
_software.contact_author 
_software.contact_author_email 
_software.date 
_software.description 
_software.dependencies 
_software.hardware 
_software.language 
_software.location 
_software.mods 
_software.name 
_software.os 
_software.os_version 
_software.type 
_software.version 
_software.pdbx_ordinal 
? refinement        ? ? ? ? ? ? ? ? ? ? ? REFMAC      ? ? ? 5.8.0267 1 
? 'data extraction' ? ? ? ? ? ? ? ? ? ? ? PDB_EXTRACT ? ? ? 3.27     2 
? 'data reduction'  ? ? ? ? ? ? ? ? ? ? ? HKL-2000    ? ? ? .        3 
? 'data scaling'    ? ? ? ? ? ? ? ? ? ? ? HKL-2000    ? ? ? .        4 
? phasing           ? ? ? ? ? ? ? ? ? ? ? PHASER      ? ? ? .        5 
# 
_pdbx_entry_details.entry_id                 7NAE 
_pdbx_entry_details.has_ligand_of_interest   Y 
_pdbx_entry_details.compound_details         ? 
_pdbx_entry_details.source_details           ? 
_pdbx_entry_details.nonpolymer_details       ? 
_pdbx_entry_details.sequence_details         ? 
# 
loop_
_pdbx_validate_torsion.id 
_pdbx_validate_torsion.PDB_model_num 
_pdbx_validate_torsion.auth_comp_id 
_pdbx_validate_torsion.auth_asym_id 
_pdbx_validate_torsion.auth_seq_id 
_pdbx_validate_torsion.PDB_ins_code 
_pdbx_validate_torsion.label_alt_id 
_pdbx_validate_torsion.phi 
_pdbx_validate_torsion.psi 
1 1 ASN A 18  ? ? -51.32 -101.15 
2 1 MET A 20  ? ? 161.56 -141.64 
3 1 LEU A 24  ? ? -45.73 108.11  
4 1 ASP A 122 ? ? 67.04  -8.39   
5 1 GLU A 129 ? ? -53.38 108.90  
# 
_pdbx_validate_peptide_omega.id               1 
_pdbx_validate_peptide_omega.PDB_model_num    1 
_pdbx_validate_peptide_omega.auth_comp_id_1   MET 
_pdbx_validate_peptide_omega.auth_asym_id_1   A 
_pdbx_validate_peptide_omega.auth_seq_id_1    20 
_pdbx_validate_peptide_omega.PDB_ins_code_1   ? 
_pdbx_validate_peptide_omega.label_alt_id_1   ? 
_pdbx_validate_peptide_omega.auth_comp_id_2   PRO 
_pdbx_validate_peptide_omega.auth_asym_id_2   A 
_pdbx_validate_peptide_omega.auth_seq_id_2    21 
_pdbx_validate_peptide_omega.PDB_ins_code_2   ? 
_pdbx_validate_peptide_omega.label_alt_id_2   ? 
_pdbx_validate_peptide_omega.omega            148.65 
# 
loop_
_pdbx_unobs_or_zero_occ_residues.id 
_pdbx_unobs_or_zero_occ_residues.PDB_model_num 
_pdbx_unobs_or_zero_occ_residues.polymer_flag 
_pdbx_unobs_or_zero_occ_residues.occupancy_flag 
_pdbx_unobs_or_zero_occ_residues.auth_asym_id 
_pdbx_unobs_or_zero_occ_residues.auth_comp_id 
_pdbx_unobs_or_zero_occ_residues.auth_seq_id 
_pdbx_unobs_or_zero_occ_residues.PDB_ins_code 
_pdbx_unobs_or_zero_occ_residues.label_asym_id 
_pdbx_unobs_or_zero_occ_residues.label_comp_id 
_pdbx_unobs_or_zero_occ_residues.label_seq_id 
1  1 Y 1 A LEU 160 ? A LEU 160 
2  1 Y 1 A GLU 161 ? A GLU 161 
3  1 Y 1 A HIS 162 ? A HIS 162 
4  1 Y 1 A HIS 163 ? A HIS 163 
5  1 Y 1 A HIS 164 ? A HIS 164 
6  1 Y 1 A HIS 165 ? A HIS 165 
7  1 Y 1 A HIS 166 ? A HIS 166 
8  1 Y 1 A HIS 167 ? A HIS 167 
9  1 Y 1 A HIS 168 ? A HIS 168 
10 1 Y 1 A HIS 169 ? A HIS 169 
# 
loop_
_chem_comp_atom.comp_id 
_chem_comp_atom.atom_id 
_chem_comp_atom.type_symbol 
_chem_comp_atom.pdbx_aromatic_flag 
_chem_comp_atom.pdbx_stereo_config 
_chem_comp_atom.pdbx_ordinal 
ALA N    N N N 1   
ALA CA   C N S 2   
ALA C    C N N 3   
ALA O    O N N 4   
ALA CB   C N N 5   
ALA OXT  O N N 6   
ALA H    H N N 7   
ALA H2   H N N 8   
ALA HA   H N N 9   
ALA HB1  H N N 10  
ALA HB2  H N N 11  
ALA HB3  H N N 12  
ALA HXT  H N N 13  
ARG N    N N N 14  
ARG CA   C N S 15  
ARG C    C N N 16  
ARG O    O N N 17  
ARG CB   C N N 18  
ARG CG   C N N 19  
ARG CD   C N N 20  
ARG NE   N N N 21  
ARG CZ   C N N 22  
ARG NH1  N N N 23  
ARG NH2  N N N 24  
ARG OXT  O N N 25  
ARG H    H N N 26  
ARG H2   H N N 27  
ARG HA   H N N 28  
ARG HB2  H N N 29  
ARG HB3  H N N 30  
ARG HG2  H N N 31  
ARG HG3  H N N 32  
ARG HD2  H N N 33  
ARG HD3  H N N 34  
ARG HE   H N N 35  
ARG HH11 H N N 36  
ARG HH12 H N N 37  
ARG HH21 H N N 38  
ARG HH22 H N N 39  
ARG HXT  H N N 40  
ASN N    N N N 41  
ASN CA   C N S 42  
ASN C    C N N 43  
ASN O    O N N 44  
ASN CB   C N N 45  
ASN CG   C N N 46  
ASN OD1  O N N 47  
ASN ND2  N N N 48  
ASN OXT  O N N 49  
ASN H    H N N 50  
ASN H2   H N N 51  
ASN HA   H N N 52  
ASN HB2  H N N 53  
ASN HB3  H N N 54  
ASN HD21 H N N 55  
ASN HD22 H N N 56  
ASN HXT  H N N 57  
ASP N    N N N 58  
ASP CA   C N S 59  
ASP C    C N N 60  
ASP O    O N N 61  
ASP CB   C N N 62  
ASP CG   C N N 63  
ASP OD1  O N N 64  
ASP OD2  O N N 65  
ASP OXT  O N N 66  
ASP H    H N N 67  
ASP H2   H N N 68  
ASP HA   H N N 69  
ASP HB2  H N N 70  
ASP HB3  H N N 71  
ASP HD2  H N N 72  
ASP HXT  H N N 73  
CYS N    N N N 74  
CYS CA   C N R 75  
CYS C    C N N 76  
CYS O    O N N 77  
CYS CB   C N N 78  
CYS SG   S N N 79  
CYS OXT  O N N 80  
CYS H    H N N 81  
CYS H2   H N N 82  
CYS HA   H N N 83  
CYS HB2  H N N 84  
CYS HB3  H N N 85  
CYS HG   H N N 86  
CYS HXT  H N N 87  
GLN N    N N N 88  
GLN CA   C N S 89  
GLN C    C N N 90  
GLN O    O N N 91  
GLN CB   C N N 92  
GLN CG   C N N 93  
GLN CD   C N N 94  
GLN OE1  O N N 95  
GLN NE2  N N N 96  
GLN OXT  O N N 97  
GLN H    H N N 98  
GLN H2   H N N 99  
GLN HA   H N N 100 
GLN HB2  H N N 101 
GLN HB3  H N N 102 
GLN HG2  H N N 103 
GLN HG3  H N N 104 
GLN HE21 H N N 105 
GLN HE22 H N N 106 
GLN HXT  H N N 107 
GLU N    N N N 108 
GLU CA   C N S 109 
GLU C    C N N 110 
GLU O    O N N 111 
GLU CB   C N N 112 
GLU CG   C N N 113 
GLU CD   C N N 114 
GLU OE1  O N N 115 
GLU OE2  O N N 116 
GLU OXT  O N N 117 
GLU H    H N N 118 
GLU H2   H N N 119 
GLU HA   H N N 120 
GLU HB2  H N N 121 
GLU HB3  H N N 122 
GLU HG2  H N N 123 
GLU HG3  H N N 124 
GLU HE2  H N N 125 
GLU HXT  H N N 126 
GLY N    N N N 127 
GLY CA   C N N 128 
GLY C    C N N 129 
GLY O    O N N 130 
GLY OXT  O N N 131 
GLY H    H N N 132 
GLY H2   H N N 133 
GLY HA2  H N N 134 
GLY HA3  H N N 135 
GLY HXT  H N N 136 
HIS N    N N N 137 
HIS CA   C N S 138 
HIS C    C N N 139 
HIS O    O N N 140 
HIS CB   C N N 141 
HIS CG   C Y N 142 
HIS ND1  N Y N 143 
HIS CD2  C Y N 144 
HIS CE1  C Y N 145 
HIS NE2  N Y N 146 
HIS OXT  O N N 147 
HIS H    H N N 148 
HIS H2   H N N 149 
HIS HA   H N N 150 
HIS HB2  H N N 151 
HIS HB3  H N N 152 
HIS HD1  H N N 153 
HIS HD2  H N N 154 
HIS HE1  H N N 155 
HIS HE2  H N N 156 
HIS HXT  H N N 157 
HOH O    O N N 158 
HOH H1   H N N 159 
HOH H2   H N N 160 
ILE N    N N N 161 
ILE CA   C N S 162 
ILE C    C N N 163 
ILE O    O N N 164 
ILE CB   C N S 165 
ILE CG1  C N N 166 
ILE CG2  C N N 167 
ILE CD1  C N N 168 
ILE OXT  O N N 169 
ILE H    H N N 170 
ILE H2   H N N 171 
ILE HA   H N N 172 
ILE HB   H N N 173 
ILE HG12 H N N 174 
ILE HG13 H N N 175 
ILE HG21 H N N 176 
ILE HG22 H N N 177 
ILE HG23 H N N 178 
ILE HD11 H N N 179 
ILE HD12 H N N 180 
ILE HD13 H N N 181 
ILE HXT  H N N 182 
LEU N    N N N 183 
LEU CA   C N S 184 
LEU C    C N N 185 
LEU O    O N N 186 
LEU CB   C N N 187 
LEU CG   C N N 188 
LEU CD1  C N N 189 
LEU CD2  C N N 190 
LEU OXT  O N N 191 
LEU H    H N N 192 
LEU H2   H N N 193 
LEU HA   H N N 194 
LEU HB2  H N N 195 
LEU HB3  H N N 196 
LEU HG   H N N 197 
LEU HD11 H N N 198 
LEU HD12 H N N 199 
LEU HD13 H N N 200 
LEU HD21 H N N 201 
LEU HD22 H N N 202 
LEU HD23 H N N 203 
LEU HXT  H N N 204 
LYS N    N N N 205 
LYS CA   C N S 206 
LYS C    C N N 207 
LYS O    O N N 208 
LYS CB   C N N 209 
LYS CG   C N N 210 
LYS CD   C N N 211 
LYS CE   C N N 212 
LYS NZ   N N N 213 
LYS OXT  O N N 214 
LYS H    H N N 215 
LYS H2   H N N 216 
LYS HA   H N N 217 
LYS HB2  H N N 218 
LYS HB3  H N N 219 
LYS HG2  H N N 220 
LYS HG3  H N N 221 
LYS HD2  H N N 222 
LYS HD3  H N N 223 
LYS HE2  H N N 224 
LYS HE3  H N N 225 
LYS HZ1  H N N 226 
LYS HZ2  H N N 227 
LYS HZ3  H N N 228 
LYS HXT  H N N 229 
MET N    N N N 230 
MET CA   C N S 231 
MET C    C N N 232 
MET O    O N N 233 
MET CB   C N N 234 
MET CG   C N N 235 
MET SD   S N N 236 
MET CE   C N N 237 
MET OXT  O N N 238 
MET H    H N N 239 
MET H2   H N N 240 
MET HA   H N N 241 
MET HB2  H N N 242 
MET HB3  H N N 243 
MET HG2  H N N 244 
MET HG3  H N N 245 
MET HE1  H N N 246 
MET HE2  H N N 247 
MET HE3  H N N 248 
MET HXT  H N N 249 
PHE N    N N N 250 
PHE CA   C N S 251 
PHE C    C N N 252 
PHE O    O N N 253 
PHE CB   C N N 254 
PHE CG   C Y N 255 
PHE CD1  C Y N 256 
PHE CD2  C Y N 257 
PHE CE1  C Y N 258 
PHE CE2  C Y N 259 
PHE CZ   C Y N 260 
PHE OXT  O N N 261 
PHE H    H N N 262 
PHE H2   H N N 263 
PHE HA   H N N 264 
PHE HB2  H N N 265 
PHE HB3  H N N 266 
PHE HD1  H N N 267 
PHE HD2  H N N 268 
PHE HE1  H N N 269 
PHE HE2  H N N 270 
PHE HZ   H N N 271 
PHE HXT  H N N 272 
PRO N    N N N 273 
PRO CA   C N S 274 
PRO C    C N N 275 
PRO O    O N N 276 
PRO CB   C N N 277 
PRO CG   C N N 278 
PRO CD   C N N 279 
PRO OXT  O N N 280 
PRO H    H N N 281 
PRO HA   H N N 282 
PRO HB2  H N N 283 
PRO HB3  H N N 284 
PRO HG2  H N N 285 
PRO HG3  H N N 286 
PRO HD2  H N N 287 
PRO HD3  H N N 288 
PRO HXT  H N N 289 
SER N    N N N 290 
SER CA   C N S 291 
SER C    C N N 292 
SER O    O N N 293 
SER CB   C N N 294 
SER OG   O N N 295 
SER OXT  O N N 296 
SER H    H N N 297 
SER H2   H N N 298 
SER HA   H N N 299 
SER HB2  H N N 300 
SER HB3  H N N 301 
SER HG   H N N 302 
SER HXT  H N N 303 
SO4 S    S N N 304 
SO4 O1   O N N 305 
SO4 O2   O N N 306 
SO4 O3   O N N 307 
SO4 O4   O N N 308 
THR N    N N N 309 
THR CA   C N S 310 
THR C    C N N 311 
THR O    O N N 312 
THR CB   C N R 313 
THR OG1  O N N 314 
THR CG2  C N N 315 
THR OXT  O N N 316 
THR H    H N N 317 
THR H2   H N N 318 
THR HA   H N N 319 
THR HB   H N N 320 
THR HG1  H N N 321 
THR HG21 H N N 322 
THR HG22 H N N 323 
THR HG23 H N N 324 
THR HXT  H N N 325 
TOP C1   C Y N 326 
TOP N2   N Y N 327 
TOP C3   C Y N 328 
TOP N4   N N N 329 
TOP N5   N Y N 330 
TOP C6   C Y N 331 
TOP N7   N N N 332 
TOP C8   C Y N 333 
TOP C9   C N N 334 
TOP C10  C Y N 335 
TOP C11  C Y N 336 
TOP C12  C Y N 337 
TOP O13  O N N 338 
TOP C14  C N N 339 
TOP C15  C Y N 340 
TOP O16  O N N 341 
TOP C17  C N N 342 
TOP C18  C Y N 343 
TOP O19  O N N 344 
TOP C20  C N N 345 
TOP C21  C Y N 346 
TOP H1   H N N 347 
TOP HN41 H N N 348 
TOP HN42 H N N 349 
TOP HN71 H N N 350 
TOP HN72 H N N 351 
TOP H91  H N N 352 
TOP H92  H N N 353 
TOP H11  H N N 354 
TOP H141 H N N 355 
TOP H142 H N N 356 
TOP H143 H N N 357 
TOP H171 H N N 358 
TOP H172 H N N 359 
TOP H173 H N N 360 
TOP H201 H N N 361 
TOP H202 H N N 362 
TOP H203 H N N 363 
TOP H21  H N N 364 
TRP N    N N N 365 
TRP CA   C N S 366 
TRP C    C N N 367 
TRP O    O N N 368 
TRP CB   C N N 369 
TRP CG   C Y N 370 
TRP CD1  C Y N 371 
TRP CD2  C Y N 372 
TRP NE1  N Y N 373 
TRP CE2  C Y N 374 
TRP CE3  C Y N 375 
TRP CZ2  C Y N 376 
TRP CZ3  C Y N 377 
TRP CH2  C Y N 378 
TRP OXT  O N N 379 
TRP H    H N N 380 
TRP H2   H N N 381 
TRP HA   H N N 382 
TRP HB2  H N N 383 
TRP HB3  H N N 384 
TRP HD1  H N N 385 
TRP HE1  H N N 386 
TRP HE3  H N N 387 
TRP HZ2  H N N 388 
TRP HZ3  H N N 389 
TRP HH2  H N N 390 
TRP HXT  H N N 391 
TYR N    N N N 392 
TYR CA   C N S 393 
TYR C    C N N 394 
TYR O    O N N 395 
TYR CB   C N N 396 
TYR CG   C Y N 397 
TYR CD1  C Y N 398 
TYR CD2  C Y N 399 
TYR CE1  C Y N 400 
TYR CE2  C Y N 401 
TYR CZ   C Y N 402 
TYR OH   O N N 403 
TYR OXT  O N N 404 
TYR H    H N N 405 
TYR H2   H N N 406 
TYR HA   H N N 407 
TYR HB2  H N N 408 
TYR HB3  H N N 409 
TYR HD1  H N N 410 
TYR HD2  H N N 411 
TYR HE1  H N N 412 
TYR HE2  H N N 413 
TYR HH   H N N 414 
TYR HXT  H N N 415 
VAL N    N N N 416 
VAL CA   C N S 417 
VAL C    C N N 418 
VAL O    O N N 419 
VAL CB   C N N 420 
VAL CG1  C N N 421 
VAL CG2  C N N 422 
VAL OXT  O N N 423 
VAL H    H N N 424 
VAL H2   H N N 425 
VAL HA   H N N 426 
VAL HB   H N N 427 
VAL HG11 H N N 428 
VAL HG12 H N N 429 
VAL HG13 H N N 430 
VAL HG21 H N N 431 
VAL HG22 H N N 432 
VAL HG23 H N N 433 
VAL HXT  H N N 434 
# 
loop_
_chem_comp_bond.comp_id 
_chem_comp_bond.atom_id_1 
_chem_comp_bond.atom_id_2 
_chem_comp_bond.value_order 
_chem_comp_bond.pdbx_aromatic_flag 
_chem_comp_bond.pdbx_stereo_config 
_chem_comp_bond.pdbx_ordinal 
ALA N   CA   sing N N 1   
ALA N   H    sing N N 2   
ALA N   H2   sing N N 3   
ALA CA  C    sing N N 4   
ALA CA  CB   sing N N 5   
ALA CA  HA   sing N N 6   
ALA C   O    doub N N 7   
ALA C   OXT  sing N N 8   
ALA CB  HB1  sing N N 9   
ALA CB  HB2  sing N N 10  
ALA CB  HB3  sing N N 11  
ALA OXT HXT  sing N N 12  
ARG N   CA   sing N N 13  
ARG N   H    sing N N 14  
ARG N   H2   sing N N 15  
ARG CA  C    sing N N 16  
ARG CA  CB   sing N N 17  
ARG CA  HA   sing N N 18  
ARG C   O    doub N N 19  
ARG C   OXT  sing N N 20  
ARG CB  CG   sing N N 21  
ARG CB  HB2  sing N N 22  
ARG CB  HB3  sing N N 23  
ARG CG  CD   sing N N 24  
ARG CG  HG2  sing N N 25  
ARG CG  HG3  sing N N 26  
ARG CD  NE   sing N N 27  
ARG CD  HD2  sing N N 28  
ARG CD  HD3  sing N N 29  
ARG NE  CZ   sing N N 30  
ARG NE  HE   sing N N 31  
ARG CZ  NH1  sing N N 32  
ARG CZ  NH2  doub N N 33  
ARG NH1 HH11 sing N N 34  
ARG NH1 HH12 sing N N 35  
ARG NH2 HH21 sing N N 36  
ARG NH2 HH22 sing N N 37  
ARG OXT HXT  sing N N 38  
ASN N   CA   sing N N 39  
ASN N   H    sing N N 40  
ASN N   H2   sing N N 41  
ASN CA  C    sing N N 42  
ASN CA  CB   sing N N 43  
ASN CA  HA   sing N N 44  
ASN C   O    doub N N 45  
ASN C   OXT  sing N N 46  
ASN CB  CG   sing N N 47  
ASN CB  HB2  sing N N 48  
ASN CB  HB3  sing N N 49  
ASN CG  OD1  doub N N 50  
ASN CG  ND2  sing N N 51  
ASN ND2 HD21 sing N N 52  
ASN ND2 HD22 sing N N 53  
ASN OXT HXT  sing N N 54  
ASP N   CA   sing N N 55  
ASP N   H    sing N N 56  
ASP N   H2   sing N N 57  
ASP CA  C    sing N N 58  
ASP CA  CB   sing N N 59  
ASP CA  HA   sing N N 60  
ASP C   O    doub N N 61  
ASP C   OXT  sing N N 62  
ASP CB  CG   sing N N 63  
ASP CB  HB2  sing N N 64  
ASP CB  HB3  sing N N 65  
ASP CG  OD1  doub N N 66  
ASP CG  OD2  sing N N 67  
ASP OD2 HD2  sing N N 68  
ASP OXT HXT  sing N N 69  
CYS N   CA   sing N N 70  
CYS N   H    sing N N 71  
CYS N   H2   sing N N 72  
CYS CA  C    sing N N 73  
CYS CA  CB   sing N N 74  
CYS CA  HA   sing N N 75  
CYS C   O    doub N N 76  
CYS C   OXT  sing N N 77  
CYS CB  SG   sing N N 78  
CYS CB  HB2  sing N N 79  
CYS CB  HB3  sing N N 80  
CYS SG  HG   sing N N 81  
CYS OXT HXT  sing N N 82  
GLN N   CA   sing N N 83  
GLN N   H    sing N N 84  
GLN N   H2   sing N N 85  
GLN CA  C    sing N N 86  
GLN CA  CB   sing N N 87  
GLN CA  HA   sing N N 88  
GLN C   O    doub N N 89  
GLN C   OXT  sing N N 90  
GLN CB  CG   sing N N 91  
GLN CB  HB2  sing N N 92  
GLN CB  HB3  sing N N 93  
GLN CG  CD   sing N N 94  
GLN CG  HG2  sing N N 95  
GLN CG  HG3  sing N N 96  
GLN CD  OE1  doub N N 97  
GLN CD  NE2  sing N N 98  
GLN NE2 HE21 sing N N 99  
GLN NE2 HE22 sing N N 100 
GLN OXT HXT  sing N N 101 
GLU N   CA   sing N N 102 
GLU N   H    sing N N 103 
GLU N   H2   sing N N 104 
GLU CA  C    sing N N 105 
GLU CA  CB   sing N N 106 
GLU CA  HA   sing N N 107 
GLU C   O    doub N N 108 
GLU C   OXT  sing N N 109 
GLU CB  CG   sing N N 110 
GLU CB  HB2  sing N N 111 
GLU CB  HB3  sing N N 112 
GLU CG  CD   sing N N 113 
GLU CG  HG2  sing N N 114 
GLU CG  HG3  sing N N 115 
GLU CD  OE1  doub N N 116 
GLU CD  OE2  sing N N 117 
GLU OE2 HE2  sing N N 118 
GLU OXT HXT  sing N N 119 
GLY N   CA   sing N N 120 
GLY N   H    sing N N 121 
GLY N   H2   sing N N 122 
GLY CA  C    sing N N 123 
GLY CA  HA2  sing N N 124 
GLY CA  HA3  sing N N 125 
GLY C   O    doub N N 126 
GLY C   OXT  sing N N 127 
GLY OXT HXT  sing N N 128 
HIS N   CA   sing N N 129 
HIS N   H    sing N N 130 
HIS N   H2   sing N N 131 
HIS CA  C    sing N N 132 
HIS CA  CB   sing N N 133 
HIS CA  HA   sing N N 134 
HIS C   O    doub N N 135 
HIS C   OXT  sing N N 136 
HIS CB  CG   sing N N 137 
HIS CB  HB2  sing N N 138 
HIS CB  HB3  sing N N 139 
HIS CG  ND1  sing Y N 140 
HIS CG  CD2  doub Y N 141 
HIS ND1 CE1  doub Y N 142 
HIS ND1 HD1  sing N N 143 
HIS CD2 NE2  sing Y N 144 
HIS CD2 HD2  sing N N 145 
HIS CE1 NE2  sing Y N 146 
HIS CE1 HE1  sing N N 147 
HIS NE2 HE2  sing N N 148 
HIS OXT HXT  sing N N 149 
HOH O   H1   sing N N 150 
HOH O   H2   sing N N 151 
ILE N   CA   sing N N 152 
ILE N   H    sing N N 153 
ILE N   H2   sing N N 154 
ILE CA  C    sing N N 155 
ILE CA  CB   sing N N 156 
ILE CA  HA   sing N N 157 
ILE C   O    doub N N 158 
ILE C   OXT  sing N N 159 
ILE CB  CG1  sing N N 160 
ILE CB  CG2  sing N N 161 
ILE CB  HB   sing N N 162 
ILE CG1 CD1  sing N N 163 
ILE CG1 HG12 sing N N 164 
ILE CG1 HG13 sing N N 165 
ILE CG2 HG21 sing N N 166 
ILE CG2 HG22 sing N N 167 
ILE CG2 HG23 sing N N 168 
ILE CD1 HD11 sing N N 169 
ILE CD1 HD12 sing N N 170 
ILE CD1 HD13 sing N N 171 
ILE OXT HXT  sing N N 172 
LEU N   CA   sing N N 173 
LEU N   H    sing N N 174 
LEU N   H2   sing N N 175 
LEU CA  C    sing N N 176 
LEU CA  CB   sing N N 177 
LEU CA  HA   sing N N 178 
LEU C   O    doub N N 179 
LEU C   OXT  sing N N 180 
LEU CB  CG   sing N N 181 
LEU CB  HB2  sing N N 182 
LEU CB  HB3  sing N N 183 
LEU CG  CD1  sing N N 184 
LEU CG  CD2  sing N N 185 
LEU CG  HG   sing N N 186 
LEU CD1 HD11 sing N N 187 
LEU CD1 HD12 sing N N 188 
LEU CD1 HD13 sing N N 189 
LEU CD2 HD21 sing N N 190 
LEU CD2 HD22 sing N N 191 
LEU CD2 HD23 sing N N 192 
LEU OXT HXT  sing N N 193 
LYS N   CA   sing N N 194 
LYS N   H    sing N N 195 
LYS N   H2   sing N N 196 
LYS CA  C    sing N N 197 
LYS CA  CB   sing N N 198 
LYS CA  HA   sing N N 199 
LYS C   O    doub N N 200 
LYS C   OXT  sing N N 201 
LYS CB  CG   sing N N 202 
LYS CB  HB2  sing N N 203 
LYS CB  HB3  sing N N 204 
LYS CG  CD   sing N N 205 
LYS CG  HG2  sing N N 206 
LYS CG  HG3  sing N N 207 
LYS CD  CE   sing N N 208 
LYS CD  HD2  sing N N 209 
LYS CD  HD3  sing N N 210 
LYS CE  NZ   sing N N 211 
LYS CE  HE2  sing N N 212 
LYS CE  HE3  sing N N 213 
LYS NZ  HZ1  sing N N 214 
LYS NZ  HZ2  sing N N 215 
LYS NZ  HZ3  sing N N 216 
LYS OXT HXT  sing N N 217 
MET N   CA   sing N N 218 
MET N   H    sing N N 219 
MET N   H2   sing N N 220 
MET CA  C    sing N N 221 
MET CA  CB   sing N N 222 
MET CA  HA   sing N N 223 
MET C   O    doub N N 224 
MET C   OXT  sing N N 225 
MET CB  CG   sing N N 226 
MET CB  HB2  sing N N 227 
MET CB  HB3  sing N N 228 
MET CG  SD   sing N N 229 
MET CG  HG2  sing N N 230 
MET CG  HG3  sing N N 231 
MET SD  CE   sing N N 232 
MET CE  HE1  sing N N 233 
MET CE  HE2  sing N N 234 
MET CE  HE3  sing N N 235 
MET OXT HXT  sing N N 236 
PHE N   CA   sing N N 237 
PHE N   H    sing N N 238 
PHE N   H2   sing N N 239 
PHE CA  C    sing N N 240 
PHE CA  CB   sing N N 241 
PHE CA  HA   sing N N 242 
PHE C   O    doub N N 243 
PHE C   OXT  sing N N 244 
PHE CB  CG   sing N N 245 
PHE CB  HB2  sing N N 246 
PHE CB  HB3  sing N N 247 
PHE CG  CD1  doub Y N 248 
PHE CG  CD2  sing Y N 249 
PHE CD1 CE1  sing Y N 250 
PHE CD1 HD1  sing N N 251 
PHE CD2 CE2  doub Y N 252 
PHE CD2 HD2  sing N N 253 
PHE CE1 CZ   doub Y N 254 
PHE CE1 HE1  sing N N 255 
PHE CE2 CZ   sing Y N 256 
PHE CE2 HE2  sing N N 257 
PHE CZ  HZ   sing N N 258 
PHE OXT HXT  sing N N 259 
PRO N   CA   sing N N 260 
PRO N   CD   sing N N 261 
PRO N   H    sing N N 262 
PRO CA  C    sing N N 263 
PRO CA  CB   sing N N 264 
PRO CA  HA   sing N N 265 
PRO C   O    doub N N 266 
PRO C   OXT  sing N N 267 
PRO CB  CG   sing N N 268 
PRO CB  HB2  sing N N 269 
PRO CB  HB3  sing N N 270 
PRO CG  CD   sing N N 271 
PRO CG  HG2  sing N N 272 
PRO CG  HG3  sing N N 273 
PRO CD  HD2  sing N N 274 
PRO CD  HD3  sing N N 275 
PRO OXT HXT  sing N N 276 
SER N   CA   sing N N 277 
SER N   H    sing N N 278 
SER N   H2   sing N N 279 
SER CA  C    sing N N 280 
SER CA  CB   sing N N 281 
SER CA  HA   sing N N 282 
SER C   O    doub N N 283 
SER C   OXT  sing N N 284 
SER CB  OG   sing N N 285 
SER CB  HB2  sing N N 286 
SER CB  HB3  sing N N 287 
SER OG  HG   sing N N 288 
SER OXT HXT  sing N N 289 
SO4 S   O1   doub N N 290 
SO4 S   O2   doub N N 291 
SO4 S   O3   sing N N 292 
SO4 S   O4   sing N N 293 
THR N   CA   sing N N 294 
THR N   H    sing N N 295 
THR N   H2   sing N N 296 
THR CA  C    sing N N 297 
THR CA  CB   sing N N 298 
THR CA  HA   sing N N 299 
THR C   O    doub N N 300 
THR C   OXT  sing N N 301 
THR CB  OG1  sing N N 302 
THR CB  CG2  sing N N 303 
THR CB  HB   sing N N 304 
THR OG1 HG1  sing N N 305 
THR CG2 HG21 sing N N 306 
THR CG2 HG22 sing N N 307 
THR CG2 HG23 sing N N 308 
THR OXT HXT  sing N N 309 
TOP C1  N2   doub Y N 310 
TOP C1  C8   sing Y N 311 
TOP C1  H1   sing N N 312 
TOP N2  C3   sing Y N 313 
TOP C3  N4   sing N N 314 
TOP C3  N5   doub Y N 315 
TOP N4  HN41 sing N N 316 
TOP N4  HN42 sing N N 317 
TOP N5  C6   sing Y N 318 
TOP C6  N7   sing N N 319 
TOP C6  C8   doub Y N 320 
TOP N7  HN71 sing N N 321 
TOP N7  HN72 sing N N 322 
TOP C8  C9   sing N N 323 
TOP C9  C10  sing N N 324 
TOP C9  H91  sing N N 325 
TOP C9  H92  sing N N 326 
TOP C10 C11  doub Y N 327 
TOP C10 C21  sing Y N 328 
TOP C11 C12  sing Y N 329 
TOP C11 H11  sing N N 330 
TOP C12 O13  sing N N 331 
TOP C12 C15  doub Y N 332 
TOP O13 C14  sing N N 333 
TOP C14 H141 sing N N 334 
TOP C14 H142 sing N N 335 
TOP C14 H143 sing N N 336 
TOP C15 O16  sing N N 337 
TOP C15 C18  sing Y N 338 
TOP O16 C17  sing N N 339 
TOP C17 H171 sing N N 340 
TOP C17 H172 sing N N 341 
TOP C17 H173 sing N N 342 
TOP C18 O19  sing N N 343 
TOP C18 C21  doub Y N 344 
TOP O19 C20  sing N N 345 
TOP C20 H201 sing N N 346 
TOP C20 H202 sing N N 347 
TOP C20 H203 sing N N 348 
TOP C21 H21  sing N N 349 
TRP N   CA   sing N N 350 
TRP N   H    sing N N 351 
TRP N   H2   sing N N 352 
TRP CA  C    sing N N 353 
TRP CA  CB   sing N N 354 
TRP CA  HA   sing N N 355 
TRP C   O    doub N N 356 
TRP C   OXT  sing N N 357 
TRP CB  CG   sing N N 358 
TRP CB  HB2  sing N N 359 
TRP CB  HB3  sing N N 360 
TRP CG  CD1  doub Y N 361 
TRP CG  CD2  sing Y N 362 
TRP CD1 NE1  sing Y N 363 
TRP CD1 HD1  sing N N 364 
TRP CD2 CE2  doub Y N 365 
TRP CD2 CE3  sing Y N 366 
TRP NE1 CE2  sing Y N 367 
TRP NE1 HE1  sing N N 368 
TRP CE2 CZ2  sing Y N 369 
TRP CE3 CZ3  doub Y N 370 
TRP CE3 HE3  sing N N 371 
TRP CZ2 CH2  doub Y N 372 
TRP CZ2 HZ2  sing N N 373 
TRP CZ3 CH2  sing Y N 374 
TRP CZ3 HZ3  sing N N 375 
TRP CH2 HH2  sing N N 376 
TRP OXT HXT  sing N N 377 
TYR N   CA   sing N N 378 
TYR N   H    sing N N 379 
TYR N   H2   sing N N 380 
TYR CA  C    sing N N 381 
TYR CA  CB   sing N N 382 
TYR CA  HA   sing N N 383 
TYR C   O    doub N N 384 
TYR C   OXT  sing N N 385 
TYR CB  CG   sing N N 386 
TYR CB  HB2  sing N N 387 
TYR CB  HB3  sing N N 388 
TYR CG  CD1  doub Y N 389 
TYR CG  CD2  sing Y N 390 
TYR CD1 CE1  sing Y N 391 
TYR CD1 HD1  sing N N 392 
TYR CD2 CE2  doub Y N 393 
TYR CD2 HD2  sing N N 394 
TYR CE1 CZ   doub Y N 395 
TYR CE1 HE1  sing N N 396 
TYR CE2 CZ   sing Y N 397 
TYR CE2 HE2  sing N N 398 
TYR CZ  OH   sing N N 399 
TYR OH  HH   sing N N 400 
TYR OXT HXT  sing N N 401 
VAL N   CA   sing N N 402 
VAL N   H    sing N N 403 
VAL N   H2   sing N N 404 
VAL CA  C    sing N N 405 
VAL CA  CB   sing N N 406 
VAL CA  HA   sing N N 407 
VAL C   O    doub N N 408 
VAL C   OXT  sing N N 409 
VAL CB  CG1  sing N N 410 
VAL CB  CG2  sing N N 411 
VAL CB  HB   sing N N 412 
VAL CG1 HG11 sing N N 413 
VAL CG1 HG12 sing N N 414 
VAL CG1 HG13 sing N N 415 
VAL CG2 HG21 sing N N 416 
VAL CG2 HG22 sing N N 417 
VAL CG2 HG23 sing N N 418 
VAL OXT HXT  sing N N 419 
# 
_pdbx_audit_support.funding_organization   
'National Institutes of Health/National Institute Of Allergy and Infectious Diseases (NIH/NIAID)' 
_pdbx_audit_support.country                'United States' 
_pdbx_audit_support.grant_number           '1 R01AI111957' 
_pdbx_audit_support.ordinal                1 
# 
_pdbx_entity_instance_feature.ordinal        1 
_pdbx_entity_instance_feature.comp_id        TOP 
_pdbx_entity_instance_feature.asym_id        ? 
_pdbx_entity_instance_feature.seq_num        ? 
_pdbx_entity_instance_feature.auth_comp_id   TOP 
_pdbx_entity_instance_feature.auth_asym_id   ? 
_pdbx_entity_instance_feature.auth_seq_num   ? 
_pdbx_entity_instance_feature.feature_type   'SUBJECT OF INVESTIGATION' 
_pdbx_entity_instance_feature.details        ? 
# 
loop_
_pdbx_entity_nonpoly.entity_id 
_pdbx_entity_nonpoly.name 
_pdbx_entity_nonpoly.comp_id 
2 TRIMETHOPRIM  TOP 
3 'SULFATE ION' SO4 
4 water         HOH 
# 
_pdbx_initial_refinement_model.id               1 
_pdbx_initial_refinement_model.entity_id_list   ? 
_pdbx_initial_refinement_model.type             'experimental model' 
_pdbx_initial_refinement_model.source_name      PDB 
_pdbx_initial_refinement_model.accession_code   7MYM 
_pdbx_initial_refinement_model.details          ? 
# 
_pdbx_struct_assembly_auth_evidence.id                     1 
_pdbx_struct_assembly_auth_evidence.assembly_id            1 
_pdbx_struct_assembly_auth_evidence.experimental_support   none 
_pdbx_struct_assembly_auth_evidence.details                ? 
# 
